data_8BK2
#
_entry.id   8BK2
#
_cell.length_a   77.153
_cell.length_b   135.641
_cell.length_c   121.530
_cell.angle_alpha   90.000
_cell.angle_beta   105.180
_cell.angle_gamma   90.000
#
_symmetry.space_group_name_H-M   'P 1 21 1'
#
loop_
_entity.id
_entity.type
_entity.pdbx_description
1 polymer 'Factor H-binding protein'
2 polymer 'Fab Heavy chain'
3 polymer 'Fab light Chains'
4 non-polymer 1,2-ETHANEDIOL
5 non-polymer IMIDAZOLE
6 non-polymer 'SULFATE ION'
7 non-polymer 3,6,9,12,15,18-HEXAOXAICOSANE-1,20-DIOL
8 non-polymer (4S)-2-METHYL-2,4-PENTANEDIOL
9 non-polymer 'HEXAETHYLENE GLYCOL'
10 water water
#
loop_
_entity_poly.entity_id
_entity_poly.type
_entity_poly.pdbx_seq_one_letter_code
_entity_poly.pdbx_strand_id
1 'polypeptide(L)'
;GPDSDRLQQRRVAADIGAGLADALTAPLDHKDKSLQSLTLDQSVRKNEKLKLAAQGAEKTYGNGDSLNTGKLKNDKVSRF
DFIRQIEVDGQLITLESGEFQIYKQDHSAVVALQIEKINNPDKIDSLINQRSFLVSGLGGEHTAFNQLPDGKAEYHGKAF
SSDDAGGKLTYTIDFAAKQGHGKIEHLKTPEQNVELAAAELKADEKSHAVILGDTRYGSEEKGTYHLALFGDRAQEIAGS
ATVKIGEKVHEIGIAGKQLE
;
A,B,C
2 'polypeptide(L)'
;QPAMAEVQLVESGGNLVQPGGSLRLSCAASGFTFSSYSMNWVRQAPGKGLEWVSYISSSSSTIYYADSVKGRFTISRDNA
KNSLYLQMNSLRAEDTAVYYCARVAAGLKDWGQGTLVTVSSASTKGPSVFPLAPSSKSTSGGTAALGCLVKDYFPEPVTV
SWNSGALTSGVHTFPAVLQSSGLYSLSSVVTVPSSSLGTQTYICNVNHKPSNTKVDKRVEPKSCDK
;
H,D,F
3 'polypeptide(L)'
;EIVLTQSPGTLSLSPGERATLSCRASQSISSSYLAWYQQKPGQAPRLLIFGASSRATGIPDRFSGSGSGTGFTLTISRLE
PEDFAVYYCQHYDSSLPMTFGQGTKVEIKRTVAAPSVFIFPPSDEQLKSGTASVVCLLNNFYPREAKVQWKVDNALQSGN
SQESVTEQDSKDSTYSLSSTLTLSKADYEKHKVYACEVTHQGLSSPVTKSFNRGEC
;
L,E,G
#
# COMPACT_ATOMS: atom_id res chain seq x y z
N ASP A 75 -15.26 -30.52 -16.10
CA ASP A 75 -14.09 -30.52 -15.21
C ASP A 75 -14.28 -31.36 -13.95
N LYS A 76 -13.47 -32.40 -13.81
CA LYS A 76 -13.54 -33.27 -12.65
C LYS A 76 -12.18 -33.33 -11.98
N VAL A 77 -12.18 -33.52 -10.66
CA VAL A 77 -10.97 -33.81 -9.91
C VAL A 77 -10.66 -35.30 -10.07
N SER A 78 -9.46 -35.61 -10.54
CA SER A 78 -8.98 -37.00 -10.62
C SER A 78 -8.23 -37.38 -9.35
N ARG A 79 -8.66 -38.48 -8.73
CA ARG A 79 -8.03 -39.01 -7.53
C ARG A 79 -7.26 -40.26 -7.88
N PHE A 80 -6.06 -40.41 -7.31
CA PHE A 80 -5.21 -41.56 -7.60
C PHE A 80 -4.60 -42.07 -6.30
N ASP A 81 -4.51 -43.39 -6.20
CA ASP A 81 -3.64 -44.02 -5.22
C ASP A 81 -2.36 -44.51 -5.88
N PHE A 82 -1.29 -44.51 -5.11
CA PHE A 82 -0.01 -44.88 -5.71
C PHE A 82 0.89 -45.49 -4.63
N ILE A 83 1.77 -46.37 -5.10
CA ILE A 83 2.86 -46.92 -4.31
C ILE A 83 4.11 -46.82 -5.15
N ARG A 84 5.22 -46.50 -4.51
CA ARG A 84 6.54 -46.63 -5.12
C ARG A 84 7.19 -47.88 -4.52
N GLN A 85 7.61 -48.80 -5.38
CA GLN A 85 8.19 -50.07 -4.96
C GLN A 85 9.58 -50.26 -5.54
N ILE A 86 10.43 -50.98 -4.83
CA ILE A 86 11.71 -51.46 -5.33
C ILE A 86 11.70 -52.97 -5.22
N GLU A 87 12.54 -53.62 -6.04
CA GLU A 87 12.67 -55.07 -6.01
C GLU A 87 13.98 -55.43 -5.31
N VAL A 88 13.88 -56.22 -4.24
CA VAL A 88 15.05 -56.65 -3.46
C VAL A 88 14.87 -58.13 -3.11
N ASP A 89 15.76 -58.98 -3.63
CA ASP A 89 15.68 -60.43 -3.41
C ASP A 89 14.36 -61.00 -3.94
N GLY A 90 13.98 -60.55 -5.14
CA GLY A 90 12.76 -61.03 -5.78
C GLY A 90 11.48 -60.78 -5.01
N GLN A 91 11.48 -59.79 -4.12
CA GLN A 91 10.29 -59.39 -3.36
C GLN A 91 10.11 -57.88 -3.51
N LEU A 92 9.08 -57.47 -4.25
CA LEU A 92 8.77 -56.05 -4.32
C LEU A 92 8.56 -55.51 -2.92
N ILE A 93 9.23 -54.39 -2.62
CA ILE A 93 9.14 -53.72 -1.32
C ILE A 93 8.61 -52.31 -1.55
N THR A 94 7.61 -51.93 -0.76
CA THR A 94 7.03 -50.59 -0.84
C THR A 94 7.81 -49.63 0.06
N LEU A 95 8.46 -48.65 -0.57
CA LEU A 95 9.11 -47.58 0.18
C LEU A 95 8.12 -46.50 0.62
N GLU A 96 7.11 -46.20 -0.20
CA GLU A 96 6.12 -45.19 0.16
C GLU A 96 4.81 -45.41 -0.62
N SER A 97 3.76 -44.82 -0.09
CA SER A 97 2.42 -44.91 -0.65
C SER A 97 1.77 -43.55 -0.47
N GLY A 98 0.61 -43.35 -1.07
CA GLY A 98 -0.10 -42.11 -0.84
C GLY A 98 -1.24 -41.94 -1.82
N GLU A 99 -1.77 -40.72 -1.84
CA GLU A 99 -2.82 -40.35 -2.76
C GLU A 99 -2.51 -38.98 -3.31
N PHE A 100 -3.08 -38.69 -4.46
CA PHE A 100 -3.03 -37.32 -4.99
C PHE A 100 -4.25 -37.05 -5.84
N GLN A 101 -4.71 -35.80 -5.80
CA GLN A 101 -5.78 -35.31 -6.64
C GLN A 101 -5.23 -34.24 -7.57
N ILE A 102 -5.70 -34.25 -8.82
CA ILE A 102 -5.32 -33.27 -9.82
C ILE A 102 -6.57 -32.65 -10.44
N TYR A 103 -6.49 -31.35 -10.79
CA TYR A 103 -7.61 -30.61 -11.36
C TYR A 103 -7.10 -29.69 -12.45
N LYS A 104 -7.65 -29.82 -13.65
CA LYS A 104 -7.22 -29.03 -14.79
C LYS A 104 -8.31 -28.04 -15.17
N GLN A 105 -7.93 -26.78 -15.36
CA GLN A 105 -8.78 -25.83 -16.01
C GLN A 105 -8.19 -25.59 -17.40
N ASP A 106 -8.54 -24.47 -18.01
CA ASP A 106 -8.06 -24.20 -19.36
C ASP A 106 -6.63 -23.67 -19.42
N HIS A 107 -6.13 -23.03 -18.37
CA HIS A 107 -4.78 -22.48 -18.49
C HIS A 107 -3.98 -22.76 -17.23
N SER A 108 -4.36 -23.77 -16.47
CA SER A 108 -3.73 -24.01 -15.18
C SER A 108 -4.07 -25.42 -14.77
N ALA A 109 -3.32 -25.91 -13.78
CA ALA A 109 -3.55 -27.20 -13.18
C ALA A 109 -3.07 -27.13 -11.74
N VAL A 110 -3.72 -27.88 -10.87
CA VAL A 110 -3.31 -28.00 -9.48
C VAL A 110 -3.22 -29.48 -9.11
N VAL A 111 -2.34 -29.77 -8.16
CA VAL A 111 -2.15 -31.12 -7.66
C VAL A 111 -1.92 -31.02 -6.16
N ALA A 112 -2.76 -31.69 -5.39
CA ALA A 112 -2.44 -32.02 -4.01
C ALA A 112 -1.87 -33.43 -4.01
N LEU A 113 -1.24 -33.80 -2.90
CA LEU A 113 -0.51 -35.06 -2.87
C LEU A 113 -0.10 -35.34 -1.44
N GLN A 114 -0.30 -36.57 -1.00
CA GLN A 114 -0.03 -36.99 0.37
C GLN A 114 0.81 -38.27 0.32
N ILE A 115 2.08 -38.17 0.72
CA ILE A 115 2.98 -39.31 0.71
C ILE A 115 3.19 -39.77 2.14
N GLU A 116 3.20 -41.09 2.32
CA GLU A 116 3.54 -41.74 3.58
C GLU A 116 4.78 -42.60 3.36
N LYS A 117 5.77 -42.44 4.22
CA LYS A 117 6.96 -43.29 4.18
C LYS A 117 6.63 -44.62 4.85
N ILE A 118 6.40 -45.65 4.04
CA ILE A 118 6.16 -47.02 4.52
C ILE A 118 7.51 -47.71 4.64
N ASN A 119 8.39 -47.15 5.48
CA ASN A 119 9.75 -47.65 5.64
C ASN A 119 10.49 -47.68 4.30
N GLN A 130 8.55 -36.12 8.99
CA GLN A 130 9.48 -37.17 8.63
C GLN A 130 8.75 -38.50 8.33
N ARG A 131 7.43 -38.52 8.57
CA ARG A 131 6.60 -39.68 8.27
C ARG A 131 5.66 -39.40 7.10
N SER A 132 4.63 -38.59 7.30
CA SER A 132 3.72 -38.19 6.24
C SER A 132 3.95 -36.73 5.87
N PHE A 133 3.61 -36.39 4.63
CA PHE A 133 3.91 -35.09 4.02
C PHE A 133 2.70 -34.58 3.25
N LEU A 134 2.73 -33.30 2.92
CA LEU A 134 1.77 -32.69 1.99
C LEU A 134 2.58 -31.99 0.91
N VAL A 135 2.64 -32.59 -0.26
CA VAL A 135 3.33 -32.03 -1.41
C VAL A 135 2.28 -31.44 -2.34
N SER A 136 2.46 -30.20 -2.77
CA SER A 136 1.53 -29.61 -3.72
C SER A 136 2.25 -29.25 -5.01
N GLY A 137 1.48 -28.95 -6.03
CA GLY A 137 2.01 -28.62 -7.34
C GLY A 137 1.09 -27.66 -8.02
N LEU A 138 1.66 -26.78 -8.82
CA LEU A 138 0.86 -25.71 -9.41
C LEU A 138 1.57 -25.20 -10.65
N GLY A 139 0.83 -25.05 -11.72
CA GLY A 139 1.47 -24.62 -12.94
C GLY A 139 0.45 -24.37 -14.03
N GLY A 140 0.91 -23.70 -15.06
CA GLY A 140 0.13 -23.37 -16.23
C GLY A 140 0.72 -22.14 -16.91
N GLU A 141 -0.13 -21.47 -17.67
CA GLU A 141 0.24 -20.33 -18.49
C GLU A 141 -0.01 -19.05 -17.70
N HIS A 142 0.99 -18.63 -16.91
CA HIS A 142 0.81 -17.55 -15.95
C HIS A 142 0.48 -16.22 -16.64
N THR A 143 -0.37 -15.43 -15.99
CA THR A 143 -0.67 -14.06 -16.40
C THR A 143 0.46 -13.12 -15.98
N ALA A 144 0.84 -12.22 -16.89
CA ALA A 144 1.92 -11.27 -16.61
C ALA A 144 1.41 -10.09 -15.78
N PHE A 145 2.06 -9.85 -14.63
CA PHE A 145 1.60 -8.80 -13.73
C PHE A 145 1.52 -7.44 -14.41
N ASN A 146 2.30 -7.24 -15.47
CA ASN A 146 2.25 -6.01 -16.24
C ASN A 146 1.29 -6.10 -17.41
N GLN A 147 0.35 -7.05 -17.37
CA GLN A 147 -0.67 -7.18 -18.42
C GLN A 147 -2.02 -7.52 -17.80
N LEU A 148 -2.34 -6.91 -16.63
CA LEU A 148 -3.60 -7.25 -15.98
C LEU A 148 -4.70 -6.34 -16.52
N PRO A 149 -5.93 -6.84 -16.60
CA PRO A 149 -7.04 -5.97 -17.02
C PRO A 149 -7.30 -4.90 -15.97
N ASP A 150 -7.97 -3.84 -16.41
CA ASP A 150 -8.46 -2.85 -15.46
C ASP A 150 -9.59 -3.47 -14.63
N GLY A 151 -9.97 -2.78 -13.57
CA GLY A 151 -11.18 -3.15 -12.88
C GLY A 151 -11.11 -4.33 -11.93
N LYS A 152 -12.16 -5.15 -11.98
CA LYS A 152 -12.45 -6.16 -10.98
C LYS A 152 -12.85 -7.43 -11.70
N ALA A 153 -12.60 -8.56 -11.02
CA ALA A 153 -12.87 -9.87 -11.55
C ALA A 153 -13.49 -10.73 -10.46
N GLU A 154 -14.41 -11.61 -10.86
CA GLU A 154 -15.02 -12.58 -9.94
C GLU A 154 -14.77 -14.00 -10.46
N TYR A 155 -14.36 -14.90 -9.56
CA TYR A 155 -13.93 -16.26 -9.87
C TYR A 155 -14.76 -17.29 -9.10
N HIS A 156 -15.03 -18.41 -9.76
CA HIS A 156 -15.78 -19.50 -9.15
C HIS A 156 -15.14 -20.82 -9.50
N GLY A 157 -15.02 -21.70 -8.51
CA GLY A 157 -14.51 -23.03 -8.81
C GLY A 157 -14.47 -24.01 -7.64
N LYS A 158 -13.53 -24.96 -7.67
CA LYS A 158 -13.50 -26.08 -6.75
C LYS A 158 -12.43 -25.93 -5.68
N ALA A 159 -12.67 -26.59 -4.57
CA ALA A 159 -11.70 -26.76 -3.51
C ALA A 159 -11.68 -28.23 -3.16
N PHE A 160 -10.48 -28.79 -2.99
CA PHE A 160 -10.37 -30.20 -2.69
C PHE A 160 -9.20 -30.47 -1.76
N SER A 161 -9.41 -31.41 -0.85
CA SER A 161 -8.33 -31.90 -0.01
C SER A 161 -8.05 -33.34 -0.43
N SER A 162 -7.87 -34.21 0.55
CA SER A 162 -7.54 -35.61 0.32
C SER A 162 -8.69 -36.37 -0.31
N ASP A 163 -9.67 -36.73 0.51
CA ASP A 163 -10.81 -37.47 0.03
C ASP A 163 -11.92 -36.58 -0.52
N ASP A 164 -11.85 -35.28 -0.27
CA ASP A 164 -12.98 -34.37 -0.39
C ASP A 164 -12.79 -33.47 -1.61
N ALA A 165 -13.51 -33.76 -2.69
CA ALA A 165 -13.52 -32.90 -3.86
C ALA A 165 -14.77 -32.05 -3.94
N GLY A 166 -15.49 -31.90 -2.84
CA GLY A 166 -16.74 -31.17 -2.88
C GLY A 166 -16.66 -29.67 -2.60
N GLY A 167 -15.56 -29.20 -2.05
CA GLY A 167 -15.41 -27.79 -1.74
C GLY A 167 -15.72 -26.86 -2.89
N LYS A 168 -16.13 -25.64 -2.55
CA LYS A 168 -16.45 -24.60 -3.52
C LYS A 168 -15.61 -23.36 -3.23
N LEU A 169 -14.90 -22.86 -4.26
CA LEU A 169 -14.06 -21.67 -4.14
C LEU A 169 -14.78 -20.43 -4.68
N THR A 170 -14.81 -19.35 -3.90
CA THR A 170 -15.20 -18.04 -4.38
C THR A 170 -14.07 -17.04 -4.16
N TYR A 171 -13.81 -16.20 -5.16
CA TYR A 171 -12.69 -15.29 -5.05
C TYR A 171 -12.91 -14.08 -5.93
N THR A 172 -12.43 -12.93 -5.45
CA THR A 172 -12.54 -11.65 -6.14
C THR A 172 -11.17 -11.00 -6.18
N ILE A 173 -10.77 -10.50 -7.34
CA ILE A 173 -9.57 -9.71 -7.46
C ILE A 173 -9.92 -8.34 -8.02
N ASP A 174 -9.53 -7.28 -7.29
CA ASP A 174 -9.61 -5.89 -7.73
C ASP A 174 -8.26 -5.54 -8.35
N PHE A 175 -8.19 -5.50 -9.69
CA PHE A 175 -6.90 -5.30 -10.31
C PHE A 175 -6.39 -3.88 -10.08
N ALA A 176 -7.27 -2.88 -10.20
CA ALA A 176 -6.86 -1.51 -9.92
C ALA A 176 -6.23 -1.39 -8.53
N ALA A 177 -6.73 -2.13 -7.55
CA ALA A 177 -6.25 -1.97 -6.18
C ALA A 177 -5.22 -3.02 -5.76
N LYS A 178 -4.85 -3.95 -6.65
CA LYS A 178 -3.87 -4.99 -6.37
C LYS A 178 -4.23 -5.75 -5.10
N GLN A 179 -5.43 -6.32 -5.11
CA GLN A 179 -5.94 -6.92 -3.89
C GLN A 179 -6.96 -7.99 -4.26
N GLY A 180 -6.98 -9.05 -3.44
CA GLY A 180 -7.88 -10.16 -3.66
C GLY A 180 -8.33 -10.76 -2.34
N HIS A 181 -9.45 -11.48 -2.40
CA HIS A 181 -9.98 -12.19 -1.24
C HIS A 181 -11.01 -13.20 -1.72
N GLY A 182 -11.38 -14.11 -0.82
CA GLY A 182 -12.29 -15.17 -1.18
C GLY A 182 -12.55 -16.07 0.00
N LYS A 183 -13.11 -17.25 -0.29
CA LYS A 183 -13.48 -18.20 0.75
C LYS A 183 -13.65 -19.59 0.17
N ILE A 184 -13.58 -20.59 1.05
CA ILE A 184 -13.79 -21.99 0.74
C ILE A 184 -15.00 -22.45 1.54
N GLU A 185 -15.96 -23.09 0.88
CA GLU A 185 -17.13 -23.63 1.56
C GLU A 185 -17.43 -25.03 1.07
N HIS A 186 -18.05 -25.84 1.95
CA HIS A 186 -18.69 -27.11 1.66
C HIS A 186 -17.71 -28.28 1.56
N LEU A 187 -16.54 -28.15 2.15
CA LEU A 187 -15.73 -29.31 2.47
C LEU A 187 -16.35 -30.02 3.66
N LYS A 188 -16.34 -31.36 3.64
CA LYS A 188 -17.02 -32.12 4.69
C LYS A 188 -16.45 -31.80 6.07
N THR A 189 -15.13 -31.55 6.17
CA THR A 189 -14.56 -31.16 7.46
C THR A 189 -14.75 -29.67 7.69
N PRO A 190 -15.64 -29.28 8.62
CA PRO A 190 -16.04 -27.87 8.72
C PRO A 190 -14.87 -26.90 8.86
N GLU A 191 -13.81 -27.32 9.54
CA GLU A 191 -12.71 -26.41 9.83
C GLU A 191 -11.85 -26.15 8.61
N GLN A 192 -12.00 -26.93 7.53
CA GLN A 192 -11.33 -26.61 6.28
C GLN A 192 -12.03 -25.51 5.47
N ASN A 193 -13.24 -25.10 5.84
CA ASN A 193 -13.95 -24.08 5.07
C ASN A 193 -13.55 -22.72 5.59
N VAL A 194 -12.45 -22.19 5.05
CA VAL A 194 -11.75 -21.03 5.58
C VAL A 194 -11.97 -19.83 4.65
N GLU A 195 -11.90 -18.64 5.24
CA GLU A 195 -11.72 -17.41 4.47
C GLU A 195 -10.32 -17.36 3.90
N LEU A 196 -10.21 -16.93 2.66
CA LEU A 196 -8.91 -16.59 2.07
C LEU A 196 -8.73 -15.08 2.25
N ALA A 197 -7.94 -14.68 3.24
CA ALA A 197 -7.98 -13.29 3.70
C ALA A 197 -7.47 -12.34 2.62
N ALA A 198 -7.97 -11.10 2.68
CA ALA A 198 -7.54 -10.02 1.80
C ALA A 198 -6.01 -10.03 1.66
N ALA A 199 -5.53 -9.99 0.44
CA ALA A 199 -4.11 -10.17 0.26
C ALA A 199 -3.66 -9.40 -0.97
N GLU A 200 -2.38 -9.06 -1.00
CA GLU A 200 -1.89 -8.17 -2.04
C GLU A 200 -1.60 -8.93 -3.31
N LEU A 201 -2.02 -8.39 -4.44
CA LEU A 201 -1.65 -8.93 -5.76
C LEU A 201 -0.31 -8.34 -6.17
N LYS A 202 0.73 -9.17 -6.26
CA LYS A 202 2.08 -8.70 -6.62
C LYS A 202 2.67 -9.56 -7.73
N ALA A 203 3.89 -9.20 -8.14
CA ALA A 203 4.65 -9.91 -9.16
C ALA A 203 5.60 -10.86 -8.47
N ASP A 204 5.75 -12.07 -9.02
CA ASP A 204 6.76 -13.02 -8.56
C ASP A 204 8.05 -12.85 -9.38
N GLU A 205 9.04 -13.70 -9.09
CA GLU A 205 10.38 -13.48 -9.63
C GLU A 205 10.39 -13.53 -11.16
N LYS A 206 9.44 -14.25 -11.76
CA LYS A 206 9.25 -14.30 -13.21
C LYS A 206 8.27 -13.24 -13.72
N SER A 207 7.90 -12.28 -12.86
CA SER A 207 6.99 -11.20 -13.25
C SER A 207 5.60 -11.74 -13.58
N HIS A 208 5.17 -12.73 -12.82
CA HIS A 208 3.84 -13.33 -12.93
C HIS A 208 2.99 -12.89 -11.75
N ALA A 209 1.70 -12.69 -11.99
CA ALA A 209 0.84 -12.15 -10.94
C ALA A 209 0.49 -13.24 -9.93
N VAL A 210 0.69 -12.95 -8.64
CA VAL A 210 0.50 -13.94 -7.59
C VAL A 210 -0.03 -13.26 -6.34
N ILE A 211 -0.66 -14.06 -5.48
CA ILE A 211 -1.22 -13.58 -4.22
C ILE A 211 -0.87 -14.59 -3.15
N LEU A 212 -0.27 -14.14 -2.07
CA LEU A 212 0.00 -14.98 -0.91
C LEU A 212 -0.68 -14.37 0.29
N GLY A 213 -1.53 -15.13 0.97
CA GLY A 213 -2.33 -14.59 2.05
C GLY A 213 -2.49 -15.57 3.19
N ASP A 214 -3.24 -15.15 4.18
CA ASP A 214 -3.54 -16.01 5.31
C ASP A 214 -4.88 -16.71 5.10
N THR A 215 -5.01 -17.89 5.67
CA THR A 215 -6.32 -18.52 5.78
C THR A 215 -6.84 -18.24 7.18
N ARG A 216 -8.15 -18.12 7.28
CA ARG A 216 -8.76 -17.76 8.55
C ARG A 216 -9.99 -18.63 8.76
N TYR A 217 -10.26 -18.91 10.03
CA TYR A 217 -11.50 -19.52 10.46
C TYR A 217 -11.97 -18.70 11.65
N GLY A 218 -13.12 -18.07 11.49
CA GLY A 218 -13.43 -16.99 12.40
C GLY A 218 -12.42 -15.90 12.21
N SER A 219 -11.96 -15.34 13.33
CA SER A 219 -10.97 -14.29 13.30
C SER A 219 -9.57 -14.80 13.64
N GLU A 220 -9.37 -16.12 13.67
CA GLU A 220 -8.08 -16.72 13.98
C GLU A 220 -7.36 -17.15 12.71
N GLU A 221 -6.10 -16.74 12.59
CA GLU A 221 -5.24 -17.22 11.51
C GLU A 221 -5.05 -18.71 11.66
N LYS A 222 -5.07 -19.42 10.54
CA LYS A 222 -4.98 -20.87 10.56
C LYS A 222 -4.01 -21.40 9.52
N GLY A 223 -3.35 -20.53 8.76
CA GLY A 223 -2.48 -21.02 7.70
C GLY A 223 -2.24 -19.94 6.64
N THR A 224 -1.82 -20.39 5.47
CA THR A 224 -1.54 -19.51 4.36
C THR A 224 -2.11 -20.11 3.09
N TYR A 225 -2.27 -19.27 2.07
CA TYR A 225 -2.66 -19.73 0.75
C TYR A 225 -1.84 -18.98 -0.30
N HIS A 226 -1.65 -19.65 -1.43
CA HIS A 226 -0.81 -19.17 -2.51
C HIS A 226 -1.65 -19.28 -3.77
N LEU A 227 -1.96 -18.14 -4.39
CA LEU A 227 -2.78 -18.07 -5.59
C LEU A 227 -1.99 -17.43 -6.71
N ALA A 228 -2.04 -18.04 -7.88
CA ALA A 228 -1.48 -17.45 -9.08
C ALA A 228 -2.59 -17.20 -10.08
N LEU A 229 -2.38 -16.24 -10.97
CA LEU A 229 -3.35 -15.94 -12.01
C LEU A 229 -2.86 -16.53 -13.33
N PHE A 230 -3.81 -16.95 -14.16
CA PHE A 230 -3.50 -17.66 -15.40
C PHE A 230 -4.38 -17.17 -16.54
N GLY A 231 -3.86 -17.26 -17.75
CA GLY A 231 -4.54 -16.70 -18.90
C GLY A 231 -4.12 -15.26 -19.17
N ASP A 232 -4.28 -14.85 -20.44
CA ASP A 232 -3.87 -13.52 -20.83
C ASP A 232 -4.84 -12.44 -20.34
N ARG A 233 -6.06 -12.80 -19.94
CA ARG A 233 -6.98 -11.86 -19.30
C ARG A 233 -7.14 -12.15 -17.81
N ALA A 234 -6.30 -13.02 -17.23
CA ALA A 234 -6.47 -13.53 -15.87
C ALA A 234 -7.82 -14.24 -15.70
N GLN A 235 -8.18 -15.04 -16.71
CA GLN A 235 -9.46 -15.76 -16.64
C GLN A 235 -9.48 -16.74 -15.48
N GLU A 236 -8.33 -17.27 -15.09
CA GLU A 236 -8.28 -18.33 -14.10
C GLU A 236 -7.35 -17.96 -12.94
N ILE A 237 -7.61 -18.63 -11.83
CA ILE A 237 -6.75 -18.61 -10.65
C ILE A 237 -6.59 -20.07 -10.26
N ALA A 238 -5.45 -20.38 -9.63
CA ALA A 238 -5.25 -21.70 -9.08
C ALA A 238 -4.15 -21.59 -8.03
N GLY A 239 -4.10 -22.57 -7.14
CA GLY A 239 -3.16 -22.51 -6.04
C GLY A 239 -3.57 -23.48 -4.96
N SER A 240 -3.17 -23.15 -3.72
CA SER A 240 -3.46 -24.09 -2.64
C SER A 240 -3.43 -23.34 -1.31
N ALA A 241 -3.99 -23.99 -0.30
CA ALA A 241 -4.10 -23.39 1.03
C ALA A 241 -3.78 -24.45 2.07
N THR A 242 -3.52 -23.98 3.29
CA THR A 242 -3.16 -24.86 4.37
C THR A 242 -3.90 -24.42 5.62
N VAL A 243 -4.45 -25.39 6.36
CA VAL A 243 -5.27 -25.13 7.53
C VAL A 243 -4.81 -26.01 8.68
N LYS A 244 -4.62 -25.41 9.85
CA LYS A 244 -4.30 -26.18 11.04
C LYS A 244 -5.59 -26.51 11.76
N ILE A 245 -5.89 -27.81 11.86
CA ILE A 245 -7.04 -28.32 12.58
C ILE A 245 -6.50 -29.21 13.69
N GLY A 246 -6.74 -28.82 14.94
CA GLY A 246 -6.14 -29.56 16.03
C GLY A 246 -4.63 -29.34 16.04
N GLU A 247 -3.86 -30.40 15.85
CA GLU A 247 -2.42 -30.29 15.68
C GLU A 247 -1.97 -30.80 14.32
N LYS A 248 -2.91 -31.04 13.40
CA LYS A 248 -2.63 -31.56 12.08
C LYS A 248 -2.94 -30.49 11.02
N VAL A 249 -1.96 -30.18 10.19
CA VAL A 249 -2.13 -29.23 9.11
C VAL A 249 -2.72 -29.96 7.90
N HIS A 250 -3.83 -29.44 7.38
CA HIS A 250 -4.46 -29.93 6.17
C HIS A 250 -4.10 -29.05 4.99
N GLU A 251 -4.28 -29.59 3.80
CA GLU A 251 -3.81 -28.94 2.59
C GLU A 251 -4.90 -29.07 1.54
N ILE A 252 -5.30 -27.94 0.97
CA ILE A 252 -6.48 -27.81 0.12
C ILE A 252 -6.04 -27.26 -1.23
N GLY A 253 -6.57 -27.82 -2.31
CA GLY A 253 -6.32 -27.33 -3.64
C GLY A 253 -7.48 -26.44 -4.05
N ILE A 254 -7.17 -25.36 -4.77
CA ILE A 254 -8.18 -24.36 -5.12
C ILE A 254 -7.92 -23.88 -6.55
N ALA A 255 -8.98 -23.81 -7.35
CA ALA A 255 -8.88 -23.33 -8.71
C ALA A 255 -10.24 -22.80 -9.13
N GLY A 256 -10.24 -21.69 -9.90
CA GLY A 256 -11.50 -21.14 -10.36
C GLY A 256 -11.39 -20.43 -11.70
N LYS A 257 -12.55 -20.08 -12.25
CA LYS A 257 -12.66 -19.33 -13.50
C LYS A 257 -13.55 -18.12 -13.30
N GLN A 258 -13.33 -17.09 -14.13
CA GLN A 258 -14.22 -15.94 -14.13
C GLN A 258 -15.62 -16.35 -14.58
N LEU A 259 -16.63 -15.71 -13.96
CA LEU A 259 -18.02 -16.17 -14.07
C LEU A 259 -18.43 -16.36 -15.52
N GLU A 260 -18.00 -15.47 -16.42
CA GLU A 260 -18.35 -15.55 -17.82
C GLU A 260 -17.17 -15.15 -18.69
N ASP B 75 -38.23 5.23 13.53
CA ASP B 75 -37.96 3.93 14.14
C ASP B 75 -39.20 3.01 14.20
N LYS B 76 -40.38 3.56 14.55
CA LYS B 76 -41.60 2.77 14.60
C LYS B 76 -42.78 3.60 14.12
N VAL B 77 -43.75 2.93 13.50
CA VAL B 77 -44.95 3.59 12.98
C VAL B 77 -45.92 3.85 14.12
N SER B 78 -46.30 5.11 14.29
CA SER B 78 -47.34 5.46 15.25
C SER B 78 -48.70 5.37 14.59
N ARG B 79 -49.64 4.69 15.26
CA ARG B 79 -51.01 4.50 14.79
CA ARG B 79 -51.01 4.50 14.79
C ARG B 79 -51.94 5.23 15.73
N PHE B 80 -52.74 6.16 15.20
CA PHE B 80 -53.67 6.92 16.01
C PHE B 80 -55.08 6.81 15.43
N ASP B 81 -56.05 7.13 16.29
CA ASP B 81 -57.45 7.28 15.93
C ASP B 81 -57.97 8.58 16.55
N PHE B 82 -58.78 9.30 15.79
CA PHE B 82 -59.29 10.59 16.23
C PHE B 82 -60.77 10.70 15.87
N ILE B 83 -61.39 11.77 16.35
CA ILE B 83 -62.74 12.16 15.97
C ILE B 83 -62.86 13.67 16.07
N ARG B 84 -63.70 14.26 15.21
CA ARG B 84 -64.04 15.67 15.26
C ARG B 84 -65.53 15.77 15.54
N GLN B 85 -65.91 16.42 16.65
CA GLN B 85 -67.30 16.54 17.05
C GLN B 85 -67.71 18.01 17.07
N ILE B 86 -69.00 18.25 16.87
CA ILE B 86 -69.60 19.57 16.93
C ILE B 86 -70.76 19.53 17.91
N GLU B 87 -70.89 20.57 18.73
CA GLU B 87 -71.96 20.63 19.71
C GLU B 87 -73.27 20.98 19.02
N VAL B 88 -74.35 20.26 19.37
CA VAL B 88 -75.67 20.61 18.87
C VAL B 88 -76.71 20.38 19.96
N ASP B 89 -77.18 21.46 20.59
CA ASP B 89 -78.14 21.38 21.68
C ASP B 89 -77.59 20.52 22.82
N GLY B 90 -76.37 20.84 23.26
CA GLY B 90 -75.74 20.19 24.38
C GLY B 90 -75.14 18.83 24.09
N GLN B 91 -75.34 18.27 22.91
CA GLN B 91 -74.84 16.94 22.61
C GLN B 91 -73.63 17.05 21.68
N LEU B 92 -72.82 15.98 21.69
CA LEU B 92 -71.58 15.92 20.92
C LEU B 92 -71.83 15.06 19.68
N ILE B 93 -72.09 15.71 18.55
CA ILE B 93 -72.32 15.05 17.28
C ILE B 93 -70.98 14.83 16.59
N THR B 94 -70.66 13.59 16.25
CA THR B 94 -69.43 13.28 15.53
C THR B 94 -69.60 13.57 14.05
N LEU B 95 -68.63 14.27 13.46
CA LEU B 95 -68.64 14.68 12.06
C LEU B 95 -67.66 13.91 11.18
N GLU B 96 -66.54 13.47 11.73
CA GLU B 96 -65.58 12.63 11.03
C GLU B 96 -64.99 11.65 12.01
N SER B 97 -64.63 10.47 11.49
CA SER B 97 -63.91 9.43 12.19
C SER B 97 -62.68 9.08 11.36
N GLY B 98 -61.53 8.92 11.99
CA GLY B 98 -60.29 8.82 11.23
C GLY B 98 -59.23 7.99 11.91
N GLU B 99 -58.42 7.33 11.07
CA GLU B 99 -57.22 6.62 11.48
C GLU B 99 -56.02 7.38 10.91
N PHE B 100 -54.90 7.30 11.61
CA PHE B 100 -53.87 8.32 11.47
C PHE B 100 -52.51 7.64 11.66
N GLN B 101 -51.70 7.58 10.61
CA GLN B 101 -50.40 6.96 10.69
C GLN B 101 -49.30 8.01 10.61
N ILE B 102 -48.25 7.86 11.41
CA ILE B 102 -47.12 8.78 11.41
C ILE B 102 -45.82 7.98 11.51
N TYR B 103 -44.86 8.32 10.65
CA TYR B 103 -43.49 7.82 10.79
C TYR B 103 -42.57 9.02 10.74
N LYS B 104 -41.92 9.32 11.87
CA LYS B 104 -40.98 10.42 11.99
C LYS B 104 -39.56 9.90 11.94
N GLN B 105 -38.69 10.64 11.26
CA GLN B 105 -37.27 10.36 11.24
C GLN B 105 -36.62 11.66 11.70
N ASP B 106 -35.34 11.84 11.35
CA ASP B 106 -34.59 12.96 11.89
C ASP B 106 -34.81 14.27 11.13
N HIS B 107 -35.03 14.21 9.81
CA HIS B 107 -35.27 15.42 9.02
C HIS B 107 -36.60 15.39 8.26
N SER B 108 -37.44 14.38 8.49
CA SER B 108 -38.60 14.13 7.65
C SER B 108 -39.68 13.41 8.44
N ALA B 109 -40.93 13.61 8.03
CA ALA B 109 -42.06 12.88 8.58
C ALA B 109 -43.10 12.71 7.51
N VAL B 110 -43.64 11.50 7.42
CA VAL B 110 -44.69 11.14 6.49
C VAL B 110 -45.92 10.76 7.31
N VAL B 111 -47.06 11.36 6.97
CA VAL B 111 -48.33 11.11 7.61
C VAL B 111 -49.31 10.62 6.55
N ALA B 112 -50.00 9.52 6.85
CA ALA B 112 -51.11 9.03 6.04
C ALA B 112 -52.34 8.98 6.92
N LEU B 113 -53.50 9.26 6.33
CA LEU B 113 -54.68 9.57 7.11
C LEU B 113 -55.92 9.12 6.35
N GLN B 114 -56.73 8.26 6.95
CA GLN B 114 -58.00 7.81 6.37
C GLN B 114 -59.14 8.40 7.18
N ILE B 115 -60.00 9.19 6.52
CA ILE B 115 -61.11 9.87 7.19
C ILE B 115 -62.44 9.36 6.64
N GLU B 116 -63.40 9.16 7.54
CA GLU B 116 -64.78 8.82 7.19
C GLU B 116 -65.68 9.96 7.63
N LYS B 117 -66.25 10.70 6.66
CA LYS B 117 -67.20 11.77 6.96
C LYS B 117 -68.49 11.16 7.50
N ILE B 118 -68.85 11.51 8.75
CA ILE B 118 -69.95 10.85 9.47
C ILE B 118 -71.24 11.66 9.44
N ASN B 119 -71.18 12.97 9.21
CA ASN B 119 -72.42 13.74 9.19
C ASN B 119 -72.41 14.90 8.20
N ASN B 120 -72.05 16.10 8.65
CA ASN B 120 -72.28 17.33 7.87
C ASN B 120 -71.99 17.19 6.37
N GLN B 130 -67.47 10.58 -1.65
CA GLN B 130 -68.19 11.61 -0.91
C GLN B 130 -68.20 11.31 0.60
N ARG B 131 -67.75 10.11 0.97
CA ARG B 131 -67.74 9.67 2.37
C ARG B 131 -66.34 9.42 2.90
N SER B 132 -65.51 8.68 2.17
CA SER B 132 -64.20 8.24 2.64
C SER B 132 -63.13 9.01 1.88
N PHE B 133 -62.33 9.80 2.60
CA PHE B 133 -61.25 10.57 2.01
C PHE B 133 -59.90 9.99 2.41
N LEU B 134 -58.84 10.47 1.74
CA LEU B 134 -57.46 10.10 2.05
C LEU B 134 -56.59 11.35 2.02
N VAL B 135 -55.74 11.50 3.03
CA VAL B 135 -54.86 12.65 3.14
C VAL B 135 -53.42 12.14 3.27
N SER B 136 -52.51 12.76 2.51
CA SER B 136 -51.08 12.46 2.54
C SER B 136 -50.32 13.73 2.84
N GLY B 137 -49.23 13.61 3.59
CA GLY B 137 -48.44 14.78 3.97
C GLY B 137 -46.98 14.44 4.13
N LEU B 138 -46.13 15.42 3.84
CA LEU B 138 -44.70 15.30 4.04
C LEU B 138 -44.20 16.49 4.85
N GLY B 139 -43.38 16.21 5.84
CA GLY B 139 -42.81 17.26 6.67
C GLY B 139 -41.32 17.11 6.73
N GLY B 140 -40.64 18.27 6.79
CA GLY B 140 -39.20 18.29 6.96
C GLY B 140 -38.56 19.32 6.07
N GLU B 141 -37.24 19.40 6.08
CA GLU B 141 -36.51 20.34 5.23
C GLU B 141 -36.05 19.60 3.98
N HIS B 142 -36.67 19.90 2.85
CA HIS B 142 -36.27 19.28 1.59
C HIS B 142 -34.82 19.60 1.24
N THR B 143 -34.17 18.65 0.57
CA THR B 143 -32.85 18.88 -0.01
C THR B 143 -32.95 19.74 -1.27
N ALA B 144 -32.13 20.78 -1.36
CA ALA B 144 -32.05 21.54 -2.60
C ALA B 144 -31.43 20.66 -3.68
N PHE B 145 -32.17 20.47 -4.78
CA PHE B 145 -31.63 19.73 -5.91
C PHE B 145 -30.27 20.22 -6.33
N ASN B 146 -30.00 21.51 -6.17
CA ASN B 146 -28.73 22.05 -6.66
C ASN B 146 -27.60 21.81 -5.68
N GLN B 147 -27.84 21.07 -4.61
CA GLN B 147 -26.84 20.89 -3.57
C GLN B 147 -26.89 19.46 -3.09
N LEU B 148 -27.13 18.53 -4.03
CA LEU B 148 -27.16 17.12 -3.72
C LEU B 148 -25.75 16.65 -3.35
N PRO B 149 -25.64 15.60 -2.56
CA PRO B 149 -24.32 15.04 -2.27
C PRO B 149 -23.82 14.25 -3.48
N ASP B 150 -22.52 13.99 -3.47
CA ASP B 150 -21.90 13.26 -4.56
C ASP B 150 -22.23 11.77 -4.45
N GLY B 151 -21.96 11.05 -5.54
CA GLY B 151 -22.00 9.61 -5.44
C GLY B 151 -23.41 9.07 -5.34
N LYS B 152 -23.64 8.20 -4.36
CA LYS B 152 -24.77 7.28 -4.35
C LYS B 152 -25.19 7.02 -2.90
N ALA B 153 -26.48 6.83 -2.67
CA ALA B 153 -26.98 6.65 -1.30
C ALA B 153 -27.93 5.46 -1.24
N GLU B 154 -27.80 4.68 -0.16
CA GLU B 154 -28.68 3.57 0.17
C GLU B 154 -29.58 4.00 1.33
N TYR B 155 -30.87 3.81 1.17
CA TYR B 155 -31.84 4.13 2.19
C TYR B 155 -32.52 2.87 2.69
N HIS B 156 -33.00 2.91 3.93
CA HIS B 156 -33.69 1.80 4.59
C HIS B 156 -34.75 2.38 5.50
N GLY B 157 -35.96 1.86 5.40
CA GLY B 157 -37.03 2.37 6.23
C GLY B 157 -38.27 1.50 6.15
N LYS B 158 -39.42 2.11 6.44
CA LYS B 158 -40.67 1.38 6.53
C LYS B 158 -41.67 1.78 5.45
N ALA B 159 -42.61 0.86 5.23
CA ALA B 159 -43.80 1.07 4.42
C ALA B 159 -45.01 0.62 5.22
N PHE B 160 -46.07 1.43 5.18
CA PHE B 160 -47.28 1.14 5.95
C PHE B 160 -48.50 1.54 5.15
N SER B 161 -49.41 0.58 4.95
CA SER B 161 -50.78 0.80 4.51
C SER B 161 -51.65 1.19 5.71
N SER B 162 -52.95 1.36 5.48
CA SER B 162 -53.82 1.85 6.54
C SER B 162 -53.77 0.98 7.79
N ASP B 163 -53.56 -0.33 7.63
CA ASP B 163 -53.59 -1.22 8.78
C ASP B 163 -52.39 -2.15 8.88
N ASP B 164 -51.42 -2.06 7.97
CA ASP B 164 -50.25 -2.94 7.95
C ASP B 164 -48.97 -2.10 8.00
N ALA B 165 -48.43 -1.90 9.20
CA ALA B 165 -47.28 -1.02 9.36
C ALA B 165 -45.97 -1.79 9.39
N GLY B 166 -45.93 -2.98 8.80
CA GLY B 166 -44.74 -3.80 8.90
C GLY B 166 -44.03 -4.01 7.58
N GLY B 167 -44.28 -3.13 6.61
CA GLY B 167 -43.53 -3.19 5.37
C GLY B 167 -42.13 -2.64 5.55
N LYS B 168 -41.22 -3.13 4.71
CA LYS B 168 -39.84 -2.68 4.68
C LYS B 168 -39.58 -1.93 3.38
N LEU B 169 -38.99 -0.74 3.48
CA LEU B 169 -38.60 0.03 2.32
C LEU B 169 -37.10 -0.10 2.07
N THR B 170 -36.74 -0.36 0.81
CA THR B 170 -35.35 -0.36 0.35
C THR B 170 -35.24 0.58 -0.84
N TYR B 171 -34.24 1.44 -0.85
CA TYR B 171 -34.18 2.41 -1.93
C TYR B 171 -32.76 2.96 -2.09
N THR B 172 -32.35 3.13 -3.36
CA THR B 172 -31.02 3.59 -3.77
C THR B 172 -31.16 4.83 -4.65
N ILE B 173 -30.44 5.88 -4.33
CA ILE B 173 -30.39 7.04 -5.21
C ILE B 173 -28.96 7.22 -5.69
N ASP B 174 -28.78 7.28 -6.99
CA ASP B 174 -27.50 7.64 -7.61
C ASP B 174 -27.61 9.11 -7.99
N PHE B 175 -26.90 9.98 -7.25
CA PHE B 175 -27.01 11.41 -7.50
C PHE B 175 -26.28 11.84 -8.76
N ALA B 176 -25.21 11.14 -9.13
CA ALA B 176 -24.52 11.48 -10.37
C ALA B 176 -25.38 11.12 -11.57
N ALA B 177 -26.16 10.05 -11.48
CA ALA B 177 -26.95 9.58 -12.59
C ALA B 177 -28.37 10.13 -12.57
N LYS B 178 -28.79 10.74 -11.46
CA LYS B 178 -30.12 11.31 -11.30
C LYS B 178 -31.19 10.25 -11.42
N GLN B 179 -31.03 9.16 -10.68
CA GLN B 179 -31.92 8.01 -10.84
C GLN B 179 -32.08 7.31 -9.50
N GLY B 180 -33.29 6.82 -9.23
CA GLY B 180 -33.53 6.05 -8.02
C GLY B 180 -34.44 4.86 -8.28
N HIS B 181 -34.42 3.92 -7.35
CA HIS B 181 -35.25 2.73 -7.46
C HIS B 181 -35.20 1.99 -6.15
N GLY B 182 -36.11 1.01 -6.00
CA GLY B 182 -36.21 0.25 -4.78
C GLY B 182 -37.38 -0.73 -4.75
N LYS B 183 -37.94 -0.95 -3.56
CA LYS B 183 -38.94 -1.99 -3.41
C LYS B 183 -39.57 -1.89 -2.03
N ILE B 184 -40.82 -2.32 -1.97
CA ILE B 184 -41.53 -2.53 -0.71
C ILE B 184 -41.61 -4.04 -0.48
N GLU B 185 -41.30 -4.46 0.75
CA GLU B 185 -41.30 -5.86 1.15
C GLU B 185 -42.06 -6.03 2.45
N HIS B 186 -42.34 -7.29 2.78
CA HIS B 186 -42.85 -7.77 4.07
C HIS B 186 -44.30 -7.35 4.37
N LEU B 187 -45.00 -6.66 3.47
CA LEU B 187 -46.41 -6.36 3.76
C LEU B 187 -47.25 -7.64 3.70
N LYS B 188 -48.39 -7.62 4.39
CA LYS B 188 -49.22 -8.82 4.48
C LYS B 188 -49.85 -9.17 3.13
N THR B 189 -50.63 -8.24 2.55
CA THR B 189 -51.19 -8.41 1.21
C THR B 189 -50.06 -8.55 0.18
N PRO B 190 -49.90 -9.71 -0.45
CA PRO B 190 -48.75 -9.89 -1.36
C PRO B 190 -48.64 -8.82 -2.45
N GLU B 191 -49.77 -8.38 -3.01
CA GLU B 191 -49.76 -7.45 -4.14
C GLU B 191 -49.29 -6.03 -3.76
N GLN B 192 -49.22 -5.70 -2.47
CA GLN B 192 -48.70 -4.42 -2.01
C GLN B 192 -47.17 -4.34 -2.06
N ASN B 193 -46.47 -5.47 -2.21
CA ASN B 193 -45.00 -5.45 -2.24
C ASN B 193 -44.52 -5.22 -3.66
N VAL B 194 -44.76 -3.99 -4.12
CA VAL B 194 -44.39 -3.53 -5.45
C VAL B 194 -42.91 -3.19 -5.51
N GLU B 195 -42.33 -3.34 -6.70
CA GLU B 195 -41.09 -2.66 -7.02
C GLU B 195 -41.36 -1.16 -7.22
N LEU B 196 -40.45 -0.31 -6.76
CA LEU B 196 -40.50 1.12 -7.07
C LEU B 196 -39.51 1.32 -8.20
N ALA B 197 -40.02 1.36 -9.43
CA ALA B 197 -39.17 1.19 -10.59
C ALA B 197 -38.26 2.39 -10.77
N ALA B 198 -37.24 2.19 -11.61
CA ALA B 198 -36.26 3.24 -11.88
C ALA B 198 -36.98 4.50 -12.33
N ALA B 199 -36.62 5.62 -11.69
CA ALA B 199 -37.26 6.89 -11.93
C ALA B 199 -36.23 8.01 -11.85
N GLU B 200 -36.51 9.10 -12.57
CA GLU B 200 -35.55 10.20 -12.64
C GLU B 200 -35.62 11.07 -11.39
N LEU B 201 -34.45 11.55 -10.96
CA LEU B 201 -34.32 12.42 -9.79
C LEU B 201 -34.32 13.85 -10.29
N LYS B 202 -35.36 14.62 -9.97
CA LYS B 202 -35.60 15.93 -10.57
C LYS B 202 -35.73 17.03 -9.52
N ALA B 203 -35.72 18.27 -9.98
CA ALA B 203 -36.12 19.39 -9.15
C ALA B 203 -37.59 19.67 -9.39
N ASP B 204 -38.33 19.97 -8.32
CA ASP B 204 -39.72 20.40 -8.43
C ASP B 204 -39.79 21.91 -8.61
N GLU B 205 -40.96 22.49 -8.39
CA GLU B 205 -41.12 23.92 -8.62
C GLU B 205 -40.41 24.73 -7.56
N LYS B 206 -40.18 24.16 -6.39
CA LYS B 206 -39.46 24.85 -5.33
C LYS B 206 -37.96 24.55 -5.33
N SER B 207 -37.43 23.86 -6.35
CA SER B 207 -36.02 23.46 -6.43
C SER B 207 -35.66 22.36 -5.44
N HIS B 208 -36.64 21.58 -4.99
CA HIS B 208 -36.37 20.47 -4.09
C HIS B 208 -36.19 19.21 -4.92
N ALA B 209 -35.37 18.30 -4.42
CA ALA B 209 -35.11 17.06 -5.13
C ALA B 209 -36.25 16.10 -4.87
N VAL B 210 -36.88 15.61 -5.93
CA VAL B 210 -37.94 14.62 -5.82
C VAL B 210 -37.80 13.55 -6.90
N ILE B 211 -38.46 12.43 -6.66
CA ILE B 211 -38.54 11.31 -7.59
C ILE B 211 -40.00 10.95 -7.74
N LEU B 212 -40.45 10.79 -8.98
CA LEU B 212 -41.80 10.34 -9.29
C LEU B 212 -41.69 9.16 -10.25
N GLY B 213 -42.15 7.98 -9.81
CA GLY B 213 -42.01 6.77 -10.60
C GLY B 213 -43.26 5.90 -10.59
N ASP B 214 -43.13 4.74 -11.24
CA ASP B 214 -44.17 3.72 -11.31
C ASP B 214 -43.92 2.62 -10.29
N THR B 215 -45.00 2.11 -9.71
CA THR B 215 -44.95 0.89 -8.93
C THR B 215 -45.32 -0.29 -9.82
N ARG B 216 -44.81 -1.47 -9.49
CA ARG B 216 -45.05 -2.66 -10.29
C ARG B 216 -45.06 -3.91 -9.42
N TYR B 217 -45.97 -4.82 -9.73
CA TYR B 217 -45.94 -6.19 -9.23
C TYR B 217 -45.51 -7.04 -10.41
N GLY B 218 -44.31 -7.61 -10.30
CA GLY B 218 -43.68 -8.31 -11.41
C GLY B 218 -44.03 -7.79 -12.79
N SER B 219 -43.51 -6.62 -13.15
CA SER B 219 -43.63 -6.07 -14.50
C SER B 219 -45.05 -5.75 -14.96
N GLU B 220 -46.05 -5.78 -14.07
CA GLU B 220 -47.39 -5.26 -14.38
C GLU B 220 -47.64 -4.01 -13.52
N GLU B 221 -47.72 -2.85 -14.17
CA GLU B 221 -47.80 -1.57 -13.46
C GLU B 221 -49.01 -1.50 -12.54
N LYS B 222 -48.78 -1.03 -11.30
CA LYS B 222 -49.80 -0.99 -10.25
C LYS B 222 -50.15 0.43 -9.80
N GLY B 223 -49.48 1.44 -10.32
CA GLY B 223 -49.68 2.79 -9.84
C GLY B 223 -48.37 3.56 -9.91
N THR B 224 -48.26 4.59 -9.07
CA THR B 224 -47.09 5.46 -9.08
C THR B 224 -46.56 5.66 -7.66
N TYR B 225 -45.39 6.30 -7.57
CA TYR B 225 -44.82 6.56 -6.25
C TYR B 225 -44.11 7.90 -6.33
N HIS B 226 -44.19 8.65 -5.23
CA HIS B 226 -43.52 9.94 -5.09
C HIS B 226 -42.59 9.89 -3.87
N LEU B 227 -41.34 10.33 -4.06
CA LEU B 227 -40.31 10.33 -3.01
C LEU B 227 -39.64 11.67 -3.00
N ALA B 228 -39.50 12.27 -1.84
CA ALA B 228 -38.81 13.54 -1.77
C ALA B 228 -37.61 13.38 -0.85
N LEU B 229 -36.54 14.09 -1.16
CA LEU B 229 -35.32 14.01 -0.38
C LEU B 229 -35.33 15.02 0.76
N PHE B 230 -34.89 14.58 1.93
CA PHE B 230 -34.88 15.44 3.11
C PHE B 230 -33.50 15.43 3.77
N GLY B 231 -33.08 16.59 4.26
CA GLY B 231 -31.81 16.74 4.93
C GLY B 231 -30.79 17.45 4.04
N ASP B 232 -29.86 18.16 4.67
CA ASP B 232 -28.93 18.94 3.86
C ASP B 232 -27.87 18.07 3.20
N ARG B 233 -27.88 16.76 3.44
CA ARG B 233 -27.05 15.81 2.71
C ARG B 233 -27.90 14.70 2.08
N ALA B 234 -29.21 14.91 1.98
CA ALA B 234 -30.11 13.86 1.50
C ALA B 234 -30.08 12.67 2.44
N GLN B 235 -30.02 12.96 3.74
CA GLN B 235 -29.98 11.89 4.75
C GLN B 235 -31.22 11.00 4.67
N GLU B 236 -32.35 11.52 4.19
CA GLU B 236 -33.59 10.78 4.29
C GLU B 236 -34.47 10.98 3.05
N ILE B 237 -35.37 10.03 2.84
CA ILE B 237 -36.37 10.11 1.79
C ILE B 237 -37.71 9.79 2.43
N ALA B 238 -38.76 10.42 1.90
CA ALA B 238 -40.11 10.14 2.39
C ALA B 238 -41.10 10.40 1.27
N GLY B 239 -42.22 9.67 1.31
CA GLY B 239 -43.23 9.82 0.28
C GLY B 239 -44.30 8.75 0.42
N SER B 240 -44.97 8.47 -0.69
CA SER B 240 -45.99 7.42 -0.72
C SER B 240 -46.02 6.75 -2.08
N ALA B 241 -46.37 5.46 -2.07
CA ALA B 241 -46.59 4.67 -3.27
C ALA B 241 -48.03 4.18 -3.31
N THR B 242 -48.64 4.18 -4.49
CA THR B 242 -49.98 3.63 -4.66
C THR B 242 -49.92 2.27 -5.34
N VAL B 243 -50.94 1.46 -5.08
CA VAL B 243 -51.05 0.12 -5.66
C VAL B 243 -52.53 -0.16 -5.84
N LYS B 244 -52.93 -0.52 -7.06
CA LYS B 244 -54.32 -0.86 -7.34
C LYS B 244 -54.46 -2.38 -7.31
N ILE B 245 -55.29 -2.87 -6.38
CA ILE B 245 -55.51 -4.30 -6.22
C ILE B 245 -57.02 -4.54 -6.29
N GLY B 246 -57.42 -5.43 -7.19
CA GLY B 246 -58.83 -5.47 -7.55
C GLY B 246 -59.23 -4.13 -8.12
N GLU B 247 -60.26 -3.52 -7.53
CA GLU B 247 -60.75 -2.20 -7.92
C GLU B 247 -60.40 -1.14 -6.88
N LYS B 248 -59.61 -1.51 -5.87
CA LYS B 248 -59.27 -0.66 -4.75
C LYS B 248 -57.88 -0.07 -4.94
N VAL B 249 -57.73 1.22 -4.66
CA VAL B 249 -56.42 1.86 -4.68
C VAL B 249 -55.84 1.87 -3.27
N HIS B 250 -54.66 1.26 -3.13
CA HIS B 250 -53.94 1.21 -1.87
C HIS B 250 -52.87 2.31 -1.86
N GLU B 251 -52.91 3.16 -0.86
CA GLU B 251 -51.82 4.10 -0.66
C GLU B 251 -50.92 3.60 0.46
N ILE B 252 -49.62 3.86 0.31
CA ILE B 252 -48.62 3.25 1.17
C ILE B 252 -47.55 4.29 1.47
N GLY B 253 -47.53 4.79 2.71
CA GLY B 253 -46.46 5.68 3.10
C GLY B 253 -45.12 4.95 3.07
N ILE B 254 -44.08 5.66 2.65
CA ILE B 254 -42.74 5.09 2.61
C ILE B 254 -41.77 6.13 3.18
N ALA B 255 -40.82 5.68 3.99
CA ALA B 255 -39.78 6.58 4.49
C ALA B 255 -38.57 5.75 4.89
N GLY B 256 -37.40 6.37 4.81
CA GLY B 256 -36.17 5.65 5.05
C GLY B 256 -35.03 6.63 5.23
N LYS B 257 -33.85 6.08 5.52
CA LYS B 257 -32.69 6.91 5.88
C LYS B 257 -31.39 6.17 5.59
N GLN B 258 -30.33 6.93 5.34
CA GLN B 258 -29.03 6.27 5.19
C GLN B 258 -28.57 5.63 6.49
N LEU B 259 -29.07 6.12 7.63
CA LEU B 259 -28.79 5.66 8.99
C LEU B 259 -27.65 6.46 9.60
N LYS C 76 37.81 13.71 -13.34
CA LYS C 76 37.93 12.40 -14.01
C LYS C 76 39.36 11.83 -14.01
N VAL C 77 40.36 12.71 -14.01
CA VAL C 77 41.76 12.30 -14.14
C VAL C 77 42.55 12.81 -12.94
N SER C 78 43.69 12.15 -12.69
CA SER C 78 44.53 12.47 -11.54
C SER C 78 45.57 13.51 -11.95
N ARG C 79 45.54 14.67 -11.31
CA ARG C 79 46.49 15.74 -11.62
C ARG C 79 47.79 15.51 -10.86
N PHE C 80 48.90 15.90 -11.49
CA PHE C 80 50.19 15.80 -10.82
C PHE C 80 51.07 16.97 -11.24
N ASP C 81 52.00 17.33 -10.33
CA ASP C 81 52.84 18.52 -10.45
C ASP C 81 54.21 18.22 -9.83
N PHE C 82 55.27 18.40 -10.60
CA PHE C 82 56.64 18.12 -10.16
C PHE C 82 57.38 19.40 -9.82
N ILE C 83 58.08 19.39 -8.70
CA ILE C 83 58.71 20.61 -8.21
C ILE C 83 60.15 20.30 -7.82
N ARG C 84 61.00 21.31 -7.96
CA ARG C 84 62.39 21.25 -7.53
C ARG C 84 62.63 22.47 -6.65
N GLN C 85 63.26 22.29 -5.49
CA GLN C 85 63.62 23.42 -4.62
C GLN C 85 65.12 23.64 -4.68
N ILE C 86 65.53 24.87 -5.01
CA ILE C 86 66.86 25.21 -5.49
C ILE C 86 67.38 26.36 -4.64
N GLU C 87 68.72 26.50 -4.60
CA GLU C 87 69.38 27.67 -4.03
C GLU C 87 70.73 27.90 -4.70
N VAL C 88 71.28 29.15 -4.58
CA VAL C 88 72.42 29.64 -5.37
C VAL C 88 73.72 29.48 -4.59
N ASP C 89 74.85 29.34 -5.31
CA ASP C 89 76.20 29.07 -4.77
C ASP C 89 77.31 29.40 -5.77
N GLY C 90 77.07 30.32 -6.69
CA GLY C 90 77.79 30.40 -7.96
C GLY C 90 76.96 29.65 -9.02
N GLN C 91 76.48 28.47 -8.66
CA GLN C 91 75.59 27.63 -9.45
C GLN C 91 74.26 27.47 -8.70
N LEU C 92 73.32 26.71 -9.27
CA LEU C 92 72.06 26.42 -8.59
C LEU C 92 72.07 24.96 -8.13
N ILE C 93 71.90 24.76 -6.82
CA ILE C 93 71.88 23.43 -6.21
C ILE C 93 70.44 23.08 -5.87
N THR C 94 70.05 21.87 -6.21
CA THR C 94 68.70 21.40 -5.92
C THR C 94 68.69 20.70 -4.56
N LEU C 95 67.96 21.28 -3.61
CA LEU C 95 67.89 20.68 -2.28
C LEU C 95 66.91 19.52 -2.24
N GLU C 96 65.74 19.68 -2.88
CA GLU C 96 64.72 18.64 -2.84
C GLU C 96 63.87 18.70 -4.10
N SER C 97 63.22 17.57 -4.40
CA SER C 97 62.29 17.45 -5.52
C SER C 97 60.98 16.89 -4.97
N GLY C 98 59.89 17.47 -5.42
CA GLY C 98 58.57 17.16 -4.88
C GLY C 98 57.59 16.77 -5.96
N GLU C 99 56.80 15.74 -5.68
CA GLU C 99 55.83 15.14 -6.58
C GLU C 99 54.47 15.30 -5.93
N PHE C 100 53.63 16.15 -6.51
CA PHE C 100 52.31 16.40 -5.99
C PHE C 100 51.26 15.72 -6.87
N GLN C 101 50.21 15.18 -6.25
CA GLN C 101 49.16 14.50 -7.00
C GLN C 101 47.85 14.67 -6.27
N ILE C 102 46.78 14.85 -7.03
CA ILE C 102 45.48 15.08 -6.42
C ILE C 102 44.41 14.45 -7.31
N TYR C 103 43.52 13.69 -6.70
CA TYR C 103 42.38 13.14 -7.41
C TYR C 103 41.12 13.70 -6.77
N LYS C 104 40.25 14.29 -7.58
CA LYS C 104 39.10 15.02 -7.07
C LYS C 104 37.81 14.34 -7.49
N GLN C 105 36.89 14.20 -6.54
CA GLN C 105 35.54 13.73 -6.83
C GLN C 105 34.56 14.84 -6.46
N ASP C 106 33.33 14.49 -6.15
CA ASP C 106 32.35 15.56 -5.93
C ASP C 106 32.24 15.97 -4.47
N HIS C 107 32.51 15.07 -3.53
CA HIS C 107 32.46 15.42 -2.11
C HIS C 107 33.77 15.11 -1.41
N SER C 108 34.82 14.75 -2.13
CA SER C 108 36.04 14.24 -1.54
C SER C 108 37.20 14.44 -2.49
N ALA C 109 38.41 14.39 -1.93
CA ALA C 109 39.65 14.53 -2.69
C ALA C 109 40.80 13.89 -1.91
N VAL C 110 41.68 13.21 -2.65
CA VAL C 110 42.85 12.51 -2.12
C VAL C 110 44.09 13.26 -2.61
N VAL C 111 44.94 13.70 -1.67
CA VAL C 111 46.14 14.45 -2.05
C VAL C 111 47.40 13.74 -1.59
N ALA C 112 48.50 14.03 -2.28
CA ALA C 112 49.78 13.37 -2.03
C ALA C 112 50.91 14.31 -2.44
N LEU C 113 51.81 14.62 -1.51
CA LEU C 113 53.04 15.35 -1.81
C LEU C 113 54.21 14.49 -1.32
N GLN C 114 54.98 13.94 -2.25
CA GLN C 114 56.17 13.14 -1.92
C GLN C 114 57.43 13.98 -2.09
N ILE C 115 58.10 14.28 -0.98
CA ILE C 115 59.33 15.07 -0.99
C ILE C 115 60.53 14.11 -0.95
N GLU C 116 61.51 14.36 -1.82
CA GLU C 116 62.76 13.60 -1.85
C GLU C 116 63.91 14.58 -1.68
N LYS C 117 64.81 14.29 -0.73
CA LYS C 117 65.87 15.22 -0.37
C LYS C 117 67.20 14.73 -0.94
N ILE C 118 67.97 15.67 -1.50
CA ILE C 118 69.26 15.36 -2.12
C ILE C 118 70.44 15.96 -1.34
N ARG C 131 64.99 10.79 5.50
CA ARG C 131 64.20 11.98 5.86
C ARG C 131 63.28 12.44 4.72
N SER C 132 63.54 11.91 3.52
CA SER C 132 62.57 12.02 2.43
C SER C 132 61.23 11.50 2.92
N PHE C 133 60.20 12.33 2.81
CA PHE C 133 58.93 12.06 3.47
C PHE C 133 57.78 12.03 2.46
N LEU C 134 56.61 11.62 2.94
CA LEU C 134 55.39 11.54 2.14
C LEU C 134 54.22 12.14 2.91
N VAL C 135 53.61 13.18 2.34
CA VAL C 135 52.41 13.80 2.89
C VAL C 135 51.19 13.18 2.22
N SER C 136 50.26 12.68 3.02
CA SER C 136 49.00 12.13 2.54
C SER C 136 47.86 12.91 3.14
N GLY C 137 46.89 13.26 2.31
CA GLY C 137 45.79 14.10 2.77
C GLY C 137 44.47 13.63 2.19
N LEU C 138 43.42 13.93 2.93
CA LEU C 138 42.06 13.66 2.51
C LEU C 138 41.26 14.94 2.68
N GLY C 139 40.41 15.24 1.71
CA GLY C 139 39.56 16.41 1.79
C GLY C 139 38.12 16.06 1.53
N GLY C 140 37.25 16.80 2.17
CA GLY C 140 35.83 16.72 1.84
C GLY C 140 34.97 16.79 3.08
N GLU C 141 33.65 16.94 2.92
CA GLU C 141 32.74 16.90 4.05
C GLU C 141 32.48 15.43 4.43
N HIS C 142 33.07 14.99 5.54
CA HIS C 142 32.91 13.63 6.02
C HIS C 142 31.43 13.29 6.29
N THR C 143 31.12 11.99 6.23
CA THR C 143 29.78 11.51 6.56
C THR C 143 29.69 11.22 8.06
N ALA C 144 28.57 11.61 8.66
CA ALA C 144 28.37 11.39 10.08
C ALA C 144 27.94 9.95 10.32
N PHE C 145 28.49 9.34 11.38
CA PHE C 145 28.08 7.97 11.73
C PHE C 145 26.57 7.86 11.93
N ASN C 146 25.88 8.98 12.22
CA ASN C 146 24.43 9.05 12.33
C ASN C 146 23.73 9.50 11.04
N GLN C 147 24.47 9.85 10.00
CA GLN C 147 23.86 10.07 8.69
C GLN C 147 23.94 8.82 7.83
N LEU C 148 24.23 7.68 8.43
CA LEU C 148 24.43 6.46 7.66
C LEU C 148 23.11 5.97 7.09
N PRO C 149 23.03 5.69 5.80
CA PRO C 149 21.82 5.10 5.23
C PRO C 149 21.54 3.69 5.77
N ASP C 150 20.39 3.15 5.39
CA ASP C 150 20.13 1.74 5.53
C ASP C 150 20.77 0.98 4.38
N GLY C 151 20.82 -0.35 4.52
CA GLY C 151 21.17 -1.21 3.39
C GLY C 151 22.66 -1.29 3.15
N LYS C 152 22.99 -1.64 1.91
CA LYS C 152 24.35 -1.74 1.43
C LYS C 152 24.61 -0.64 0.40
N ALA C 153 25.84 -0.60 -0.09
CA ALA C 153 26.19 0.37 -1.12
C ALA C 153 27.46 -0.13 -1.77
N GLU C 154 27.48 -0.18 -3.10
CA GLU C 154 28.68 -0.52 -3.84
C GLU C 154 29.29 0.75 -4.41
N TYR C 155 30.63 0.76 -4.50
CA TYR C 155 31.38 1.92 -4.98
C TYR C 155 32.32 1.49 -6.10
N HIS C 156 32.44 2.34 -7.11
CA HIS C 156 33.41 2.17 -8.17
C HIS C 156 34.15 3.50 -8.31
N GLY C 157 35.42 3.41 -8.68
CA GLY C 157 36.28 4.58 -8.64
C GLY C 157 37.67 4.26 -9.12
N LYS C 158 38.61 5.12 -8.76
CA LYS C 158 39.99 5.04 -9.23
C LYS C 158 40.91 4.54 -8.13
N ALA C 159 42.01 3.91 -8.55
CA ALA C 159 43.11 3.56 -7.66
C ALA C 159 44.40 3.89 -8.38
N PHE C 160 45.18 4.82 -7.83
CA PHE C 160 46.39 5.31 -8.46
C PHE C 160 47.57 5.24 -7.49
N SER C 161 48.73 4.83 -8.00
CA SER C 161 49.98 4.84 -7.26
C SER C 161 50.81 6.07 -7.68
N SER C 162 52.09 6.11 -7.31
CA SER C 162 52.92 7.27 -7.63
C SER C 162 52.84 7.63 -9.10
N ASP C 163 53.04 6.64 -9.98
CA ASP C 163 53.13 6.88 -11.42
C ASP C 163 52.25 5.93 -12.23
N ASP C 164 51.34 5.22 -11.57
CA ASP C 164 50.29 4.45 -12.21
C ASP C 164 48.95 5.03 -11.80
N ALA C 165 48.14 5.45 -12.78
CA ALA C 165 46.84 6.04 -12.46
C ALA C 165 45.70 5.31 -13.15
N GLY C 166 45.90 4.07 -13.58
CA GLY C 166 44.89 3.33 -14.32
C GLY C 166 44.15 2.23 -13.59
N GLY C 167 44.33 2.08 -12.27
CA GLY C 167 43.72 1.00 -11.53
C GLY C 167 42.30 1.31 -11.07
N LYS C 168 41.52 0.24 -10.92
CA LYS C 168 40.07 0.32 -10.69
C LYS C 168 39.77 -0.14 -9.28
N LEU C 169 39.08 0.73 -8.53
CA LEU C 169 38.67 0.44 -7.16
C LEU C 169 37.25 -0.08 -7.14
N THR C 170 37.03 -1.19 -6.43
CA THR C 170 35.69 -1.69 -6.15
C THR C 170 35.55 -1.91 -4.67
N TYR C 171 34.33 -1.71 -4.15
CA TYR C 171 34.21 -1.77 -2.71
C TYR C 171 32.74 -1.75 -2.32
N THR C 172 32.40 -2.46 -1.25
CA THR C 172 31.04 -2.65 -0.79
C THR C 172 30.98 -2.38 0.70
N ILE C 173 29.99 -1.61 1.13
CA ILE C 173 29.80 -1.30 2.54
C ILE C 173 28.41 -1.74 2.94
N ASP C 174 28.32 -2.55 3.97
CA ASP C 174 27.03 -2.92 4.56
C ASP C 174 26.86 -2.06 5.81
N PHE C 175 26.04 -1.03 5.70
CA PHE C 175 25.88 -0.10 6.81
C PHE C 175 25.20 -0.75 8.01
N ALA C 176 24.25 -1.65 7.78
CA ALA C 176 23.63 -2.33 8.94
C ALA C 176 24.64 -3.23 9.63
N ALA C 177 25.45 -3.96 8.87
CA ALA C 177 26.48 -4.78 9.47
C ALA C 177 27.65 -3.95 10.03
N LYS C 178 27.84 -2.71 9.55
CA LYS C 178 29.03 -1.95 9.88
C LYS C 178 30.26 -2.67 9.37
N GLN C 179 30.26 -2.95 8.07
CA GLN C 179 31.31 -3.76 7.47
C GLN C 179 31.48 -3.46 5.99
N GLY C 180 32.75 -3.38 5.57
CA GLY C 180 33.07 -3.05 4.20
C GLY C 180 34.18 -3.95 3.71
N HIS C 181 34.29 -4.05 2.39
CA HIS C 181 35.29 -4.90 1.77
C HIS C 181 35.35 -4.56 0.29
N GLY C 182 36.47 -4.92 -0.34
CA GLY C 182 36.68 -4.51 -1.70
C GLY C 182 37.95 -5.08 -2.28
N LYS C 183 38.44 -4.41 -3.31
CA LYS C 183 39.59 -4.90 -4.06
C LYS C 183 40.10 -3.78 -4.96
N ILE C 184 41.30 -3.99 -5.49
CA ILE C 184 41.95 -3.09 -6.42
C ILE C 184 42.41 -3.91 -7.60
N GLU C 185 42.24 -3.40 -8.81
CA GLU C 185 42.67 -4.15 -9.98
C GLU C 185 43.11 -3.21 -11.08
N HIS C 186 43.81 -3.77 -12.06
CA HIS C 186 44.26 -3.12 -13.29
C HIS C 186 45.49 -2.24 -13.09
N LEU C 187 46.06 -2.14 -11.89
CA LEU C 187 47.31 -1.42 -11.74
C LEU C 187 48.43 -2.19 -12.41
N LYS C 188 49.36 -1.48 -13.05
CA LYS C 188 50.43 -2.12 -13.81
C LYS C 188 51.16 -3.15 -12.97
N THR C 189 52.00 -2.71 -12.01
CA THR C 189 52.72 -3.63 -11.13
C THR C 189 51.74 -4.56 -10.43
N PRO C 190 51.78 -5.87 -10.72
CA PRO C 190 50.65 -6.74 -10.37
C PRO C 190 50.46 -7.00 -8.88
N GLU C 191 51.54 -6.94 -8.06
CA GLU C 191 51.34 -7.10 -6.62
C GLU C 191 50.59 -5.93 -5.99
N GLN C 192 50.24 -4.90 -6.77
CA GLN C 192 49.47 -3.79 -6.23
C GLN C 192 47.96 -4.04 -6.26
N ASN C 193 47.50 -5.10 -6.93
CA ASN C 193 46.06 -5.34 -7.06
C ASN C 193 45.59 -6.26 -5.92
N VAL C 194 45.54 -5.65 -4.76
CA VAL C 194 45.30 -6.36 -3.52
C VAL C 194 43.81 -6.32 -3.18
N GLU C 195 43.39 -7.24 -2.33
CA GLU C 195 42.05 -7.22 -1.77
C GLU C 195 42.03 -6.28 -0.57
N LEU C 196 40.96 -5.54 -0.45
CA LEU C 196 40.75 -4.69 0.73
C LEU C 196 39.80 -5.49 1.62
N ALA C 197 40.36 -6.14 2.65
CA ALA C 197 39.67 -7.19 3.40
C ALA C 197 38.61 -6.62 4.32
N ALA C 198 37.66 -7.47 4.67
CA ALA C 198 36.53 -7.09 5.51
C ALA C 198 36.98 -6.37 6.77
N ALA C 199 36.52 -5.14 6.94
CA ALA C 199 36.92 -4.36 8.11
C ALA C 199 35.68 -3.72 8.71
N GLU C 200 35.79 -3.35 9.98
CA GLU C 200 34.69 -2.73 10.69
C GLU C 200 34.53 -1.26 10.30
N LEU C 201 33.31 -0.89 9.96
CA LEU C 201 32.91 0.49 9.76
C LEU C 201 32.60 1.10 11.13
N LYS C 202 33.33 2.14 11.52
CA LYS C 202 33.12 2.77 12.81
C LYS C 202 33.27 4.28 12.71
N ALA C 203 33.12 4.94 13.86
CA ALA C 203 33.31 6.38 14.01
C ALA C 203 34.74 6.68 14.48
N ASP C 204 35.24 7.86 14.09
CA ASP C 204 36.53 8.35 14.56
C ASP C 204 36.30 9.40 15.66
N GLU C 205 37.37 10.12 16.04
CA GLU C 205 37.25 11.18 17.04
C GLU C 205 36.15 12.14 16.66
N LYS C 206 36.12 12.56 15.41
CA LYS C 206 35.16 13.55 14.94
C LYS C 206 33.81 12.93 14.61
N SER C 207 33.59 11.65 14.96
CA SER C 207 32.34 10.92 14.67
C SER C 207 32.02 10.88 13.18
N HIS C 208 33.03 10.69 12.35
CA HIS C 208 32.84 10.48 10.92
C HIS C 208 33.01 9.01 10.63
N ALA C 209 32.23 8.50 9.67
CA ALA C 209 32.30 7.09 9.34
C ALA C 209 33.63 6.82 8.64
N VAL C 210 34.36 5.81 9.13
CA VAL C 210 35.66 5.44 8.55
C VAL C 210 35.88 3.93 8.67
N ILE C 211 36.81 3.40 7.86
CA ILE C 211 37.08 1.98 7.80
C ILE C 211 38.58 1.75 7.78
N LEU C 212 39.10 1.01 8.76
CA LEU C 212 40.51 0.61 8.85
C LEU C 212 40.64 -0.91 8.74
N GLY C 213 41.38 -1.36 7.73
CA GLY C 213 41.59 -2.78 7.54
C GLY C 213 42.88 -3.14 6.82
N ASP C 214 43.03 -4.44 6.50
CA ASP C 214 44.25 -4.99 5.93
C ASP C 214 44.14 -5.12 4.41
N THR C 215 45.24 -4.86 3.73
CA THR C 215 45.39 -5.26 2.34
C THR C 215 45.96 -6.67 2.31
N ARG C 216 45.60 -7.41 1.27
CA ARG C 216 45.92 -8.83 1.18
C ARG C 216 46.25 -9.16 -0.26
N TYR C 217 46.98 -10.25 -0.44
CA TYR C 217 47.29 -10.79 -1.76
C TYR C 217 47.20 -12.31 -1.64
N GLY C 218 46.03 -12.85 -1.98
CA GLY C 218 45.71 -14.20 -1.56
C GLY C 218 45.49 -14.19 -0.06
N SER C 219 46.17 -15.08 0.65
CA SER C 219 46.12 -15.16 2.10
C SER C 219 47.18 -14.29 2.79
N GLU C 220 48.03 -13.64 2.01
CA GLU C 220 49.22 -12.95 2.52
C GLU C 220 48.91 -11.47 2.79
N GLU C 221 49.00 -11.06 4.06
CA GLU C 221 48.80 -9.66 4.40
C GLU C 221 49.96 -8.83 3.83
N LYS C 222 49.63 -7.73 3.17
CA LYS C 222 50.63 -6.93 2.46
C LYS C 222 50.69 -5.47 2.90
N GLY C 223 49.84 -5.05 3.83
CA GLY C 223 49.75 -3.66 4.18
C GLY C 223 48.43 -3.40 4.87
N THR C 224 48.07 -2.13 4.96
CA THR C 224 46.78 -1.73 5.51
C THR C 224 46.14 -0.68 4.59
N TYR C 225 44.86 -0.39 4.83
CA TYR C 225 44.18 0.61 4.03
C TYR C 225 43.20 1.36 4.92
N HIS C 226 42.93 2.60 4.54
CA HIS C 226 42.01 3.50 5.23
C HIS C 226 41.02 4.04 4.21
N LEU C 227 39.74 4.03 4.55
CA LEU C 227 38.72 4.73 3.77
C LEU C 227 37.88 5.55 4.71
N ALA C 228 37.41 6.70 4.22
CA ALA C 228 36.42 7.49 4.93
C ALA C 228 35.24 7.71 4.01
N LEU C 229 34.08 7.93 4.62
CA LEU C 229 32.85 8.16 3.88
C LEU C 229 32.59 9.65 3.74
N PHE C 230 32.14 10.07 2.56
CA PHE C 230 31.90 11.48 2.27
C PHE C 230 30.50 11.64 1.69
N GLY C 231 29.93 12.82 1.86
CA GLY C 231 28.59 13.09 1.38
C GLY C 231 27.55 13.03 2.50
N ASP C 232 26.35 13.55 2.21
CA ASP C 232 25.27 13.45 3.17
C ASP C 232 24.77 12.02 3.24
N ARG C 233 24.55 11.42 2.07
CA ARG C 233 24.04 10.07 1.89
C ARG C 233 25.15 9.03 1.74
N ALA C 234 26.35 9.31 2.28
CA ALA C 234 27.56 8.52 2.04
C ALA C 234 27.75 8.18 0.56
N GLN C 235 27.85 9.23 -0.27
CA GLN C 235 27.94 9.04 -1.70
C GLN C 235 29.32 8.58 -2.17
N GLU C 236 30.38 9.00 -1.48
CA GLU C 236 31.74 8.75 -1.91
C GLU C 236 32.55 8.14 -0.78
N ILE C 237 33.53 7.33 -1.15
CA ILE C 237 34.59 6.90 -0.25
C ILE C 237 35.92 7.36 -0.81
N ALA C 238 36.80 7.79 0.06
CA ALA C 238 38.14 8.15 -0.35
C ALA C 238 39.11 7.74 0.74
N GLY C 239 40.35 7.45 0.34
CA GLY C 239 41.39 7.11 1.28
C GLY C 239 42.66 6.59 0.63
N SER C 240 43.31 5.61 1.25
CA SER C 240 44.60 5.15 0.76
C SER C 240 44.88 3.75 1.29
N ALA C 241 45.86 3.11 0.69
CA ALA C 241 46.18 1.73 1.00
C ALA C 241 47.66 1.54 0.75
N THR C 242 48.31 0.78 1.62
CA THR C 242 49.72 0.43 1.47
C THR C 242 49.80 -1.03 1.02
N VAL C 243 50.77 -1.31 0.16
CA VAL C 243 51.09 -2.69 -0.23
C VAL C 243 52.61 -2.78 -0.26
N LYS C 244 53.18 -3.70 0.53
CA LYS C 244 54.62 -3.85 0.61
C LYS C 244 55.10 -4.89 -0.40
N ILE C 245 56.09 -4.50 -1.21
CA ILE C 245 56.64 -5.36 -2.26
C ILE C 245 58.15 -5.34 -2.09
N GLY C 246 58.70 -6.37 -1.43
CA GLY C 246 60.13 -6.53 -1.22
C GLY C 246 60.80 -5.44 -0.38
N GLU C 247 60.39 -5.31 0.89
CA GLU C 247 60.88 -4.28 1.79
C GLU C 247 60.78 -2.88 1.14
N LYS C 248 59.60 -2.59 0.59
CA LYS C 248 59.27 -1.29 0.01
C LYS C 248 57.77 -1.09 0.14
N VAL C 249 57.35 -0.06 0.86
CA VAL C 249 55.92 0.17 1.09
C VAL C 249 55.40 1.10 -0.01
N HIS C 250 54.59 0.56 -0.91
CA HIS C 250 53.89 1.38 -1.88
C HIS C 250 52.67 2.02 -1.24
N GLU C 251 52.42 3.29 -1.59
CA GLU C 251 51.20 3.99 -1.20
C GLU C 251 50.29 4.11 -2.42
N ILE C 252 49.04 3.72 -2.27
CA ILE C 252 48.06 3.78 -3.36
C ILE C 252 46.89 4.66 -2.90
N GLY C 253 46.57 5.67 -3.70
CA GLY C 253 45.36 6.45 -3.46
C GLY C 253 44.15 5.75 -4.06
N ILE C 254 43.07 5.71 -3.28
CA ILE C 254 41.82 5.10 -3.70
C ILE C 254 40.68 6.03 -3.34
N ALA C 255 39.66 6.05 -4.20
CA ALA C 255 38.45 6.84 -3.97
C ALA C 255 37.39 6.37 -4.97
N GLY C 256 36.12 6.41 -4.55
CA GLY C 256 35.06 5.99 -5.45
C GLY C 256 33.72 6.57 -5.09
N LYS C 257 32.75 6.36 -5.99
CA LYS C 257 31.37 6.84 -5.87
C LYS C 257 30.37 5.69 -5.93
N GLN C 258 29.23 5.86 -5.24
CA GLN C 258 28.12 4.93 -5.35
C GLN C 258 27.63 4.81 -6.78
N LEU C 259 27.11 3.62 -7.12
CA LEU C 259 26.59 3.39 -8.47
C LEU C 259 25.26 4.11 -8.67
N GLU C 260 24.23 3.70 -7.94
CA GLU C 260 22.91 4.33 -8.02
C GLU C 260 22.66 5.28 -6.84
N ALA D 5 16.27 -3.77 -4.72
CA ALA D 5 15.53 -3.04 -5.74
C ALA D 5 14.20 -2.49 -5.19
N GLU D 6 14.30 -1.73 -4.09
CA GLU D 6 13.15 -1.28 -3.31
C GLU D 6 12.40 -0.13 -3.99
N VAL D 7 11.18 0.09 -3.52
CA VAL D 7 10.26 1.06 -4.08
C VAL D 7 10.59 2.46 -3.52
N GLN D 8 10.56 3.48 -4.37
CA GLN D 8 10.73 4.83 -3.85
C GLN D 8 9.90 5.85 -4.64
N LEU D 9 9.47 6.87 -3.91
CA LEU D 9 8.68 7.95 -4.47
C LEU D 9 9.25 9.27 -4.00
N VAL D 10 9.49 10.21 -4.91
CA VAL D 10 10.12 11.47 -4.57
C VAL D 10 9.33 12.63 -5.19
N GLU D 11 8.52 13.30 -4.37
CA GLU D 11 7.83 14.49 -4.84
C GLU D 11 8.81 15.65 -4.95
N SER D 12 8.50 16.59 -5.84
CA SER D 12 9.22 17.85 -5.95
C SER D 12 8.25 18.88 -6.52
N GLY D 13 8.75 20.10 -6.63
CA GLY D 13 7.98 21.19 -7.19
C GLY D 13 7.38 22.12 -6.14
N GLY D 14 7.34 21.70 -4.90
CA GLY D 14 6.69 22.52 -3.89
C GLY D 14 7.35 23.87 -3.79
N ASN D 15 6.58 24.86 -3.35
CA ASN D 15 7.17 26.18 -3.42
C ASN D 15 6.19 27.22 -2.92
N LEU D 16 6.69 28.45 -2.80
CA LEU D 16 5.88 29.61 -2.49
C LEU D 16 5.13 30.07 -3.74
N VAL D 17 3.86 30.40 -3.56
CA VAL D 17 3.03 30.93 -4.62
C VAL D 17 2.03 31.84 -3.96
N GLN D 18 1.66 32.92 -4.68
CA GLN D 18 0.69 33.92 -4.23
C GLN D 18 -0.72 33.36 -4.41
N PRO D 19 -1.64 33.76 -3.54
CA PRO D 19 -3.02 33.29 -3.73
C PRO D 19 -3.42 33.51 -5.18
N GLY D 20 -4.30 32.65 -5.68
CA GLY D 20 -4.72 32.68 -7.07
C GLY D 20 -3.68 32.19 -8.04
N GLY D 21 -2.47 31.97 -7.61
CA GLY D 21 -1.45 31.47 -8.49
C GLY D 21 -1.60 29.99 -8.81
N SER D 22 -0.53 29.46 -9.36
CA SER D 22 -0.51 28.18 -10.02
C SER D 22 0.79 27.49 -9.68
N LEU D 23 0.75 26.16 -9.51
CA LEU D 23 1.94 25.39 -9.18
C LEU D 23 1.78 23.97 -9.69
N ARG D 24 2.84 23.41 -10.26
CA ARG D 24 2.84 22.06 -10.81
C ARG D 24 3.77 21.14 -10.02
N LEU D 25 3.18 20.15 -9.34
CA LEU D 25 3.96 19.22 -8.56
C LEU D 25 4.38 18.01 -9.40
N SER D 26 5.47 17.38 -8.99
CA SER D 26 5.94 16.19 -9.67
C SER D 26 6.17 15.08 -8.66
N CYS D 27 6.26 13.87 -9.18
CA CYS D 27 6.54 12.70 -8.36
C CYS D 27 7.28 11.69 -9.23
N ALA D 28 8.52 11.39 -8.83
CA ALA D 28 9.36 10.45 -9.55
C ALA D 28 9.31 9.10 -8.85
N ALA D 29 9.05 8.05 -9.60
CA ALA D 29 8.86 6.74 -9.05
C ALA D 29 9.96 5.83 -9.55
N SER D 30 10.37 4.91 -8.69
CA SER D 30 11.31 3.87 -9.05
C SER D 30 11.11 2.72 -8.09
N GLY D 31 11.61 1.55 -8.47
CA GLY D 31 11.45 0.37 -7.67
C GLY D 31 10.29 -0.51 -8.06
N PHE D 32 9.54 -0.14 -9.09
CA PHE D 32 8.38 -0.92 -9.49
C PHE D 32 7.95 -0.46 -10.87
N THR D 33 7.15 -1.28 -11.54
CA THR D 33 6.66 -0.96 -12.89
C THR D 33 5.55 0.08 -12.78
N PHE D 34 5.96 1.35 -12.72
CA PHE D 34 5.08 2.48 -12.46
C PHE D 34 3.79 2.38 -13.26
N SER D 35 3.87 1.94 -14.52
CA SER D 35 2.70 1.90 -15.38
C SER D 35 1.69 0.83 -14.98
N SER D 36 1.96 0.05 -13.93
CA SER D 36 1.06 -1.01 -13.49
C SER D 36 0.24 -0.65 -12.26
N TYR D 37 0.52 0.47 -11.60
CA TYR D 37 -0.10 0.81 -10.34
C TYR D 37 -0.88 2.11 -10.41
N SER D 38 -1.99 2.15 -9.69
CA SER D 38 -2.72 3.39 -9.48
C SER D 38 -1.94 4.24 -8.48
N MET D 39 -2.01 5.56 -8.64
CA MET D 39 -1.34 6.50 -7.73
C MET D 39 -2.31 7.51 -7.15
N ASN D 40 -1.89 8.16 -6.05
CA ASN D 40 -2.72 9.18 -5.40
C ASN D 40 -1.88 10.38 -5.02
N TRP D 41 -2.55 11.53 -4.90
CA TRP D 41 -2.03 12.66 -4.15
C TRP D 41 -2.83 12.76 -2.87
N VAL D 42 -2.14 12.86 -1.75
CA VAL D 42 -2.71 13.13 -0.44
C VAL D 42 -1.95 14.33 0.11
N ARG D 43 -2.61 15.16 0.89
CA ARG D 43 -1.93 16.34 1.42
C ARG D 43 -2.21 16.49 2.91
N GLN D 44 -1.35 17.26 3.57
CA GLN D 44 -1.50 17.54 5.01
C GLN D 44 -1.21 19.00 5.27
N ALA D 45 -2.24 19.77 5.62
CA ALA D 45 -1.99 21.10 6.13
C ALA D 45 -1.22 20.99 7.46
N PRO D 46 -0.53 22.06 7.87
CA PRO D 46 0.30 22.01 9.09
C PRO D 46 -0.55 21.78 10.34
N GLY D 47 -0.22 20.72 11.08
CA GLY D 47 -0.95 20.35 12.29
C GLY D 47 -2.37 19.82 12.06
N LYS D 48 -2.64 19.23 10.89
CA LYS D 48 -3.98 18.76 10.55
C LYS D 48 -3.94 17.32 10.03
N GLY D 49 -5.11 16.73 9.81
CA GLY D 49 -5.17 15.35 9.38
C GLY D 49 -4.80 15.19 7.91
N LEU D 50 -4.62 13.94 7.49
CA LEU D 50 -4.49 13.68 6.06
C LEU D 50 -5.78 14.05 5.35
N GLU D 51 -5.65 14.56 4.13
CA GLU D 51 -6.77 14.86 3.26
C GLU D 51 -6.45 14.28 1.89
N TRP D 52 -7.22 13.26 1.47
CA TRP D 52 -7.00 12.70 0.14
C TRP D 52 -7.32 13.76 -0.90
N VAL D 53 -6.48 13.85 -1.94
CA VAL D 53 -6.57 14.92 -2.94
C VAL D 53 -7.06 14.39 -4.29
N SER D 54 -6.35 13.43 -4.88
CA SER D 54 -6.73 12.97 -6.21
C SER D 54 -6.17 11.57 -6.48
N TYR D 55 -6.84 10.86 -7.38
CA TYR D 55 -6.45 9.50 -7.75
C TYR D 55 -6.39 9.38 -9.26
N ILE D 56 -5.53 8.48 -9.73
CA ILE D 56 -5.50 8.17 -11.15
C ILE D 56 -4.99 6.76 -11.28
N SER D 57 -5.58 6.00 -12.18
CA SER D 57 -5.37 4.59 -12.38
C SER D 57 -4.22 4.36 -13.37
N SER D 58 -3.80 3.10 -13.48
CA SER D 58 -2.58 2.75 -14.21
C SER D 58 -2.52 3.45 -15.55
N SER D 59 -3.61 3.31 -16.33
CA SER D 59 -3.74 3.71 -17.73
C SER D 59 -4.30 5.12 -17.92
N SER D 60 -4.68 5.81 -16.85
CA SER D 60 -5.31 7.12 -16.94
C SER D 60 -6.76 7.06 -17.44
N SER D 61 -7.44 5.94 -17.28
CA SER D 61 -8.83 5.84 -17.68
C SER D 61 -9.79 6.29 -16.57
N THR D 62 -9.32 6.40 -15.34
CA THR D 62 -10.16 6.71 -14.18
C THR D 62 -9.45 7.74 -13.34
N ILE D 63 -10.07 8.90 -13.16
CA ILE D 63 -9.52 9.96 -12.31
C ILE D 63 -10.56 10.38 -11.28
N TYR D 64 -10.12 10.63 -10.03
CA TYR D 64 -10.96 11.21 -8.99
C TYR D 64 -10.30 12.46 -8.41
N TYR D 65 -11.15 13.34 -7.86
CA TYR D 65 -10.70 14.55 -7.18
C TYR D 65 -11.52 14.72 -5.92
N ALA D 66 -10.86 15.13 -4.84
CA ALA D 66 -11.58 15.48 -3.62
C ALA D 66 -12.53 16.63 -3.91
N ASP D 67 -13.62 16.67 -3.15
CA ASP D 67 -14.54 17.80 -3.24
C ASP D 67 -13.80 19.15 -3.11
N SER D 68 -12.77 19.21 -2.25
CA SER D 68 -12.14 20.49 -1.94
C SER D 68 -11.33 21.05 -3.10
N VAL D 69 -10.87 20.20 -4.00
CA VAL D 69 -10.02 20.63 -5.11
C VAL D 69 -10.67 20.43 -6.46
N LYS D 70 -11.80 19.72 -6.53
CA LYS D 70 -12.47 19.48 -7.81
C LYS D 70 -12.67 20.82 -8.50
N GLY D 71 -12.23 20.90 -9.75
CA GLY D 71 -12.17 22.18 -10.41
C GLY D 71 -10.74 22.60 -10.63
N ARG D 72 -10.01 22.85 -9.55
CA ARG D 72 -8.80 23.64 -9.69
C ARG D 72 -7.57 22.81 -10.01
N PHE D 73 -7.54 21.55 -9.60
CA PHE D 73 -6.37 20.69 -9.77
C PHE D 73 -6.62 19.70 -10.90
N THR D 74 -5.54 19.29 -11.57
CA THR D 74 -5.62 18.24 -12.59
C THR D 74 -4.50 17.26 -12.39
N ILE D 75 -4.85 15.98 -12.28
CA ILE D 75 -3.87 14.92 -12.14
C ILE D 75 -3.57 14.32 -13.50
N SER D 76 -2.36 13.83 -13.65
CA SER D 76 -1.95 13.14 -14.86
C SER D 76 -0.65 12.41 -14.55
N ARG D 77 -0.19 11.64 -15.51
CA ARG D 77 0.97 10.83 -15.31
C ARG D 77 1.61 10.59 -16.67
N ASP D 78 2.91 10.34 -16.66
CA ASP D 78 3.64 9.95 -17.85
C ASP D 78 4.38 8.67 -17.51
N ASN D 79 3.92 7.56 -18.11
CA ASN D 79 4.49 6.27 -17.78
C ASN D 79 5.89 6.10 -18.36
N ALA D 80 6.18 6.70 -19.52
CA ALA D 80 7.53 6.66 -20.07
C ALA D 80 8.54 7.29 -19.11
N LYS D 81 8.23 8.46 -18.55
CA LYS D 81 9.14 9.07 -17.59
C LYS D 81 8.91 8.59 -16.15
N ASN D 82 8.14 7.53 -15.94
CA ASN D 82 7.80 7.03 -14.60
C ASN D 82 7.48 8.17 -13.62
N SER D 83 6.61 9.08 -14.06
CA SER D 83 6.29 10.24 -13.24
C SER D 83 4.79 10.46 -13.17
N LEU D 84 4.36 10.96 -12.01
CA LEU D 84 3.03 11.47 -11.72
C LEU D 84 3.10 12.98 -11.49
N TYR D 85 2.05 13.71 -11.88
CA TYR D 85 1.99 15.18 -11.76
C TYR D 85 0.66 15.63 -11.16
N LEU D 86 0.68 16.84 -10.60
CA LEU D 86 -0.52 17.51 -10.08
C LEU D 86 -0.43 18.99 -10.44
N GLN D 87 -1.27 19.44 -11.39
CA GLN D 87 -1.31 20.84 -11.79
C GLN D 87 -2.33 21.56 -10.91
N MET D 88 -1.90 22.58 -10.19
CA MET D 88 -2.83 23.32 -9.35
C MET D 88 -3.01 24.75 -9.83
N ASN D 89 -4.24 25.23 -9.83
CA ASN D 89 -4.55 26.61 -10.20
C ASN D 89 -5.49 27.18 -9.15
N SER D 90 -5.63 28.51 -9.15
CA SER D 90 -6.48 29.19 -8.18
C SER D 90 -6.12 28.81 -6.76
N LEU D 91 -4.83 28.68 -6.48
CA LEU D 91 -4.42 28.24 -5.17
C LEU D 91 -4.89 29.25 -4.13
N ARG D 92 -5.43 28.76 -3.03
CA ARG D 92 -5.78 29.61 -1.91
C ARG D 92 -4.85 29.31 -0.74
N ALA D 93 -5.06 30.07 0.34
CA ALA D 93 -4.29 29.86 1.56
C ALA D 93 -4.51 28.45 2.13
N GLU D 94 -5.76 27.97 2.08
CA GLU D 94 -6.07 26.67 2.66
C GLU D 94 -5.39 25.52 1.91
N ASP D 95 -4.83 25.75 0.73
CA ASP D 95 -4.02 24.73 0.06
C ASP D 95 -2.59 24.62 0.61
N THR D 96 -2.23 25.39 1.63
CA THR D 96 -0.90 25.26 2.21
C THR D 96 -0.79 23.93 2.94
N ALA D 97 0.17 23.10 2.54
CA ALA D 97 0.22 21.75 3.07
C ALA D 97 1.44 21.04 2.50
N VAL D 98 1.77 19.88 3.08
CA VAL D 98 2.67 18.94 2.46
C VAL D 98 1.88 18.04 1.52
N TYR D 99 2.43 17.81 0.34
CA TYR D 99 1.77 17.03 -0.71
C TYR D 99 2.56 15.73 -0.90
N TYR D 100 1.88 14.61 -0.66
CA TYR D 100 2.44 13.27 -0.73
C TYR D 100 1.99 12.55 -1.99
N CYS D 101 2.91 11.82 -2.56
CA CYS D 101 2.68 10.88 -3.64
C CYS D 101 2.58 9.48 -3.03
N ALA D 102 1.58 8.67 -3.46
CA ALA D 102 1.36 7.38 -2.83
C ALA D 102 0.93 6.33 -3.84
N ARG D 103 1.38 5.10 -3.65
CA ARG D 103 1.10 4.00 -4.58
C ARG D 103 0.01 3.11 -3.99
N VAL D 104 -1.00 2.81 -4.81
CA VAL D 104 -2.06 1.88 -4.43
C VAL D 104 -1.51 0.46 -4.55
N ALA D 105 -1.41 -0.23 -3.43
CA ALA D 105 -0.94 -1.63 -3.48
C ALA D 105 -1.48 -2.40 -2.28
N ALA D 106 -2.71 -2.91 -2.41
CA ALA D 106 -3.51 -3.33 -1.27
C ALA D 106 -3.51 -2.27 -0.18
N GLY D 107 -3.99 -1.08 -0.56
CA GLY D 107 -3.94 0.10 0.27
C GLY D 107 -2.85 1.05 -0.22
N LEU D 108 -2.73 2.17 0.48
CA LEU D 108 -1.70 3.14 0.14
C LEU D 108 -0.44 2.69 0.88
N LYS D 109 0.35 1.90 0.18
CA LYS D 109 1.43 1.14 0.79
C LYS D 109 2.78 1.87 0.76
N ASP D 110 3.03 2.66 -0.27
CA ASP D 110 4.28 3.39 -0.45
C ASP D 110 3.98 4.88 -0.54
N TRP D 111 4.65 5.66 0.31
CA TRP D 111 4.55 7.11 0.35
C TRP D 111 5.92 7.75 0.15
N GLY D 112 5.97 8.77 -0.70
CA GLY D 112 7.11 9.66 -0.76
C GLY D 112 7.22 10.49 0.50
N GLN D 113 8.22 11.37 0.53
CA GLN D 113 8.46 12.18 1.71
C GLN D 113 7.68 13.49 1.71
N GLY D 114 7.15 13.89 0.56
CA GLY D 114 6.33 15.09 0.60
C GLY D 114 7.06 16.31 0.04
N THR D 115 6.26 17.27 -0.44
CA THR D 115 6.73 18.56 -0.93
C THR D 115 5.84 19.63 -0.35
N LEU D 116 6.43 20.69 0.15
CA LEU D 116 5.69 21.66 0.91
C LEU D 116 5.27 22.79 -0.04
N VAL D 117 3.98 23.11 -0.02
CA VAL D 117 3.42 24.19 -0.81
C VAL D 117 2.89 25.23 0.14
N THR D 118 3.34 26.47 -0.03
CA THR D 118 2.90 27.61 0.76
C THR D 118 2.19 28.58 -0.18
N VAL D 119 1.04 29.07 0.25
CA VAL D 119 0.23 29.95 -0.57
C VAL D 119 -0.08 31.14 0.30
N SER D 120 0.49 32.29 -0.02
CA SER D 120 0.44 33.46 0.85
C SER D 120 0.85 34.68 0.05
N SER D 121 0.23 35.81 0.36
CA SER D 121 0.74 37.06 -0.17
C SER D 121 1.90 37.65 0.65
N ALA D 122 2.22 37.10 1.82
CA ALA D 122 3.26 37.68 2.66
C ALA D 122 4.60 37.64 1.93
N SER D 123 5.49 38.52 2.33
CA SER D 123 6.81 38.64 1.72
C SER D 123 7.87 38.06 2.64
N THR D 124 8.89 37.46 2.06
CA THR D 124 9.95 36.88 2.86
C THR D 124 10.56 37.94 3.77
N LYS D 125 10.87 37.53 5.00
CA LYS D 125 11.31 38.40 6.07
C LYS D 125 11.91 37.57 7.19
N GLY D 126 13.12 37.90 7.62
CA GLY D 126 13.76 37.20 8.70
C GLY D 126 13.17 37.59 10.05
N PRO D 127 13.49 36.79 11.07
CA PRO D 127 12.87 37.03 12.37
C PRO D 127 13.59 38.11 13.15
N SER D 128 12.80 38.80 13.97
CA SER D 128 13.31 39.45 15.18
C SER D 128 13.43 38.40 16.29
N VAL D 129 14.56 38.42 17.01
CA VAL D 129 14.84 37.50 18.11
C VAL D 129 15.02 38.30 19.39
N PHE D 130 14.11 38.12 20.34
CA PHE D 130 14.07 38.84 21.59
C PHE D 130 14.26 37.89 22.77
N PRO D 131 15.02 38.28 23.80
CA PRO D 131 15.26 37.37 24.92
C PRO D 131 14.08 37.33 25.86
N LEU D 132 13.91 36.16 26.46
CA LEU D 132 12.97 35.92 27.55
C LEU D 132 13.85 35.65 28.78
N ALA D 133 14.24 36.74 29.45
CA ALA D 133 15.30 36.67 30.44
C ALA D 133 14.84 35.96 31.70
N PRO D 134 15.68 35.09 32.27
CA PRO D 134 15.35 34.45 33.55
C PRO D 134 15.22 35.51 34.64
N SER D 135 14.13 35.43 35.39
CA SER D 135 13.86 36.40 36.45
C SER D 135 13.73 35.65 37.77
N SER D 136 12.84 36.12 38.65
CA SER D 136 12.63 35.48 39.94
C SER D 136 11.18 34.98 40.06
N THR D 139 11.39 31.92 38.98
CA THR D 139 12.43 30.98 39.40
C THR D 139 11.95 30.07 40.54
N SER D 140 10.85 29.34 40.30
CA SER D 140 10.28 28.45 41.30
C SER D 140 11.23 27.28 41.60
N GLY D 141 11.70 27.19 42.85
CA GLY D 141 12.50 26.08 43.29
C GLY D 141 13.96 26.21 42.87
N GLY D 142 14.54 25.10 42.41
CA GLY D 142 15.92 25.13 41.98
C GLY D 142 16.15 25.41 40.52
N THR D 143 15.09 25.51 39.71
CA THR D 143 15.23 25.63 38.26
C THR D 143 14.80 27.01 37.77
N ALA D 144 15.60 27.58 36.87
CA ALA D 144 15.28 28.79 36.13
C ALA D 144 14.81 28.44 34.72
N ALA D 145 13.91 29.26 34.19
CA ALA D 145 13.51 29.18 32.79
C ALA D 145 13.95 30.43 32.05
N LEU D 146 14.55 30.24 30.87
CA LEU D 146 14.87 31.35 29.97
C LEU D 146 14.53 30.94 28.55
N GLY D 147 14.46 31.92 27.65
CA GLY D 147 14.05 31.61 26.30
C GLY D 147 14.39 32.66 25.26
N CYS D 148 13.86 32.44 24.07
CA CYS D 148 14.01 33.32 22.92
C CYS D 148 12.68 33.38 22.17
N LEU D 149 12.14 34.58 22.02
CA LEU D 149 10.96 34.82 21.23
C LEU D 149 11.41 35.08 19.80
N VAL D 150 10.91 34.30 18.85
CA VAL D 150 11.32 34.36 17.45
C VAL D 150 10.10 34.83 16.66
N LYS D 151 10.09 36.09 16.30
CA LYS D 151 8.87 36.80 15.97
C LYS D 151 8.94 37.41 14.57
N ASP D 152 7.82 37.29 13.85
CA ASP D 152 7.56 37.98 12.58
C ASP D 152 8.55 37.62 11.47
N TYR D 153 8.56 36.34 11.11
CA TYR D 153 9.36 35.80 10.03
C TYR D 153 8.47 35.12 8.98
N PHE D 154 8.99 34.98 7.75
CA PHE D 154 8.22 34.36 6.68
C PHE D 154 9.15 33.85 5.60
N PRO D 155 8.95 32.63 5.07
CA PRO D 155 7.92 31.63 5.42
C PRO D 155 8.53 30.65 6.45
N GLU D 156 7.87 29.54 6.80
CA GLU D 156 8.56 28.50 7.55
C GLU D 156 9.69 27.89 6.70
N PRO D 157 10.72 27.26 7.32
CA PRO D 157 10.91 26.93 8.71
C PRO D 157 11.99 27.80 9.32
N VAL D 158 12.08 27.75 10.63
CA VAL D 158 13.14 28.40 11.36
C VAL D 158 13.69 27.35 12.30
N THR D 159 15.01 27.27 12.43
CA THR D 159 15.63 26.35 13.36
C THR D 159 16.25 27.12 14.53
N VAL D 160 16.11 26.57 15.73
CA VAL D 160 16.64 27.17 16.95
C VAL D 160 17.47 26.14 17.70
N SER D 161 18.68 26.51 18.05
CA SER D 161 19.49 25.70 18.95
C SER D 161 19.92 26.56 20.12
N TRP D 162 20.43 25.92 21.16
CA TRP D 162 20.94 26.62 22.34
C TRP D 162 22.41 26.29 22.52
N ASN D 163 23.21 27.34 22.78
CA ASN D 163 24.66 27.20 22.95
C ASN D 163 25.26 26.35 21.84
N SER D 164 24.90 26.68 20.59
CA SER D 164 25.41 26.02 19.39
C SER D 164 25.16 24.51 19.43
N GLY D 165 24.09 24.08 20.09
CA GLY D 165 23.77 22.67 20.23
C GLY D 165 24.37 21.98 21.43
N ALA D 166 25.21 22.66 22.22
CA ALA D 166 25.71 22.00 23.41
C ALA D 166 24.64 21.87 24.48
N LEU D 167 23.55 22.62 24.39
CA LEU D 167 22.48 22.55 25.38
C LEU D 167 21.24 22.03 24.68
N THR D 168 20.80 20.83 25.05
CA THR D 168 19.63 20.21 24.46
C THR D 168 18.67 19.72 25.54
N SER D 169 19.21 19.39 26.71
CA SER D 169 18.36 18.90 27.78
C SER D 169 17.49 20.04 28.30
N GLY D 170 16.19 19.78 28.42
CA GLY D 170 15.27 20.80 28.91
C GLY D 170 14.80 21.81 27.86
N VAL D 171 15.21 21.67 26.60
CA VAL D 171 14.82 22.62 25.55
C VAL D 171 13.42 22.27 25.06
N HIS D 172 12.57 23.28 24.96
CA HIS D 172 11.22 23.17 24.42
C HIS D 172 11.08 24.27 23.37
N THR D 173 11.22 23.92 22.10
CA THR D 173 10.94 24.84 21.00
C THR D 173 9.52 24.63 20.51
N PHE D 174 8.69 25.65 20.62
CA PHE D 174 7.27 25.52 20.41
C PHE D 174 6.92 25.57 18.92
N PRO D 175 5.75 25.04 18.55
CA PRO D 175 5.30 25.15 17.16
C PRO D 175 5.05 26.60 16.75
N ALA D 176 5.54 26.94 15.57
CA ALA D 176 5.27 28.27 15.06
C ALA D 176 3.78 28.44 14.84
N VAL D 177 3.24 29.57 15.30
CA VAL D 177 1.87 29.95 15.01
C VAL D 177 1.90 31.02 13.92
N LEU D 178 1.01 30.88 12.94
CA LEU D 178 0.83 31.85 11.87
C LEU D 178 -0.08 32.96 12.35
N GLN D 179 0.44 34.19 12.42
CA GLN D 179 -0.26 35.33 12.98
C GLN D 179 -1.11 36.03 11.93
N SER D 180 -2.01 36.90 12.42
CA SER D 180 -2.97 37.56 11.54
C SER D 180 -2.30 38.45 10.51
N SER D 181 -1.05 38.84 10.74
CA SER D 181 -0.29 39.61 9.78
C SER D 181 0.22 38.76 8.62
N GLY D 182 0.15 37.44 8.71
CA GLY D 182 0.80 36.59 7.74
C GLY D 182 2.22 36.19 8.08
N LEU D 183 2.76 36.66 9.19
CA LEU D 183 4.07 36.23 9.62
C LEU D 183 3.93 35.19 10.71
N TYR D 184 4.89 34.27 10.75
CA TYR D 184 4.98 33.25 11.78
C TYR D 184 5.71 33.78 13.03
N SER D 185 5.52 33.07 14.13
CA SER D 185 6.07 33.47 15.42
C SER D 185 6.11 32.26 16.32
N LEU D 186 7.21 32.09 17.06
CA LEU D 186 7.33 30.99 18.00
C LEU D 186 8.32 31.37 19.09
N SER D 187 8.34 30.56 20.16
CA SER D 187 9.29 30.69 21.24
C SER D 187 10.05 29.39 21.40
N SER D 188 11.24 29.53 21.96
CA SER D 188 12.05 28.41 22.40
C SER D 188 12.51 28.68 23.81
N VAL D 189 12.27 27.73 24.71
CA VAL D 189 12.60 27.92 26.12
C VAL D 189 13.37 26.72 26.65
N VAL D 190 14.13 26.97 27.71
CA VAL D 190 15.00 25.96 28.28
C VAL D 190 15.02 26.18 29.78
N THR D 191 14.86 25.10 30.55
CA THR D 191 15.05 25.18 31.99
C THR D 191 16.44 24.71 32.35
N VAL D 192 17.04 25.43 33.29
CA VAL D 192 18.42 25.20 33.70
C VAL D 192 18.51 25.39 35.20
N PRO D 193 19.59 24.91 35.81
CA PRO D 193 19.73 25.09 37.26
C PRO D 193 19.93 26.57 37.55
N SER D 194 19.07 27.11 38.43
CA SER D 194 19.14 28.54 38.72
C SER D 194 20.52 28.97 39.23
N SER D 195 21.26 28.05 39.87
CA SER D 195 22.60 28.38 40.35
C SER D 195 23.56 28.73 39.22
N SER D 196 23.24 28.37 37.99
CA SER D 196 24.13 28.59 36.86
C SER D 196 23.95 29.95 36.20
N LEU D 197 22.90 30.70 36.54
CA LEU D 197 22.63 31.95 35.84
C LEU D 197 23.81 32.93 35.91
N GLY D 198 24.59 32.89 36.98
CA GLY D 198 25.70 33.82 37.11
C GLY D 198 27.01 33.33 36.51
N THR D 199 27.11 32.03 36.23
CA THR D 199 28.34 31.45 35.70
C THR D 199 28.24 31.01 34.24
N GLN D 200 27.04 30.65 33.77
CA GLN D 200 26.82 30.09 32.44
C GLN D 200 26.22 31.14 31.50
N THR D 201 26.76 31.25 30.29
CA THR D 201 26.17 32.11 29.26
C THR D 201 25.27 31.27 28.36
N TYR D 202 24.05 31.76 28.14
CA TYR D 202 23.05 31.11 27.34
C TYR D 202 22.80 31.93 26.08
N ILE D 203 22.99 31.29 24.93
CA ILE D 203 22.76 31.91 23.62
C ILE D 203 21.83 31.02 22.81
N CYS D 204 20.73 31.58 22.34
CA CYS D 204 19.89 30.88 21.39
C CYS D 204 20.33 31.24 19.98
N ASN D 205 20.56 30.22 19.16
CA ASN D 205 21.04 30.40 17.80
C ASN D 205 19.87 30.13 16.85
N VAL D 206 19.40 31.20 16.21
CA VAL D 206 18.26 31.13 15.32
C VAL D 206 18.76 31.18 13.90
N ASN D 207 18.21 30.35 13.03
CA ASN D 207 18.61 30.30 11.64
C ASN D 207 17.35 30.24 10.79
N HIS D 208 17.22 31.17 9.86
CA HIS D 208 16.09 31.26 8.95
C HIS D 208 16.69 31.24 7.55
N LYS D 209 16.84 30.04 6.99
CA LYS D 209 17.50 29.91 5.68
C LYS D 209 16.82 30.75 4.61
N PRO D 210 15.49 30.77 4.47
CA PRO D 210 14.86 31.54 3.37
C PRO D 210 15.30 32.99 3.27
N SER D 211 15.53 33.68 4.37
CA SER D 211 15.99 35.05 4.33
C SER D 211 17.49 35.17 4.61
N ASN D 212 18.19 34.04 4.72
CA ASN D 212 19.61 34.03 5.09
C ASN D 212 19.88 34.83 6.36
N THR D 213 18.91 34.86 7.27
CA THR D 213 19.09 35.50 8.56
C THR D 213 19.64 34.48 9.56
N LYS D 214 20.62 34.92 10.34
CA LYS D 214 21.15 34.17 11.47
C LYS D 214 21.32 35.14 12.64
N VAL D 215 20.79 34.76 13.81
CA VAL D 215 20.89 35.59 15.01
C VAL D 215 21.35 34.72 16.17
N ASP D 216 22.31 35.23 16.93
CA ASP D 216 22.86 34.58 18.11
C ASP D 216 22.58 35.56 19.25
N LYS D 217 21.54 35.30 20.02
CA LYS D 217 21.06 36.24 21.02
C LYS D 217 21.41 35.72 22.40
N ARG D 218 22.26 36.45 23.11
CA ARG D 218 22.56 36.13 24.50
C ARG D 218 21.33 36.37 25.34
N VAL D 219 21.06 35.48 26.30
CA VAL D 219 19.91 35.62 27.18
C VAL D 219 20.42 35.67 28.61
N GLU D 220 20.39 36.85 29.22
CA GLU D 220 20.94 36.97 30.57
C GLU D 220 19.95 37.62 31.52
N PRO D 221 20.18 37.50 32.83
CA PRO D 221 19.10 37.72 33.80
C PRO D 221 18.65 39.17 34.00
N LYS D 222 19.33 40.16 33.41
CA LYS D 222 18.84 41.56 33.44
C LYS D 222 19.16 42.27 34.76
N GLU E 1 -22.36 9.68 -1.15
CA GLU E 1 -21.13 10.10 -0.49
C GLU E 1 -20.84 9.26 0.71
N ILE E 2 -19.57 9.19 1.06
CA ILE E 2 -19.09 8.42 2.19
C ILE E 2 -18.27 9.36 3.06
N VAL E 3 -18.65 9.47 4.33
CA VAL E 3 -17.85 10.16 5.36
C VAL E 3 -17.39 9.15 6.39
N LEU E 4 -16.11 9.21 6.76
CA LEU E 4 -15.51 8.36 7.79
C LEU E 4 -15.29 9.16 9.07
N THR E 5 -15.88 8.72 10.18
CA THR E 5 -15.73 9.40 11.46
C THR E 5 -14.99 8.50 12.45
N GLN E 6 -13.87 8.98 12.96
CA GLN E 6 -13.08 8.20 13.90
C GLN E 6 -13.42 8.57 15.33
N SER E 7 -13.14 7.66 16.24
CA SER E 7 -13.31 8.02 17.63
C SER E 7 -12.55 7.04 18.49
N PRO E 8 -12.15 7.46 19.70
CA PRO E 8 -12.29 8.84 20.20
C PRO E 8 -11.22 9.80 19.61
N GLY E 9 -11.28 11.09 19.93
CA GLY E 9 -10.26 12.02 19.46
C GLY E 9 -8.88 11.69 20.02
N THR E 10 -8.79 11.49 21.33
CA THR E 10 -7.54 11.10 21.97
C THR E 10 -7.74 9.89 22.86
N LEU E 11 -6.87 8.90 22.71
CA LEU E 11 -6.84 7.73 23.57
C LEU E 11 -5.57 7.79 24.43
N SER E 12 -5.76 7.85 25.76
CA SER E 12 -4.66 7.95 26.73
C SER E 12 -4.48 6.62 27.47
N LEU E 13 -3.40 5.91 27.15
CA LEU E 13 -3.16 4.57 27.64
C LEU E 13 -1.72 4.46 28.13
N SER E 14 -1.51 3.54 29.09
CA SER E 14 -0.12 3.29 29.46
C SER E 14 0.49 2.26 28.53
N PRO E 15 1.80 2.29 28.36
CA PRO E 15 2.48 1.21 27.66
C PRO E 15 2.07 -0.14 28.24
N GLY E 16 2.05 -1.16 27.37
CA GLY E 16 1.56 -2.47 27.76
C GLY E 16 0.06 -2.63 27.60
N GLU E 17 -0.72 -1.57 27.86
CA GLU E 17 -2.17 -1.67 27.83
C GLU E 17 -2.67 -1.99 26.41
N ARG E 18 -3.98 -2.26 26.31
CA ARG E 18 -4.63 -2.60 25.05
C ARG E 18 -5.36 -1.39 24.50
N ALA E 19 -5.17 -1.10 23.21
CA ALA E 19 -5.76 0.06 22.57
C ALA E 19 -6.80 -0.36 21.55
N THR E 20 -7.98 0.27 21.60
CA THR E 20 -9.09 -0.01 20.69
C THR E 20 -9.59 1.28 20.03
N LEU E 21 -9.34 1.43 18.73
CA LEU E 21 -9.76 2.59 17.95
C LEU E 21 -10.93 2.28 17.00
N SER E 22 -11.80 3.26 16.77
CA SER E 22 -13.04 3.09 16.01
C SER E 22 -13.09 3.97 14.77
N CYS E 23 -13.61 3.39 13.68
CA CYS E 23 -13.89 4.09 12.43
C CYS E 23 -15.33 3.78 12.04
N ARG E 24 -16.16 4.80 11.94
CA ARG E 24 -17.56 4.65 11.58
C ARG E 24 -17.79 5.23 10.19
N ALA E 25 -18.42 4.45 9.31
CA ALA E 25 -18.70 4.90 7.95
C ALA E 25 -20.13 5.43 7.86
N SER E 26 -20.34 6.49 7.05
CA SER E 26 -21.68 7.05 6.94
C SER E 26 -22.65 6.10 6.21
N GLN E 27 -22.14 5.22 5.36
CA GLN E 27 -22.93 4.17 4.72
C GLN E 27 -22.18 2.86 4.86
N SER E 28 -22.85 1.76 4.54
CA SER E 28 -22.16 0.48 4.51
C SER E 28 -21.07 0.48 3.45
N ILE E 29 -19.91 -0.09 3.77
CA ILE E 29 -18.84 -0.21 2.79
C ILE E 29 -18.37 -1.66 2.77
N SER E 30 -17.79 -2.04 1.64
CA SER E 30 -17.08 -3.32 1.57
C SER E 30 -15.90 -3.36 2.55
N SER E 31 -15.78 -4.45 3.29
CA SER E 31 -14.63 -4.62 4.14
C SER E 31 -13.33 -4.66 3.34
N SER E 32 -13.42 -4.96 2.04
CA SER E 32 -12.21 -5.00 1.22
C SER E 32 -11.49 -3.67 1.22
N TYR E 33 -12.19 -2.59 1.50
CA TYR E 33 -11.67 -1.28 1.16
C TYR E 33 -11.56 -0.34 2.37
N LEU E 34 -11.42 -0.89 3.59
CA LEU E 34 -11.11 -0.07 4.75
C LEU E 34 -9.66 -0.32 5.18
N ALA E 35 -8.88 0.77 5.31
CA ALA E 35 -7.44 0.67 5.63
C ALA E 35 -7.10 1.54 6.82
N TRP E 36 -6.07 1.14 7.58
CA TRP E 36 -5.58 1.94 8.70
C TRP E 36 -4.13 2.34 8.49
N TYR E 37 -3.83 3.58 8.80
CA TYR E 37 -2.50 4.16 8.67
C TYR E 37 -2.06 4.68 10.03
N GLN E 38 -0.75 4.65 10.26
CA GLN E 38 -0.12 5.24 11.43
C GLN E 38 0.74 6.44 11.03
N GLN E 39 0.73 7.50 11.83
CA GLN E 39 1.63 8.62 11.54
C GLN E 39 2.23 9.25 12.79
N LYS E 40 3.52 9.50 12.74
CA LYS E 40 4.32 10.12 13.78
C LYS E 40 4.83 11.47 13.29
N PRO E 41 5.04 12.42 14.22
CA PRO E 41 5.52 13.75 13.81
C PRO E 41 6.72 13.65 12.88
N GLY E 42 6.71 14.48 11.84
CA GLY E 42 7.80 14.51 10.89
C GLY E 42 7.92 13.32 9.97
N GLN E 43 6.95 12.40 9.95
CA GLN E 43 7.06 11.21 9.10
C GLN E 43 5.89 11.10 8.13
N ALA E 44 6.14 10.42 7.03
CA ALA E 44 5.06 10.07 6.13
C ALA E 44 4.14 9.03 6.79
N PRO E 45 2.85 9.02 6.44
CA PRO E 45 1.97 7.95 6.93
C PRO E 45 2.51 6.59 6.55
N ARG E 46 2.12 5.60 7.35
CA ARG E 46 2.51 4.21 7.16
C ARG E 46 1.27 3.34 7.22
N LEU E 47 1.14 2.45 6.23
CA LEU E 47 0.00 1.55 6.14
C LEU E 47 0.12 0.42 7.18
N LEU E 48 -0.82 0.38 8.12
CA LEU E 48 -0.92 -0.71 9.10
C LEU E 48 -1.78 -1.86 8.57
N ILE E 49 -3.08 -1.62 8.41
CA ILE E 49 -4.05 -2.65 8.05
C ILE E 49 -4.68 -2.31 6.70
N PHE E 50 -4.77 -3.30 5.83
CA PHE E 50 -5.55 -3.17 4.61
C PHE E 50 -6.64 -4.25 4.57
N GLY E 51 -7.65 -4.01 3.73
CA GLY E 51 -8.77 -4.95 3.63
C GLY E 51 -9.48 -5.22 4.95
N ALA E 52 -9.59 -4.20 5.81
CA ALA E 52 -10.25 -4.28 7.12
C ALA E 52 -9.49 -5.10 8.17
N SER E 53 -8.87 -6.23 7.79
CA SER E 53 -8.22 -7.07 8.80
C SER E 53 -6.86 -7.66 8.43
N SER E 54 -6.26 -7.30 7.30
CA SER E 54 -5.00 -7.88 6.87
C SER E 54 -3.84 -6.91 7.16
N ARG E 55 -2.80 -7.43 7.77
CA ARG E 55 -1.64 -6.61 8.07
C ARG E 55 -0.79 -6.38 6.83
N ALA E 56 -0.31 -5.15 6.68
CA ALA E 56 0.63 -4.83 5.62
C ALA E 56 1.97 -5.52 5.87
N THR E 57 2.74 -5.64 4.79
CA THR E 57 4.01 -6.33 4.80
C THR E 57 4.89 -5.81 5.92
N GLY E 58 5.37 -6.72 6.75
CA GLY E 58 6.32 -6.36 7.80
C GLY E 58 5.75 -5.72 9.03
N ILE E 59 4.44 -5.78 9.24
CA ILE E 59 3.76 -5.04 10.28
C ILE E 59 3.59 -5.94 11.49
N PRO E 60 3.99 -5.54 12.70
CA PRO E 60 3.99 -6.46 13.83
C PRO E 60 2.59 -7.02 14.07
N ASP E 61 2.55 -8.18 14.72
CA ASP E 61 1.32 -8.94 14.91
C ASP E 61 0.39 -8.33 15.95
N ARG E 62 0.85 -7.37 16.75
CA ARG E 62 -0.01 -6.82 17.80
C ARG E 62 -1.06 -5.88 17.23
N PHE E 63 -0.93 -5.47 15.96
CA PHE E 63 -1.92 -4.65 15.28
C PHE E 63 -2.91 -5.57 14.57
N SER E 64 -4.17 -5.51 14.96
CA SER E 64 -5.22 -6.26 14.28
C SER E 64 -6.40 -5.32 14.00
N GLY E 65 -7.12 -5.64 12.94
CA GLY E 65 -8.30 -4.89 12.58
C GLY E 65 -9.49 -5.82 12.45
N SER E 66 -10.66 -5.25 12.69
CA SER E 66 -11.88 -6.01 12.51
C SER E 66 -13.00 -5.05 12.14
N GLY E 67 -14.18 -5.61 11.90
CA GLY E 67 -15.38 -4.85 11.64
C GLY E 67 -15.95 -5.15 10.26
N SER E 68 -17.17 -4.65 10.06
CA SER E 68 -17.87 -4.78 8.78
C SER E 68 -18.96 -3.74 8.75
N GLY E 69 -19.56 -3.60 7.56
CA GLY E 69 -20.69 -2.69 7.41
C GLY E 69 -20.27 -1.23 7.55
N THR E 70 -20.68 -0.60 8.65
CA THR E 70 -20.36 0.79 8.94
C THR E 70 -19.37 0.96 10.09
N GLY E 71 -19.03 -0.11 10.81
CA GLY E 71 -18.19 -0.06 12.00
C GLY E 71 -16.90 -0.88 11.92
N PHE E 72 -15.76 -0.23 12.06
CA PHE E 72 -14.49 -0.93 11.97
C PHE E 72 -13.63 -0.58 13.16
N THR E 73 -12.69 -1.48 13.47
CA THR E 73 -11.95 -1.35 14.71
C THR E 73 -10.48 -1.65 14.47
N LEU E 74 -9.62 -0.85 15.06
CA LEU E 74 -8.17 -1.13 15.07
C LEU E 74 -7.79 -1.40 16.51
N THR E 75 -7.22 -2.58 16.74
CA THR E 75 -6.83 -3.02 18.07
C THR E 75 -5.32 -3.14 18.11
N ILE E 76 -4.70 -2.50 19.10
CA ILE E 76 -3.31 -2.76 19.46
C ILE E 76 -3.31 -3.55 20.76
N SER E 77 -2.84 -4.82 20.70
CA SER E 77 -2.96 -5.73 21.85
C SER E 77 -2.15 -5.25 23.05
N ARG E 78 -0.84 -5.06 22.88
CA ARG E 78 0.05 -4.51 23.90
C ARG E 78 0.78 -3.31 23.32
N LEU E 79 0.59 -2.14 23.94
CA LEU E 79 1.12 -0.90 23.38
C LEU E 79 2.61 -0.79 23.72
N GLU E 80 3.47 -1.07 22.74
CA GLU E 80 4.88 -0.69 22.78
C GLU E 80 5.03 0.85 22.74
N PRO E 81 6.25 1.38 22.99
CA PRO E 81 6.39 2.85 23.05
C PRO E 81 6.39 3.50 21.66
N GLU E 82 6.93 2.79 20.65
CA GLU E 82 6.89 3.26 19.27
C GLU E 82 5.48 3.26 18.65
N ASP E 83 4.44 2.90 19.41
CA ASP E 83 3.08 2.80 18.91
C ASP E 83 2.25 4.02 19.25
N PHE E 84 2.74 4.86 20.15
CA PHE E 84 2.04 6.09 20.49
C PHE E 84 2.21 7.05 19.31
N ALA E 85 1.10 7.36 18.66
CA ALA E 85 1.11 8.05 17.37
C ALA E 85 -0.32 8.45 17.04
N VAL E 86 -0.50 9.02 15.82
CA VAL E 86 -1.81 9.35 15.27
C VAL E 86 -2.20 8.25 14.28
N TYR E 87 -3.47 7.84 14.32
CA TYR E 87 -3.99 6.74 13.50
C TYR E 87 -5.16 7.23 12.66
N TYR E 88 -5.16 6.88 11.37
CA TYR E 88 -6.22 7.25 10.43
C TYR E 88 -6.77 6.00 9.75
N CYS E 89 -8.08 6.01 9.53
CA CYS E 89 -8.74 5.04 8.66
C CYS E 89 -9.06 5.70 7.33
N GLN E 90 -9.25 4.88 6.31
CA GLN E 90 -9.38 5.36 4.94
C GLN E 90 -10.25 4.40 4.15
N HIS E 91 -11.12 4.95 3.33
CA HIS E 91 -11.90 4.19 2.36
C HIS E 91 -11.19 4.33 1.01
N TYR E 92 -10.85 3.20 0.39
CA TYR E 92 -10.08 3.27 -0.86
C TYR E 92 -10.66 2.36 -1.94
N ASP E 93 -11.96 2.12 -1.89
CA ASP E 93 -12.66 1.41 -2.96
C ASP E 93 -12.29 2.02 -4.31
N SER E 94 -11.76 1.20 -5.23
CA SER E 94 -11.28 1.82 -6.47
C SER E 94 -12.40 2.35 -7.38
N SER E 95 -13.67 2.13 -7.05
CA SER E 95 -14.74 2.61 -7.90
C SER E 95 -15.37 3.91 -7.40
N LEU E 96 -14.71 4.59 -6.46
CA LEU E 96 -15.24 5.77 -5.79
C LEU E 96 -14.07 6.65 -5.35
N PRO E 97 -14.17 7.95 -5.50
CA PRO E 97 -13.22 8.82 -4.79
C PRO E 97 -13.07 8.32 -3.37
N MET E 98 -11.85 8.41 -2.84
CA MET E 98 -11.51 7.91 -1.53
C MET E 98 -11.67 9.01 -0.48
N THR E 99 -11.52 8.64 0.79
CA THR E 99 -11.63 9.60 1.88
C THR E 99 -10.92 9.06 3.10
N PHE E 100 -10.37 9.96 3.90
CA PHE E 100 -9.75 9.63 5.18
C PHE E 100 -10.66 10.07 6.32
N GLY E 101 -10.67 9.31 7.40
CA GLY E 101 -11.22 9.84 8.65
C GLY E 101 -10.34 10.93 9.24
N GLN E 102 -10.84 11.58 10.28
CA GLN E 102 -10.11 12.72 10.82
C GLN E 102 -8.98 12.33 11.78
N GLY E 103 -8.89 11.05 12.15
CA GLY E 103 -7.76 10.53 12.90
C GLY E 103 -7.90 10.57 14.42
N THR E 104 -7.17 9.65 15.07
CA THR E 104 -7.17 9.50 16.52
C THR E 104 -5.73 9.47 17.03
N LYS E 105 -5.52 10.10 18.16
CA LYS E 105 -4.19 10.16 18.77
C LYS E 105 -4.17 9.23 19.95
N VAL E 106 -3.24 8.27 19.95
CA VAL E 106 -2.97 7.48 21.14
C VAL E 106 -1.72 8.09 21.77
N GLU E 107 -1.96 8.86 22.83
CA GLU E 107 -0.92 9.45 23.67
C GLU E 107 -0.65 8.54 24.87
N ILE E 108 0.52 8.77 25.48
CA ILE E 108 0.97 8.01 26.64
C ILE E 108 0.33 8.59 27.89
N LYS E 109 -0.49 7.79 28.59
CA LYS E 109 -0.99 8.20 29.90
C LYS E 109 0.08 7.95 30.95
N ARG E 110 0.29 8.92 31.84
CA ARG E 110 1.30 8.84 32.89
C ARG E 110 0.70 9.46 34.15
N THR E 111 1.45 9.44 35.24
CA THR E 111 1.02 10.10 36.47
C THR E 111 0.74 11.58 36.20
N VAL E 112 -0.30 12.12 36.83
CA VAL E 112 -0.53 13.55 36.78
C VAL E 112 0.76 14.29 37.16
N ALA E 113 0.97 15.46 36.55
CA ALA E 113 2.10 16.32 36.89
C ALA E 113 1.68 17.75 36.66
N ALA E 114 1.79 18.58 37.68
CA ALA E 114 1.43 19.98 37.54
C ALA E 114 2.52 20.74 36.80
N PRO E 115 2.14 21.82 36.12
CA PRO E 115 3.13 22.64 35.40
C PRO E 115 3.90 23.55 36.35
N SER E 116 5.20 23.68 36.07
CA SER E 116 5.97 24.81 36.59
C SER E 116 5.67 26.01 35.70
N VAL E 117 4.88 26.93 36.19
CA VAL E 117 4.57 28.18 35.49
C VAL E 117 5.74 29.16 35.61
N PHE E 118 5.92 29.97 34.56
CA PHE E 118 6.85 31.09 34.54
C PHE E 118 6.22 32.21 33.72
N ILE E 119 6.46 33.45 34.12
CA ILE E 119 6.01 34.61 33.37
C ILE E 119 7.23 35.40 32.90
N PHE E 120 7.12 35.99 31.72
CA PHE E 120 8.24 36.68 31.09
C PHE E 120 7.83 38.08 30.67
N PRO E 121 8.40 39.11 31.28
CA PRO E 121 8.10 40.47 30.83
C PRO E 121 8.60 40.70 29.42
N PRO E 122 8.05 41.69 28.71
CA PRO E 122 8.57 41.99 27.37
C PRO E 122 9.98 42.53 27.49
N SER E 123 10.89 42.05 26.63
CA SER E 123 12.27 42.53 26.65
C SER E 123 12.34 44.01 26.32
N ASP E 124 13.31 44.69 26.93
CA ASP E 124 13.50 46.10 26.60
C ASP E 124 13.70 46.27 25.10
N GLU E 125 14.53 45.41 24.50
CA GLU E 125 14.75 45.52 23.06
C GLU E 125 13.44 45.46 22.28
N GLN E 126 12.52 44.53 22.63
CA GLN E 126 11.27 44.46 21.87
C GLN E 126 10.42 45.71 22.03
N LEU E 127 10.45 46.33 23.23
CA LEU E 127 9.70 47.57 23.44
C LEU E 127 10.10 48.64 22.41
N LYS E 128 11.41 48.78 22.12
CA LYS E 128 11.84 49.72 21.11
C LYS E 128 11.11 49.52 19.79
N SER E 129 10.76 48.28 19.46
CA SER E 129 10.01 48.02 18.23
C SER E 129 8.54 48.46 18.30
N GLY E 130 8.07 49.00 19.44
CA GLY E 130 6.69 49.42 19.54
C GLY E 130 5.68 48.33 19.85
N THR E 131 6.12 47.12 20.20
CA THR E 131 5.24 46.00 20.54
C THR E 131 5.73 45.34 21.82
N ALA E 132 4.79 44.73 22.54
CA ALA E 132 5.10 44.04 23.79
C ALA E 132 4.46 42.67 23.77
N SER E 133 5.28 41.63 23.81
CA SER E 133 4.83 40.27 23.98
C SER E 133 5.08 39.86 25.42
N VAL E 134 4.05 39.37 26.10
CA VAL E 134 4.17 38.81 27.43
C VAL E 134 4.00 37.31 27.29
N VAL E 135 4.93 36.55 27.88
CA VAL E 135 4.97 35.10 27.66
C VAL E 135 4.78 34.36 28.98
N CYS E 136 3.80 33.48 29.00
CA CYS E 136 3.57 32.56 30.11
C CYS E 136 3.91 31.15 29.68
N LEU E 137 4.76 30.49 30.45
CA LEU E 137 5.25 29.16 30.15
C LEU E 137 4.66 28.17 31.15
N LEU E 138 3.98 27.15 30.64
CA LEU E 138 3.55 26.01 31.44
C LEU E 138 4.47 24.83 31.11
N ASN E 139 5.34 24.46 32.04
CA ASN E 139 6.43 23.55 31.73
C ASN E 139 6.20 22.17 32.32
N ASN E 140 6.39 21.15 31.50
CA ASN E 140 6.45 19.74 31.90
C ASN E 140 5.24 19.29 32.74
N PHE E 141 4.06 19.31 32.12
CA PHE E 141 2.84 18.92 32.80
C PHE E 141 2.13 17.77 32.08
N TYR E 142 1.16 17.18 32.80
CA TYR E 142 0.27 16.12 32.31
C TYR E 142 -0.94 15.97 33.22
N PRO E 143 -2.13 15.71 32.67
CA PRO E 143 -2.49 15.56 31.25
C PRO E 143 -2.51 16.89 30.48
N ARG E 144 -2.71 16.84 29.16
CA ARG E 144 -2.49 18.00 28.30
C ARG E 144 -3.53 19.09 28.48
N GLU E 145 -4.66 18.77 29.09
CA GLU E 145 -5.68 19.80 29.28
C GLU E 145 -5.14 20.87 30.21
N ALA E 146 -5.27 22.13 29.83
CA ALA E 146 -4.75 23.24 30.63
C ALA E 146 -5.37 24.54 30.12
N LYS E 147 -5.71 25.43 31.05
CA LYS E 147 -6.40 26.67 30.76
C LYS E 147 -5.57 27.81 31.31
N VAL E 148 -5.20 28.77 30.46
CA VAL E 148 -4.43 29.93 30.85
C VAL E 148 -5.28 31.17 30.60
N GLN E 149 -5.34 32.04 31.57
CA GLN E 149 -6.10 33.26 31.47
C GLN E 149 -5.16 34.42 31.79
N TRP E 150 -5.26 35.47 30.98
CA TRP E 150 -4.47 36.66 31.17
C TRP E 150 -5.31 37.72 31.86
N LYS E 151 -4.67 38.48 32.76
CA LYS E 151 -5.32 39.58 33.46
C LYS E 151 -4.33 40.73 33.56
N VAL E 152 -4.74 41.91 33.10
CA VAL E 152 -3.92 43.11 33.14
C VAL E 152 -4.62 44.12 34.05
N ASP E 153 -3.96 44.49 35.15
CA ASP E 153 -4.59 45.31 36.18
C ASP E 153 -5.96 44.75 36.55
N ASN E 154 -5.99 43.44 36.78
CA ASN E 154 -7.20 42.73 37.18
C ASN E 154 -8.18 42.52 36.04
N ALA E 155 -8.08 43.34 34.99
CA ALA E 155 -8.94 43.15 33.82
C ALA E 155 -8.56 41.85 33.09
N LEU E 156 -9.57 41.02 32.83
CA LEU E 156 -9.36 39.83 32.02
C LEU E 156 -9.09 40.22 30.57
N GLN E 157 -8.40 39.34 29.85
CA GLN E 157 -8.11 39.54 28.43
C GLN E 157 -8.71 38.39 27.64
N SER E 158 -9.22 38.71 26.45
CA SER E 158 -9.58 37.70 25.47
C SER E 158 -9.35 38.28 24.08
N GLY E 159 -8.94 37.41 23.16
CA GLY E 159 -8.66 37.83 21.81
C GLY E 159 -7.19 38.11 21.52
N ASN E 160 -6.47 38.66 22.49
CA ASN E 160 -5.12 39.17 22.25
C ASN E 160 -4.02 38.21 22.70
N SER E 161 -4.25 36.89 22.58
CA SER E 161 -3.26 35.92 23.02
C SER E 161 -3.36 34.64 22.19
N GLN E 162 -2.19 34.05 21.92
CA GLN E 162 -2.05 32.78 21.23
C GLN E 162 -1.50 31.73 22.19
N GLU E 163 -1.77 30.48 21.87
CA GLU E 163 -1.28 29.37 22.67
C GLU E 163 -0.59 28.39 21.75
N SER E 164 0.44 27.74 22.26
CA SER E 164 1.17 26.76 21.50
C SER E 164 1.65 25.69 22.48
N VAL E 165 1.77 24.45 21.99
CA VAL E 165 2.16 23.35 22.87
C VAL E 165 3.08 22.39 22.13
N THR E 166 3.97 21.77 22.91
CA THR E 166 4.92 20.83 22.35
C THR E 166 4.25 19.45 22.18
N GLU E 167 4.90 18.59 21.42
CA GLU E 167 4.54 17.19 21.43
C GLU E 167 4.90 16.58 22.77
N GLN E 168 4.18 15.53 23.14
CA GLN E 168 4.50 14.80 24.37
C GLN E 168 5.99 14.48 24.42
N ASP E 169 6.62 14.77 25.53
CA ASP E 169 8.06 14.59 25.61
C ASP E 169 8.46 13.11 25.54
N SER E 170 9.48 12.83 24.73
CA SER E 170 9.91 11.44 24.54
C SER E 170 10.70 10.88 25.72
N LYS E 171 10.97 11.63 26.78
CA LYS E 171 11.60 11.02 27.93
C LYS E 171 10.73 11.02 29.19
N ASP E 172 9.84 12.00 29.35
CA ASP E 172 8.98 12.00 30.52
C ASP E 172 7.49 12.14 30.22
N SER E 173 7.09 12.12 28.95
CA SER E 173 5.69 12.08 28.50
C SER E 173 4.86 13.25 29.01
N THR E 174 5.48 14.37 29.35
CA THR E 174 4.74 15.56 29.74
C THR E 174 4.57 16.49 28.55
N TYR E 175 3.72 17.49 28.72
CA TYR E 175 3.57 18.57 27.75
C TYR E 175 4.19 19.86 28.29
N SER E 176 4.45 20.78 27.37
CA SER E 176 4.74 22.17 27.70
C SER E 176 3.93 23.07 26.77
N LEU E 177 3.50 24.19 27.31
CA LEU E 177 2.65 25.11 26.57
C LEU E 177 3.18 26.51 26.82
N SER E 178 2.99 27.36 25.83
CA SER E 178 3.29 28.78 25.93
C SER E 178 2.05 29.55 25.54
N SER E 179 1.66 30.50 26.37
CA SER E 179 0.69 31.50 26.01
C SER E 179 1.40 32.84 25.84
N THR E 180 1.16 33.50 24.71
CA THR E 180 1.77 34.79 24.44
C THR E 180 0.66 35.81 24.31
N LEU E 181 0.79 36.88 25.08
CA LEU E 181 -0.14 38.00 25.06
C LEU E 181 0.55 39.15 24.37
N THR E 182 -0.05 39.66 23.28
CA THR E 182 0.57 40.70 22.48
C THR E 182 -0.20 42.00 22.62
N LEU E 183 0.53 43.09 22.78
CA LEU E 183 -0.04 44.43 22.88
C LEU E 183 0.91 45.42 22.24
N SER E 184 0.45 46.66 22.10
CA SER E 184 1.33 47.76 21.72
C SER E 184 2.11 48.24 22.94
N LYS E 185 3.28 48.83 22.68
CA LYS E 185 4.00 49.54 23.73
C LYS E 185 3.08 50.52 24.47
N ALA E 186 2.09 51.09 23.76
CA ALA E 186 1.17 52.06 24.35
C ALA E 186 0.27 51.40 25.39
N ASP E 187 -0.47 50.37 25.00
CA ASP E 187 -1.37 49.71 25.95
C ASP E 187 -0.59 49.11 27.11
N TYR E 188 0.61 48.58 26.86
CA TYR E 188 1.37 47.91 27.88
C TYR E 188 1.86 48.84 28.98
N GLU E 189 2.00 50.13 28.68
CA GLU E 189 2.36 51.08 29.71
C GLU E 189 1.15 51.83 30.26
N LYS E 190 -0.04 51.54 29.73
CA LYS E 190 -1.28 51.93 30.38
C LYS E 190 -1.54 51.15 31.66
N HIS E 191 -0.72 50.15 31.99
CA HIS E 191 -1.05 49.26 33.11
C HIS E 191 0.22 48.83 33.82
N LYS E 192 0.03 48.11 34.94
CA LYS E 192 1.14 47.83 35.85
C LYS E 192 1.32 46.34 36.17
N VAL E 193 0.23 45.66 36.53
CA VAL E 193 0.28 44.27 36.98
C VAL E 193 -0.13 43.36 35.83
N TYR E 194 0.74 42.41 35.50
CA TYR E 194 0.52 41.51 34.38
C TYR E 194 0.46 40.08 34.92
N ALA E 195 -0.72 39.49 34.87
CA ALA E 195 -1.00 38.27 35.61
C ALA E 195 -1.34 37.12 34.67
N CYS E 196 -0.84 35.96 35.03
CA CYS E 196 -1.05 34.73 34.28
C CYS E 196 -1.63 33.69 35.24
N GLU E 197 -2.87 33.29 35.01
CA GLU E 197 -3.58 32.39 35.94
C GLU E 197 -3.84 31.04 35.28
N VAL E 198 -3.35 29.97 35.91
CA VAL E 198 -3.21 28.66 35.27
C VAL E 198 -4.01 27.60 36.04
N THR E 199 -4.94 26.94 35.35
CA THR E 199 -5.75 25.88 35.93
C THR E 199 -5.27 24.51 35.46
N HIS E 200 -5.21 23.54 36.37
CA HIS E 200 -4.73 22.23 35.98
C HIS E 200 -5.07 21.17 37.03
N GLN E 201 -5.34 19.97 36.53
CA GLN E 201 -5.62 18.81 37.37
C GLN E 201 -4.62 18.65 38.50
N GLY E 202 -3.33 18.93 38.24
CA GLY E 202 -2.29 18.84 39.24
C GLY E 202 -2.21 19.99 40.22
N LEU E 203 -3.11 20.96 40.14
CA LEU E 203 -3.12 22.14 41.01
C LEU E 203 -4.42 22.18 41.80
N SER E 204 -4.29 22.24 43.13
CA SER E 204 -5.48 22.28 43.99
C SER E 204 -6.30 23.54 43.75
N SER E 205 -5.64 24.64 43.40
CA SER E 205 -6.32 25.86 43.00
C SER E 205 -5.51 26.52 41.89
N PRO E 206 -6.11 27.46 41.16
CA PRO E 206 -5.35 28.19 40.13
C PRO E 206 -4.15 28.92 40.72
N VAL E 207 -2.97 28.60 40.17
CA VAL E 207 -1.78 29.44 40.37
C VAL E 207 -1.92 30.77 39.62
N THR E 208 -1.09 31.74 40.01
CA THR E 208 -0.99 33.00 39.29
C THR E 208 0.44 33.50 39.43
N LYS E 209 1.18 33.53 38.33
CA LYS E 209 2.45 34.23 38.29
C LYS E 209 2.22 35.59 37.68
N SER E 210 2.99 36.57 38.12
CA SER E 210 2.82 37.92 37.60
C SER E 210 4.07 38.73 37.93
N PHE E 211 4.11 39.93 37.34
CA PHE E 211 5.19 40.86 37.55
C PHE E 211 4.60 42.26 37.58
N ASN E 212 5.46 43.24 37.87
CA ASN E 212 5.07 44.64 37.85
C ASN E 212 6.07 45.44 37.02
N ARG E 213 5.56 46.14 36.02
CA ARG E 213 6.26 47.25 35.35
C ARG E 213 5.56 47.56 34.03
N GLY E 214 6.07 48.57 33.31
CA GLY E 214 5.38 49.09 32.14
C GLY E 214 4.06 49.77 32.51
N GLU F 6 -35.61 24.43 -20.84
CA GLU F 6 -35.71 23.92 -22.21
C GLU F 6 -34.35 23.47 -22.72
N VAL F 7 -34.03 22.18 -22.58
CA VAL F 7 -32.62 21.79 -22.54
C VAL F 7 -31.99 21.94 -23.91
N GLN F 8 -30.91 22.73 -23.99
CA GLN F 8 -30.17 22.97 -25.21
C GLN F 8 -28.69 22.65 -24.98
N LEU F 9 -28.12 21.81 -25.84
CA LEU F 9 -26.68 21.56 -25.89
C LEU F 9 -26.16 21.87 -27.29
N VAL F 10 -25.11 22.69 -27.40
CA VAL F 10 -24.55 23.08 -28.71
C VAL F 10 -23.04 22.84 -28.72
N GLU F 11 -22.61 21.72 -29.29
CA GLU F 11 -21.19 21.49 -29.51
C GLU F 11 -20.66 22.45 -30.57
N SER F 12 -19.41 22.91 -30.40
CA SER F 12 -18.74 23.71 -31.42
C SER F 12 -17.26 23.37 -31.44
N GLY F 13 -16.57 23.84 -32.47
CA GLY F 13 -15.14 23.74 -32.51
C GLY F 13 -14.61 22.60 -33.33
N GLY F 14 -15.47 21.76 -33.87
CA GLY F 14 -15.00 20.78 -34.82
C GLY F 14 -14.28 21.46 -35.97
N ASN F 15 -13.50 20.67 -36.71
CA ASN F 15 -12.77 21.25 -37.83
C ASN F 15 -11.88 20.20 -38.46
N LEU F 16 -11.28 20.58 -39.60
CA LEU F 16 -10.29 19.76 -40.28
C LEU F 16 -8.93 20.05 -39.68
N VAL F 17 -8.27 19.02 -39.18
CA VAL F 17 -7.00 19.19 -38.48
C VAL F 17 -6.07 18.05 -38.88
N GLN F 18 -4.77 18.35 -38.88
CA GLN F 18 -3.76 17.43 -39.36
C GLN F 18 -3.52 16.32 -38.33
N PRO F 19 -3.16 15.13 -38.79
CA PRO F 19 -2.81 14.05 -37.84
C PRO F 19 -1.72 14.51 -36.90
N GLY F 20 -1.82 14.05 -35.64
CA GLY F 20 -0.89 14.46 -34.61
C GLY F 20 -1.18 15.80 -33.97
N GLY F 21 -1.98 16.64 -34.61
CA GLY F 21 -2.34 17.93 -34.05
C GLY F 21 -3.33 17.79 -32.90
N SER F 22 -3.85 18.93 -32.47
CA SER F 22 -4.82 18.96 -31.39
C SER F 22 -5.97 19.90 -31.74
N LEU F 23 -7.04 19.76 -30.98
CA LEU F 23 -8.29 20.49 -31.15
C LEU F 23 -8.97 20.55 -29.80
N ARG F 24 -9.60 21.68 -29.52
CA ARG F 24 -10.43 21.82 -28.33
C ARG F 24 -11.89 21.98 -28.74
N LEU F 25 -12.73 21.05 -28.32
CA LEU F 25 -14.19 21.16 -28.51
C LEU F 25 -14.85 21.78 -27.29
N SER F 26 -15.93 22.52 -27.53
CA SER F 26 -16.75 23.11 -26.47
C SER F 26 -18.21 22.72 -26.62
N CYS F 27 -18.93 22.77 -25.51
CA CYS F 27 -20.36 22.45 -25.50
C CYS F 27 -21.06 23.46 -24.60
N ALA F 28 -21.78 24.40 -25.20
CA ALA F 28 -22.50 25.41 -24.45
C ALA F 28 -23.86 24.85 -24.04
N ALA F 29 -24.15 24.90 -22.74
CA ALA F 29 -25.40 24.38 -22.21
C ALA F 29 -26.32 25.53 -21.79
N SER F 30 -27.62 25.31 -21.97
CA SER F 30 -28.63 26.25 -21.48
C SER F 30 -29.91 25.48 -21.18
N GLY F 31 -30.74 26.08 -20.32
CA GLY F 31 -32.06 25.55 -20.07
C GLY F 31 -32.11 24.53 -18.97
N PHE F 32 -31.07 24.47 -18.13
CA PHE F 32 -31.00 23.64 -16.94
C PHE F 32 -29.78 24.10 -16.20
N THR F 33 -29.69 23.71 -14.93
CA THR F 33 -28.57 24.10 -14.08
C THR F 33 -27.39 23.19 -14.44
N PHE F 34 -26.52 23.71 -15.30
CA PHE F 34 -25.44 22.89 -15.84
C PHE F 34 -24.58 22.31 -14.72
N SER F 35 -24.33 23.09 -13.66
CA SER F 35 -23.49 22.57 -12.59
C SER F 35 -24.16 21.44 -11.80
N SER F 36 -25.34 20.97 -12.16
CA SER F 36 -25.96 19.91 -11.37
C SER F 36 -25.93 18.57 -12.09
N TYR F 37 -25.26 18.47 -13.21
CA TYR F 37 -25.39 17.29 -14.03
C TYR F 37 -24.03 16.80 -14.51
N SER F 38 -23.85 15.50 -14.41
CA SER F 38 -22.77 14.83 -15.13
C SER F 38 -23.02 14.92 -16.63
N MET F 39 -21.94 14.88 -17.39
CA MET F 39 -21.90 15.14 -18.82
C MET F 39 -20.99 14.11 -19.48
N ASN F 40 -21.32 13.75 -20.72
CA ASN F 40 -20.47 12.84 -21.48
C ASN F 40 -20.11 13.48 -22.81
N TRP F 41 -18.99 13.03 -23.38
CA TRP F 41 -18.73 13.18 -24.81
C TRP F 41 -18.90 11.80 -25.42
N VAL F 42 -19.65 11.75 -26.53
CA VAL F 42 -19.89 10.54 -27.32
C VAL F 42 -19.65 10.91 -28.78
N ARG F 43 -19.05 9.99 -29.54
CA ARG F 43 -18.69 10.31 -30.92
C ARG F 43 -19.15 9.21 -31.88
N GLN F 44 -19.29 9.61 -33.13
CA GLN F 44 -19.80 8.71 -34.17
C GLN F 44 -18.92 8.85 -35.41
N ALA F 45 -18.12 7.83 -35.70
CA ALA F 45 -17.39 7.80 -36.94
C ALA F 45 -18.39 7.74 -38.08
N PRO F 46 -18.16 8.45 -39.19
CA PRO F 46 -19.19 8.53 -40.23
C PRO F 46 -19.56 7.12 -40.69
N GLY F 47 -20.84 6.80 -40.59
CA GLY F 47 -21.34 5.48 -40.95
C GLY F 47 -21.13 4.41 -39.91
N LYS F 48 -20.63 4.73 -38.72
CA LYS F 48 -20.34 3.76 -37.69
C LYS F 48 -21.25 3.98 -36.46
N GLY F 49 -21.09 3.11 -35.45
CA GLY F 49 -21.90 3.21 -34.25
C GLY F 49 -21.46 4.31 -33.29
N LEU F 50 -22.27 4.51 -32.27
CA LEU F 50 -21.93 5.44 -31.20
C LEU F 50 -20.76 4.90 -30.39
N GLU F 51 -19.76 5.75 -30.14
CA GLU F 51 -18.64 5.39 -29.27
C GLU F 51 -18.57 6.39 -28.12
N TRP F 52 -18.71 5.88 -26.89
CA TRP F 52 -18.60 6.74 -25.73
C TRP F 52 -17.15 7.15 -25.54
N VAL F 53 -16.91 8.45 -25.32
CA VAL F 53 -15.55 9.01 -25.32
C VAL F 53 -15.08 9.30 -23.90
N SER F 54 -15.80 10.15 -23.17
CA SER F 54 -15.39 10.57 -21.83
C SER F 54 -16.63 10.98 -21.01
N TYR F 55 -16.46 10.98 -19.69
CA TYR F 55 -17.49 11.32 -18.72
C TYR F 55 -16.92 12.22 -17.61
N ILE F 56 -17.69 13.20 -17.16
CA ILE F 56 -17.27 14.07 -16.05
C ILE F 56 -18.48 14.31 -15.17
N SER F 57 -18.32 14.16 -13.85
CA SER F 57 -19.44 14.32 -12.94
C SER F 57 -19.71 15.80 -12.73
N SER F 58 -20.89 16.11 -12.19
CA SER F 58 -21.33 17.51 -12.14
C SER F 58 -20.28 18.40 -11.47
N SER F 59 -19.51 17.81 -10.56
CA SER F 59 -18.56 18.45 -9.66
C SER F 59 -17.10 18.38 -10.15
N SER F 60 -16.86 17.82 -11.34
CA SER F 60 -15.52 17.42 -11.77
C SER F 60 -14.83 16.52 -10.74
N SER F 61 -15.61 15.88 -9.87
CA SER F 61 -15.04 14.94 -8.91
C SER F 61 -14.71 13.59 -9.54
N THR F 62 -15.33 13.23 -10.67
CA THR F 62 -15.21 11.89 -11.21
C THR F 62 -15.10 11.93 -12.73
N ILE F 63 -14.04 11.36 -13.28
CA ILE F 63 -13.76 11.47 -14.70
C ILE F 63 -13.39 10.10 -15.25
N TYR F 64 -14.01 9.72 -16.39
CA TYR F 64 -13.67 8.46 -17.03
C TYR F 64 -13.27 8.71 -18.47
N TYR F 65 -12.56 7.74 -19.04
CA TYR F 65 -12.02 7.82 -20.39
C TYR F 65 -12.11 6.46 -21.06
N ALA F 66 -12.47 6.47 -22.33
CA ALA F 66 -12.44 5.25 -23.13
C ALA F 66 -10.99 4.86 -23.44
N ASP F 67 -10.76 3.56 -23.65
CA ASP F 67 -9.38 3.12 -23.85
C ASP F 67 -8.77 3.65 -25.13
N SER F 68 -9.58 4.09 -26.09
CA SER F 68 -9.03 4.66 -27.32
C SER F 68 -8.69 6.14 -27.19
N VAL F 69 -8.95 6.78 -26.05
CA VAL F 69 -8.62 8.20 -25.93
C VAL F 69 -7.94 8.48 -24.60
N LYS F 70 -7.93 7.51 -23.70
CA LYS F 70 -7.19 7.69 -22.44
C LYS F 70 -5.76 8.07 -22.75
N GLY F 71 -5.26 9.08 -22.05
CA GLY F 71 -3.93 9.60 -22.27
C GLY F 71 -3.85 10.71 -23.29
N ARG F 72 -4.76 10.75 -24.26
CA ARG F 72 -4.69 11.75 -25.33
C ARG F 72 -5.70 12.87 -25.21
N PHE F 73 -6.86 12.62 -24.59
CA PHE F 73 -7.94 13.60 -24.44
C PHE F 73 -8.13 13.91 -22.97
N THR F 74 -8.42 15.15 -22.65
CA THR F 74 -8.81 15.48 -21.29
C THR F 74 -10.15 16.20 -21.33
N ILE F 75 -11.05 15.78 -20.46
CA ILE F 75 -12.34 16.40 -20.32
C ILE F 75 -12.31 17.36 -19.16
N SER F 76 -12.99 18.48 -19.30
CA SER F 76 -13.16 19.41 -18.19
C SER F 76 -14.41 20.23 -18.45
N ARG F 77 -14.83 20.98 -17.43
CA ARG F 77 -16.02 21.79 -17.54
C ARG F 77 -15.77 23.09 -16.80
N ASP F 78 -16.43 24.16 -17.26
CA ASP F 78 -16.42 25.47 -16.61
C ASP F 78 -17.86 25.76 -16.19
N ASN F 79 -18.19 25.45 -14.95
CA ASN F 79 -19.57 25.60 -14.51
C ASN F 79 -20.00 27.06 -14.49
N ALA F 80 -19.07 27.96 -14.18
CA ALA F 80 -19.37 29.39 -14.30
C ALA F 80 -19.83 29.75 -15.72
N LYS F 81 -19.27 29.11 -16.74
CA LYS F 81 -19.59 29.45 -18.11
C LYS F 81 -20.56 28.46 -18.76
N ASN F 82 -21.11 27.51 -18.02
CA ASN F 82 -22.05 26.56 -18.61
C ASN F 82 -21.45 25.85 -19.83
N SER F 83 -20.19 25.48 -19.74
CA SER F 83 -19.51 24.89 -20.89
C SER F 83 -18.80 23.59 -20.52
N LEU F 84 -18.91 22.61 -21.40
CA LEU F 84 -18.14 21.38 -21.32
C LEU F 84 -17.09 21.40 -22.42
N TYR F 85 -15.88 20.90 -22.12
CA TYR F 85 -14.79 20.93 -23.08
C TYR F 85 -14.20 19.54 -23.29
N LEU F 86 -13.63 19.33 -24.47
CA LEU F 86 -12.81 18.15 -24.72
C LEU F 86 -11.54 18.62 -25.41
N GLN F 87 -10.40 18.48 -24.73
CA GLN F 87 -9.09 18.79 -25.30
C GLN F 87 -8.53 17.51 -25.96
N MET F 88 -8.35 17.58 -27.26
CA MET F 88 -7.97 16.42 -28.05
C MET F 88 -6.51 16.60 -28.50
N ASN F 89 -5.64 15.70 -28.07
CA ASN F 89 -4.24 15.74 -28.48
C ASN F 89 -3.91 14.53 -29.34
N SER F 90 -2.78 14.63 -30.04
CA SER F 90 -2.22 13.51 -30.79
C SER F 90 -3.29 12.88 -31.68
N LEU F 91 -4.02 13.74 -32.39
CA LEU F 91 -5.16 13.27 -33.16
C LEU F 91 -4.72 12.34 -34.30
N ARG F 92 -5.51 11.30 -34.50
CA ARG F 92 -5.31 10.29 -35.54
C ARG F 92 -6.54 10.23 -36.44
N ALA F 93 -6.38 9.60 -37.61
CA ALA F 93 -7.46 9.60 -38.58
C ALA F 93 -8.70 8.88 -38.06
N GLU F 94 -8.53 7.81 -37.30
CA GLU F 94 -9.69 7.10 -36.76
C GLU F 94 -10.32 7.80 -35.53
N ASP F 95 -9.87 9.01 -35.21
CA ASP F 95 -10.60 9.90 -34.32
C ASP F 95 -11.62 10.73 -35.09
N THR F 96 -11.57 10.72 -36.41
CA THR F 96 -12.49 11.47 -37.26
C THR F 96 -13.93 11.07 -36.96
N ALA F 97 -14.75 12.03 -36.58
CA ALA F 97 -16.11 11.67 -36.16
C ALA F 97 -16.89 12.92 -35.87
N VAL F 98 -18.22 12.74 -35.82
CA VAL F 98 -19.13 13.71 -35.24
C VAL F 98 -19.09 13.53 -33.73
N TYR F 99 -18.87 14.61 -33.00
CA TYR F 99 -18.72 14.57 -31.55
C TYR F 99 -19.98 15.12 -30.87
N TYR F 100 -20.65 14.29 -30.10
CA TYR F 100 -21.84 14.69 -29.40
C TYR F 100 -21.51 14.97 -27.95
N CYS F 101 -22.13 16.02 -27.43
CA CYS F 101 -22.20 16.34 -26.02
C CYS F 101 -23.50 15.76 -25.49
N ALA F 102 -23.49 15.24 -24.26
CA ALA F 102 -24.70 14.63 -23.74
C ALA F 102 -24.82 14.80 -22.23
N ARG F 103 -26.02 15.19 -21.78
CA ARG F 103 -26.33 15.34 -20.36
C ARG F 103 -26.92 14.08 -19.76
N VAL F 104 -26.53 13.79 -18.52
CA VAL F 104 -26.92 12.56 -17.82
C VAL F 104 -28.09 12.89 -16.89
N ALA F 105 -29.24 12.25 -17.13
CA ALA F 105 -30.41 12.48 -16.27
C ALA F 105 -31.29 11.24 -16.39
N ALA F 106 -30.99 10.23 -15.56
CA ALA F 106 -31.57 8.91 -15.74
C ALA F 106 -31.37 8.45 -17.19
N GLY F 107 -30.12 8.50 -17.63
CA GLY F 107 -29.71 8.16 -18.97
C GLY F 107 -29.17 9.39 -19.69
N LEU F 108 -28.72 9.15 -20.92
CA LEU F 108 -28.23 10.27 -21.72
C LEU F 108 -29.47 10.88 -22.39
N LYS F 109 -30.13 11.78 -21.66
CA LYS F 109 -31.45 12.27 -22.01
C LYS F 109 -31.41 13.31 -23.12
N ASP F 110 -30.35 14.11 -23.19
CA ASP F 110 -30.26 15.24 -24.10
C ASP F 110 -28.92 15.23 -24.81
N TRP F 111 -28.96 15.37 -26.13
CA TRP F 111 -27.79 15.34 -27.00
C TRP F 111 -27.73 16.61 -27.80
N GLY F 112 -26.53 17.13 -28.03
CA GLY F 112 -26.34 18.21 -28.97
C GLY F 112 -26.53 17.74 -30.41
N GLN F 113 -26.41 18.69 -31.32
CA GLN F 113 -26.53 18.40 -32.75
C GLN F 113 -25.23 17.86 -33.33
N GLY F 114 -24.13 17.97 -32.58
CA GLY F 114 -22.86 17.37 -32.91
C GLY F 114 -21.94 18.32 -33.67
N THR F 115 -20.64 18.07 -33.57
CA THR F 115 -19.68 18.85 -34.34
C THR F 115 -18.70 17.91 -35.04
N LEU F 116 -18.48 18.17 -36.33
CA LEU F 116 -17.71 17.26 -37.18
C LEU F 116 -16.23 17.56 -37.06
N VAL F 117 -15.46 16.52 -36.72
CA VAL F 117 -14.01 16.60 -36.60
C VAL F 117 -13.39 15.66 -37.62
N THR F 118 -12.61 16.23 -38.54
CA THR F 118 -11.93 15.50 -39.60
C THR F 118 -10.42 15.56 -39.39
N VAL F 119 -9.78 14.39 -39.37
CA VAL F 119 -8.34 14.24 -39.11
C VAL F 119 -7.69 13.66 -40.37
N SER F 120 -7.08 14.53 -41.18
CA SER F 120 -6.28 14.08 -42.31
C SER F 120 -5.33 15.21 -42.72
N SER F 121 -4.33 14.85 -43.53
CA SER F 121 -3.37 15.80 -44.07
C SER F 121 -3.81 16.40 -45.41
N ALA F 122 -4.85 15.85 -46.04
CA ALA F 122 -5.38 16.42 -47.28
C ALA F 122 -5.87 17.85 -47.07
N SER F 123 -5.81 18.64 -48.13
CA SER F 123 -6.21 20.03 -48.02
C SER F 123 -7.65 20.23 -48.48
N THR F 124 -8.21 21.35 -48.06
CA THR F 124 -9.57 21.73 -48.43
C THR F 124 -9.67 21.97 -49.93
N LYS F 125 -10.78 21.51 -50.52
CA LYS F 125 -10.99 21.59 -51.97
C LYS F 125 -12.49 21.61 -52.25
N GLY F 126 -12.99 22.72 -52.78
CA GLY F 126 -14.36 22.80 -53.20
C GLY F 126 -14.64 21.86 -54.36
N PRO F 127 -15.93 21.62 -54.64
CA PRO F 127 -16.29 20.64 -55.66
C PRO F 127 -16.40 21.26 -57.05
N SER F 128 -16.27 20.39 -58.04
CA SER F 128 -16.77 20.68 -59.37
C SER F 128 -18.16 20.05 -59.47
N VAL F 129 -19.06 20.73 -60.17
CA VAL F 129 -20.42 20.24 -60.36
C VAL F 129 -20.70 20.14 -61.85
N PHE F 130 -21.16 18.97 -62.27
CA PHE F 130 -21.42 18.64 -63.65
C PHE F 130 -22.86 18.17 -63.81
N PRO F 131 -23.50 18.47 -64.94
CA PRO F 131 -24.89 18.03 -65.13
C PRO F 131 -24.94 16.55 -65.49
N LEU F 132 -25.96 15.88 -64.96
CA LEU F 132 -26.42 14.59 -65.46
C LEU F 132 -27.74 14.87 -66.17
N ALA F 133 -27.68 15.01 -67.55
CA ALA F 133 -28.86 15.55 -68.21
C ALA F 133 -29.83 14.44 -68.63
N PRO F 134 -31.13 14.74 -68.61
CA PRO F 134 -32.12 13.76 -69.04
C PRO F 134 -32.04 13.53 -70.54
N SER F 135 -31.99 12.26 -70.94
CA SER F 135 -31.90 11.91 -72.35
C SER F 135 -33.29 11.75 -72.95
N GLY F 141 -41.98 5.52 -67.81
CA GLY F 141 -42.61 5.76 -69.09
C GLY F 141 -43.32 7.09 -69.08
N GLY F 142 -42.63 8.15 -69.50
CA GLY F 142 -43.06 9.51 -69.30
C GLY F 142 -42.28 10.25 -68.22
N THR F 143 -41.41 9.56 -67.52
CA THR F 143 -40.62 10.13 -66.43
C THR F 143 -39.15 10.20 -66.84
N ALA F 144 -38.54 11.36 -66.61
CA ALA F 144 -37.15 11.61 -66.94
C ALA F 144 -36.32 11.76 -65.67
N ALA F 145 -35.09 11.25 -65.68
CA ALA F 145 -34.16 11.49 -64.59
C ALA F 145 -33.12 12.52 -65.02
N LEU F 146 -32.76 13.39 -64.09
CA LEU F 146 -31.65 14.34 -64.26
C LEU F 146 -30.97 14.52 -62.91
N GLY F 147 -29.86 15.25 -62.89
CA GLY F 147 -29.15 15.42 -61.64
C GLY F 147 -27.81 16.13 -61.81
N CYS F 148 -27.03 16.07 -60.74
CA CYS F 148 -25.75 16.78 -60.63
C CYS F 148 -24.68 15.89 -60.03
N LEU F 149 -23.56 15.75 -60.73
CA LEU F 149 -22.38 15.08 -60.19
C LEU F 149 -21.53 16.11 -59.44
N VAL F 150 -21.38 15.91 -58.13
CA VAL F 150 -20.61 16.80 -57.27
C VAL F 150 -19.29 16.10 -57.01
N LYS F 151 -18.25 16.52 -57.74
CA LYS F 151 -17.03 15.73 -57.82
C LYS F 151 -15.86 16.44 -57.13
N ASP F 152 -15.00 15.63 -56.48
CA ASP F 152 -13.64 15.98 -56.08
C ASP F 152 -13.61 17.15 -55.08
N TYR F 153 -14.16 16.86 -53.91
CA TYR F 153 -14.16 17.81 -52.82
C TYR F 153 -13.66 17.14 -51.54
N PHE F 154 -13.18 17.98 -50.61
CA PHE F 154 -12.71 17.52 -49.30
C PHE F 154 -12.63 18.73 -48.39
N PRO F 155 -12.98 18.60 -47.12
CA PRO F 155 -13.50 17.40 -46.46
C PRO F 155 -15.03 17.31 -46.66
N GLU F 156 -15.71 16.43 -45.95
CA GLU F 156 -16.95 15.81 -46.41
C GLU F 156 -18.11 16.77 -46.63
N PRO F 157 -18.65 17.39 -45.60
CA PRO F 157 -20.02 17.94 -45.71
C PRO F 157 -20.29 18.78 -46.96
N VAL F 158 -21.13 18.30 -47.88
CA VAL F 158 -21.75 19.17 -48.88
C VAL F 158 -23.26 19.12 -48.66
N THR F 159 -23.93 20.22 -49.00
CA THR F 159 -25.38 20.29 -49.05
C THR F 159 -25.80 20.53 -50.51
N VAL F 160 -26.76 19.74 -50.96
CA VAL F 160 -27.33 19.86 -52.29
C VAL F 160 -28.82 20.11 -52.13
N SER F 161 -29.35 21.01 -52.95
CA SER F 161 -30.78 21.27 -52.97
C SER F 161 -31.14 21.66 -54.38
N TRP F 162 -32.41 21.49 -54.73
CA TRP F 162 -32.88 21.76 -56.08
C TRP F 162 -33.76 23.00 -56.10
N ASN F 163 -33.59 23.83 -57.14
CA ASN F 163 -34.37 25.05 -57.35
C ASN F 163 -34.54 25.86 -56.06
N SER F 164 -33.42 26.03 -55.35
CA SER F 164 -33.36 26.81 -54.11
C SER F 164 -34.34 26.32 -53.05
N GLY F 165 -34.74 25.05 -53.09
CA GLY F 165 -35.66 24.48 -52.13
C GLY F 165 -37.03 24.12 -52.69
N ALA F 166 -37.33 24.54 -53.93
CA ALA F 166 -38.63 24.37 -54.55
C ALA F 166 -38.76 23.07 -55.37
N LEU F 167 -37.85 22.12 -55.15
CA LEU F 167 -37.94 20.80 -55.75
C LEU F 167 -37.52 19.80 -54.67
N THR F 168 -38.44 18.97 -54.20
CA THR F 168 -38.11 18.00 -53.15
C THR F 168 -38.66 16.60 -53.38
N SER F 169 -39.85 16.43 -53.93
CA SER F 169 -40.34 15.09 -54.21
C SER F 169 -39.63 14.59 -55.46
N GLY F 170 -39.35 13.29 -55.48
CA GLY F 170 -38.57 12.69 -56.53
C GLY F 170 -37.06 12.74 -56.35
N VAL F 171 -36.55 13.42 -55.30
CA VAL F 171 -35.15 13.79 -55.20
C VAL F 171 -34.36 12.76 -54.37
N HIS F 172 -33.24 12.32 -54.92
CA HIS F 172 -32.32 11.41 -54.20
C HIS F 172 -30.92 12.03 -54.20
N THR F 173 -30.49 12.46 -53.03
CA THR F 173 -29.12 12.91 -52.83
C THR F 173 -28.36 11.79 -52.14
N PHE F 174 -27.36 11.23 -52.84
CA PHE F 174 -26.66 10.04 -52.39
C PHE F 174 -25.60 10.37 -51.35
N PRO F 175 -25.28 9.42 -50.48
CA PRO F 175 -24.15 9.62 -49.57
C PRO F 175 -22.86 9.80 -50.37
N ALA F 176 -22.02 10.74 -49.92
CA ALA F 176 -20.65 10.84 -50.42
C ALA F 176 -19.97 9.48 -50.35
N VAL F 177 -19.17 9.17 -51.37
CA VAL F 177 -18.24 8.07 -51.33
C VAL F 177 -16.84 8.62 -51.53
N LEU F 178 -15.89 8.03 -50.82
CA LEU F 178 -14.48 8.42 -50.90
C LEU F 178 -13.86 7.59 -52.03
N GLN F 179 -13.44 8.27 -53.08
CA GLN F 179 -12.94 7.64 -54.29
C GLN F 179 -11.41 7.48 -54.20
N SER F 180 -10.86 6.70 -55.16
CA SER F 180 -9.45 6.35 -55.13
C SER F 180 -8.55 7.56 -54.87
N SER F 181 -8.85 8.67 -55.51
CA SER F 181 -7.99 9.83 -55.37
C SER F 181 -8.01 10.45 -53.95
N GLY F 182 -8.64 9.85 -52.94
CA GLY F 182 -8.75 10.49 -51.66
C GLY F 182 -9.75 11.64 -51.57
N LEU F 183 -10.39 12.04 -52.68
CA LEU F 183 -11.42 13.08 -52.63
C LEU F 183 -12.81 12.45 -52.60
N TYR F 184 -13.79 13.25 -52.18
CA TYR F 184 -15.17 12.80 -52.05
C TYR F 184 -15.95 13.13 -53.32
N SER F 185 -16.91 12.26 -53.63
CA SER F 185 -17.83 12.51 -54.74
C SER F 185 -19.23 12.03 -54.36
N LEU F 186 -20.25 12.72 -54.88
CA LEU F 186 -21.61 12.21 -54.80
C LEU F 186 -22.45 12.79 -55.92
N SER F 187 -23.56 12.12 -56.19
CA SER F 187 -24.55 12.62 -57.13
C SER F 187 -25.88 12.89 -56.43
N SER F 188 -26.59 13.89 -56.96
CA SER F 188 -27.95 14.22 -56.58
C SER F 188 -28.80 14.09 -57.82
N VAL F 189 -29.91 13.37 -57.72
CA VAL F 189 -30.76 13.15 -58.89
C VAL F 189 -32.23 13.32 -58.53
N VAL F 190 -33.01 13.63 -59.55
CA VAL F 190 -34.41 13.96 -59.40
C VAL F 190 -35.13 13.44 -60.65
N THR F 191 -36.24 12.74 -60.45
CA THR F 191 -37.10 12.31 -61.56
C THR F 191 -38.27 13.28 -61.70
N VAL F 192 -38.41 13.86 -62.89
CA VAL F 192 -39.43 14.85 -63.20
C VAL F 192 -40.22 14.36 -64.40
N PRO F 193 -41.41 14.92 -64.63
CA PRO F 193 -42.14 14.61 -65.88
C PRO F 193 -41.39 15.15 -67.08
N SER F 194 -41.21 14.28 -68.08
CA SER F 194 -40.45 14.62 -69.28
C SER F 194 -41.18 15.60 -70.19
N SER F 195 -42.47 15.85 -69.95
CA SER F 195 -43.21 16.84 -70.72
C SER F 195 -42.89 18.27 -70.26
N SER F 196 -42.64 18.45 -68.95
CA SER F 196 -42.20 19.73 -68.40
C SER F 196 -40.79 20.12 -68.86
N LEU F 197 -39.93 19.15 -69.21
CA LEU F 197 -38.62 19.48 -69.75
C LEU F 197 -38.77 20.48 -70.89
N GLY F 198 -37.88 21.47 -70.93
CA GLY F 198 -37.98 22.53 -71.91
C GLY F 198 -38.86 23.69 -71.49
N THR F 199 -39.76 23.50 -70.54
CA THR F 199 -40.40 24.64 -69.89
C THR F 199 -39.92 24.82 -68.46
N GLN F 200 -39.62 23.74 -67.75
CA GLN F 200 -39.10 23.79 -66.41
C GLN F 200 -37.58 23.92 -66.43
N THR F 201 -37.06 24.80 -65.57
CA THR F 201 -35.61 24.96 -65.41
C THR F 201 -35.20 24.31 -64.10
N TYR F 202 -34.15 23.49 -64.16
CA TYR F 202 -33.66 22.76 -62.99
C TYR F 202 -32.26 23.26 -62.63
N ILE F 203 -32.12 23.72 -61.39
CA ILE F 203 -30.87 24.29 -60.90
C ILE F 203 -30.40 23.47 -59.70
N CYS F 204 -29.10 23.20 -59.66
CA CYS F 204 -28.40 22.62 -58.51
C CYS F 204 -27.92 23.71 -57.56
N ASN F 205 -28.24 23.57 -56.27
CA ASN F 205 -27.67 24.45 -55.25
C ASN F 205 -26.67 23.62 -54.43
N VAL F 206 -25.40 23.62 -54.87
CA VAL F 206 -24.34 22.90 -54.17
C VAL F 206 -23.59 23.87 -53.26
N ASN F 207 -23.49 23.51 -51.99
CA ASN F 207 -22.75 24.29 -51.01
C ASN F 207 -21.68 23.42 -50.36
N HIS F 208 -20.48 24.00 -50.23
CA HIS F 208 -19.35 23.39 -49.54
C HIS F 208 -18.83 24.43 -48.57
N LYS F 209 -19.33 24.40 -47.34
CA LYS F 209 -18.93 25.41 -46.36
C LYS F 209 -17.47 25.28 -45.95
N PRO F 210 -16.89 24.08 -45.87
CA PRO F 210 -15.46 23.99 -45.54
C PRO F 210 -14.56 24.71 -46.56
N SER F 211 -15.05 24.94 -47.78
CA SER F 211 -14.31 25.70 -48.77
C SER F 211 -15.01 26.98 -49.18
N ASN F 212 -16.15 27.32 -48.58
CA ASN F 212 -16.84 28.56 -48.91
C ASN F 212 -17.30 28.55 -50.38
N THR F 213 -17.46 27.37 -50.97
CA THR F 213 -17.91 27.23 -52.35
C THR F 213 -19.43 27.10 -52.38
N LYS F 214 -20.08 27.97 -53.15
CA LYS F 214 -21.51 27.85 -53.45
C LYS F 214 -21.66 28.01 -54.94
N VAL F 215 -22.15 26.96 -55.61
CA VAL F 215 -22.42 27.03 -57.04
C VAL F 215 -23.83 26.55 -57.31
N ASP F 216 -24.46 27.18 -58.30
CA ASP F 216 -25.75 26.76 -58.82
C ASP F 216 -25.54 26.41 -60.29
N LYS F 217 -25.82 25.16 -60.64
CA LYS F 217 -25.64 24.63 -61.99
C LYS F 217 -27.00 24.32 -62.61
N ARG F 218 -27.29 24.95 -63.74
CA ARG F 218 -28.51 24.63 -64.48
C ARG F 218 -28.29 23.33 -65.25
N VAL F 219 -29.25 22.42 -65.15
CA VAL F 219 -29.20 21.12 -65.81
C VAL F 219 -30.19 21.16 -66.96
N GLU F 220 -29.67 21.14 -68.18
CA GLU F 220 -30.45 21.21 -69.40
C GLU F 220 -30.45 19.87 -70.12
N PRO F 221 -31.35 19.67 -71.07
CA PRO F 221 -31.55 18.32 -71.64
C PRO F 221 -30.55 17.89 -72.70
N LYS F 222 -30.41 18.67 -73.77
CA LYS F 222 -29.64 18.27 -74.95
C LYS F 222 -28.15 18.43 -74.66
N SER F 223 -27.40 17.33 -74.72
CA SER F 223 -25.96 17.33 -74.41
C SER F 223 -25.19 18.34 -75.24
N GLU G 1 -13.53 -5.21 -18.32
CA GLU G 1 -14.03 -4.83 -19.64
C GLU G 1 -15.43 -5.38 -19.87
N ILE G 2 -16.41 -4.49 -19.99
CA ILE G 2 -17.78 -4.88 -20.33
C ILE G 2 -17.99 -4.65 -21.82
N VAL G 3 -18.56 -5.65 -22.49
CA VAL G 3 -18.89 -5.52 -23.91
C VAL G 3 -20.35 -5.88 -24.09
N LEU G 4 -21.12 -4.95 -24.65
CA LEU G 4 -22.53 -5.16 -24.93
C LEU G 4 -22.67 -5.58 -26.39
N THR G 5 -23.20 -6.76 -26.61
CA THR G 5 -23.39 -7.27 -27.96
C THR G 5 -24.87 -7.22 -28.30
N GLN G 6 -25.20 -6.59 -29.41
CA GLN G 6 -26.58 -6.49 -29.86
C GLN G 6 -26.81 -7.50 -30.98
N SER G 7 -28.05 -8.01 -31.05
CA SER G 7 -28.47 -8.93 -32.09
C SER G 7 -29.99 -8.83 -32.27
N PRO G 8 -30.49 -9.09 -33.49
CA PRO G 8 -29.73 -9.39 -34.70
C PRO G 8 -29.06 -8.12 -35.18
N GLY G 9 -28.29 -8.14 -36.27
CA GLY G 9 -27.68 -6.92 -36.75
C GLY G 9 -28.60 -6.07 -37.60
N THR G 10 -29.50 -6.70 -38.34
CA THR G 10 -30.52 -6.00 -39.08
C THR G 10 -31.84 -6.74 -38.90
N LEU G 11 -32.91 -5.98 -38.84
CA LEU G 11 -34.23 -6.53 -38.60
C LEU G 11 -35.15 -5.97 -39.70
N SER G 12 -35.68 -6.87 -40.51
CA SER G 12 -36.50 -6.49 -41.65
C SER G 12 -37.93 -6.85 -41.31
N LEU G 13 -38.70 -5.85 -40.90
CA LEU G 13 -40.08 -6.05 -40.48
C LEU G 13 -41.01 -5.07 -41.20
N SER G 14 -42.24 -5.45 -41.33
CA SER G 14 -43.13 -4.49 -41.94
C SER G 14 -43.98 -3.82 -40.89
N PRO G 15 -44.50 -2.63 -41.19
CA PRO G 15 -45.28 -1.89 -40.19
C PRO G 15 -46.40 -2.74 -39.60
N GLY G 16 -46.62 -2.56 -38.30
CA GLY G 16 -47.56 -3.34 -37.54
C GLY G 16 -46.93 -4.52 -36.83
N GLU G 17 -45.82 -5.04 -37.36
CA GLU G 17 -45.16 -6.19 -36.75
C GLU G 17 -44.47 -5.81 -35.44
N ARG G 18 -44.28 -6.81 -34.59
CA ARG G 18 -43.55 -6.62 -33.35
C ARG G 18 -42.05 -6.81 -33.59
N ALA G 19 -41.24 -5.92 -33.01
CA ALA G 19 -39.79 -6.01 -33.08
C ALA G 19 -39.21 -6.35 -31.71
N THR G 20 -38.24 -7.26 -31.69
CA THR G 20 -37.59 -7.71 -30.46
C THR G 20 -36.08 -7.59 -30.66
N LEU G 21 -35.44 -6.70 -29.91
CA LEU G 21 -34.01 -6.46 -30.03
C LEU G 21 -33.30 -6.96 -28.78
N SER G 22 -32.12 -7.56 -28.97
CA SER G 22 -31.39 -8.19 -27.88
C SER G 22 -30.09 -7.47 -27.61
N CYS G 23 -29.79 -7.27 -26.33
CA CYS G 23 -28.51 -6.74 -25.90
C CYS G 23 -27.97 -7.67 -24.84
N ARG G 24 -26.83 -8.30 -25.12
CA ARG G 24 -26.21 -9.21 -24.18
C ARG G 24 -24.90 -8.61 -23.70
N ALA G 25 -24.63 -8.77 -22.40
CA ALA G 25 -23.44 -8.21 -21.76
C ALA G 25 -22.39 -9.29 -21.50
N SER G 26 -21.13 -8.98 -21.79
CA SER G 26 -20.05 -9.92 -21.52
C SER G 26 -20.11 -10.43 -20.08
N GLN G 27 -20.13 -9.51 -19.12
CA GLN G 27 -20.39 -9.86 -17.73
C GLN G 27 -21.72 -9.29 -17.27
N SER G 28 -22.11 -9.64 -16.04
CA SER G 28 -23.38 -9.21 -15.47
C SER G 28 -23.34 -7.73 -15.14
N ILE G 29 -24.48 -7.04 -15.31
CA ILE G 29 -24.59 -5.64 -14.94
C ILE G 29 -25.86 -5.40 -14.15
N SER G 30 -25.82 -4.33 -13.36
CA SER G 30 -27.00 -3.86 -12.65
C SER G 30 -28.10 -3.44 -13.63
N SER G 31 -29.34 -3.79 -13.30
CA SER G 31 -30.44 -3.42 -14.16
C SER G 31 -30.69 -1.91 -14.17
N SER G 32 -30.24 -1.20 -13.13
CA SER G 32 -30.41 0.26 -13.11
C SER G 32 -29.67 0.94 -14.25
N TYR G 33 -28.68 0.29 -14.88
CA TYR G 33 -27.70 1.00 -15.67
C TYR G 33 -27.63 0.55 -17.14
N LEU G 34 -28.71 -0.03 -17.67
CA LEU G 34 -28.82 -0.39 -19.08
C LEU G 34 -29.88 0.52 -19.75
N ALA G 35 -29.48 1.19 -20.83
CA ALA G 35 -30.32 2.17 -21.51
C ALA G 35 -30.45 1.81 -22.99
N TRP G 36 -31.56 2.23 -23.59
CA TRP G 36 -31.81 1.99 -25.01
C TRP G 36 -31.96 3.32 -25.72
N TYR G 37 -31.39 3.43 -26.92
CA TYR G 37 -31.46 4.66 -27.70
C TYR G 37 -31.96 4.33 -29.10
N GLN G 38 -32.53 5.34 -29.73
CA GLN G 38 -32.99 5.27 -31.11
C GLN G 38 -32.25 6.36 -31.86
N GLN G 39 -31.71 6.04 -33.04
CA GLN G 39 -31.13 7.09 -33.85
C GLN G 39 -31.63 6.97 -35.28
N LYS G 40 -31.90 8.11 -35.89
CA LYS G 40 -32.30 8.21 -37.27
C LYS G 40 -31.26 8.95 -38.07
N PRO G 41 -31.11 8.60 -39.34
CA PRO G 41 -30.14 9.30 -40.20
C PRO G 41 -30.14 10.80 -40.00
N GLY G 42 -28.95 11.37 -39.78
CA GLY G 42 -28.83 12.81 -39.68
C GLY G 42 -29.39 13.43 -38.42
N GLN G 43 -29.54 12.66 -37.35
CA GLN G 43 -30.09 13.17 -36.10
C GLN G 43 -29.28 12.68 -34.90
N ALA G 44 -29.42 13.40 -33.80
CA ALA G 44 -28.83 12.91 -32.58
C ALA G 44 -29.58 11.67 -32.10
N PRO G 45 -28.95 10.84 -31.27
CA PRO G 45 -29.70 9.75 -30.64
C PRO G 45 -30.75 10.29 -29.69
N ARG G 46 -31.66 9.41 -29.31
CA ARG G 46 -32.81 9.74 -28.49
C ARG G 46 -32.98 8.65 -27.45
N LEU G 47 -33.11 9.05 -26.18
CA LEU G 47 -33.31 8.08 -25.11
C LEU G 47 -34.73 7.54 -25.12
N LEU G 48 -34.87 6.22 -25.15
CA LEU G 48 -36.13 5.50 -25.05
C LEU G 48 -36.36 4.87 -23.70
N ILE G 49 -35.35 4.14 -23.18
CA ILE G 49 -35.47 3.35 -21.98
C ILE G 49 -34.25 3.60 -21.11
N PHE G 50 -34.48 3.71 -19.81
CA PHE G 50 -33.43 3.81 -18.83
C PHE G 50 -33.75 2.84 -17.71
N GLY G 51 -32.72 2.46 -16.95
CA GLY G 51 -32.90 1.44 -15.93
C GLY G 51 -33.56 0.18 -16.46
N ALA G 52 -33.20 -0.21 -17.68
CA ALA G 52 -33.56 -1.50 -18.28
C ALA G 52 -35.01 -1.53 -18.76
N SER G 53 -35.95 -0.93 -18.00
CA SER G 53 -37.36 -1.09 -18.29
C SER G 53 -38.22 0.17 -18.11
N SER G 54 -37.65 1.31 -17.68
CA SER G 54 -38.40 2.55 -17.52
C SER G 54 -38.37 3.37 -18.81
N ARG G 55 -39.53 3.91 -19.21
CA ARG G 55 -39.57 4.79 -20.38
C ARG G 55 -39.21 6.20 -19.98
N ALA G 56 -38.39 6.85 -20.81
CA ALA G 56 -38.09 8.26 -20.67
C ALA G 56 -39.32 9.12 -21.00
N THR G 57 -39.27 10.38 -20.55
CA THR G 57 -40.36 11.33 -20.75
C THR G 57 -40.84 11.30 -22.19
N GLY G 58 -42.15 11.14 -22.37
CA GLY G 58 -42.76 11.25 -23.68
C GLY G 58 -42.66 10.02 -24.57
N ILE G 59 -42.03 8.93 -24.14
CA ILE G 59 -41.81 7.80 -25.04
C ILE G 59 -43.09 6.95 -25.10
N PRO G 60 -43.65 6.69 -26.30
CA PRO G 60 -44.93 5.95 -26.38
C PRO G 60 -44.83 4.58 -25.71
N ASP G 61 -45.97 4.09 -25.23
CA ASP G 61 -45.95 2.84 -24.48
C ASP G 61 -45.84 1.61 -25.37
N ARG G 62 -45.69 1.75 -26.69
CA ARG G 62 -45.34 0.56 -27.47
C ARG G 62 -43.86 0.17 -27.35
N PHE G 63 -43.04 1.01 -26.70
CA PHE G 63 -41.67 0.65 -26.35
C PHE G 63 -41.67 0.11 -24.94
N SER G 64 -41.05 -1.05 -24.75
CA SER G 64 -40.86 -1.59 -23.42
C SER G 64 -39.52 -2.28 -23.37
N GLY G 65 -39.00 -2.42 -22.16
CA GLY G 65 -37.66 -2.94 -21.97
C GLY G 65 -37.67 -3.95 -20.84
N SER G 66 -36.88 -5.01 -20.96
CA SER G 66 -36.82 -6.03 -19.92
C SER G 66 -35.44 -6.67 -19.94
N GLY G 67 -35.25 -7.60 -19.00
CA GLY G 67 -34.05 -8.40 -18.90
C GLY G 67 -33.34 -8.18 -17.59
N SER G 68 -32.17 -8.80 -17.47
CA SER G 68 -31.35 -8.73 -16.27
C SER G 68 -30.11 -9.58 -16.53
N GLY G 69 -29.16 -9.48 -15.60
CA GLY G 69 -27.88 -10.14 -15.72
C GLY G 69 -27.10 -9.74 -16.95
N THR G 70 -27.09 -10.61 -17.94
CA THR G 70 -26.40 -10.36 -19.19
C THR G 70 -27.34 -10.27 -20.39
N GLY G 71 -28.65 -10.44 -20.18
CA GLY G 71 -29.58 -10.43 -21.30
C GLY G 71 -30.67 -9.38 -21.22
N PHE G 72 -30.68 -8.46 -22.16
CA PHE G 72 -31.66 -7.37 -22.17
C PHE G 72 -32.32 -7.28 -23.53
N THR G 73 -33.62 -7.01 -23.53
CA THR G 73 -34.40 -6.97 -24.75
C THR G 73 -35.23 -5.70 -24.81
N LEU G 74 -35.22 -5.03 -25.96
CA LEU G 74 -36.13 -3.93 -26.24
C LEU G 74 -37.24 -4.46 -27.14
N THR G 75 -38.49 -4.24 -26.73
CA THR G 75 -39.64 -4.75 -27.48
C THR G 75 -40.45 -3.57 -28.02
N ILE G 76 -40.62 -3.53 -29.32
CA ILE G 76 -41.51 -2.58 -29.97
C ILE G 76 -42.73 -3.37 -30.45
N SER G 77 -43.87 -3.13 -29.79
CA SER G 77 -45.00 -4.04 -29.95
C SER G 77 -45.69 -3.89 -31.30
N ARG G 78 -45.78 -2.67 -31.85
CA ARG G 78 -46.48 -2.43 -33.14
C ARG G 78 -45.66 -1.44 -33.95
N LEU G 79 -44.76 -1.94 -34.79
CA LEU G 79 -43.90 -1.05 -35.55
C LEU G 79 -44.71 -0.06 -36.37
N GLU G 80 -44.37 1.23 -36.24
CA GLU G 80 -44.88 2.36 -36.99
C GLU G 80 -43.79 2.96 -37.88
N PRO G 81 -44.14 3.48 -39.05
CA PRO G 81 -43.13 4.11 -39.92
C PRO G 81 -42.05 4.93 -39.21
N GLU G 82 -42.43 5.72 -38.20
CA GLU G 82 -41.45 6.55 -37.50
C GLU G 82 -40.50 5.74 -36.64
N ASP G 83 -40.80 4.46 -36.40
CA ASP G 83 -40.05 3.58 -35.53
C ASP G 83 -38.90 2.87 -36.22
N PHE G 84 -38.75 3.03 -37.52
CA PHE G 84 -37.66 2.37 -38.24
C PHE G 84 -36.38 3.21 -38.16
N ALA G 85 -35.33 2.61 -37.61
CA ALA G 85 -34.11 3.34 -37.30
C ALA G 85 -33.09 2.38 -36.72
N VAL G 86 -31.96 2.93 -36.23
CA VAL G 86 -30.95 2.14 -35.55
C VAL G 86 -31.17 2.28 -34.05
N TYR G 87 -30.96 1.20 -33.33
CA TYR G 87 -31.17 1.19 -31.89
C TYR G 87 -29.88 0.72 -31.18
N TYR G 88 -29.53 1.41 -30.10
CA TYR G 88 -28.34 1.14 -29.32
C TYR G 88 -28.70 0.86 -27.88
N CYS G 89 -28.13 -0.21 -27.30
CA CYS G 89 -28.09 -0.27 -25.85
C CYS G 89 -26.84 0.44 -25.33
N GLN G 90 -26.86 0.75 -24.04
CA GLN G 90 -25.75 1.43 -23.39
C GLN G 90 -25.75 1.03 -21.93
N HIS G 91 -24.54 0.95 -21.37
CA HIS G 91 -24.28 0.71 -19.95
C HIS G 91 -23.79 2.03 -19.38
N TYR G 92 -24.45 2.54 -18.33
CA TYR G 92 -24.11 3.89 -17.90
C TYR G 92 -23.95 4.01 -16.38
N ASP G 93 -23.60 2.91 -15.71
CA ASP G 93 -23.22 2.86 -14.30
C ASP G 93 -22.22 3.97 -13.94
N SER G 94 -22.60 4.81 -12.97
CA SER G 94 -21.78 5.96 -12.57
C SER G 94 -20.35 5.61 -12.14
N SER G 95 -20.04 4.34 -11.87
CA SER G 95 -18.70 4.01 -11.38
C SER G 95 -17.90 3.13 -12.34
N LEU G 96 -18.24 3.12 -13.63
CA LEU G 96 -17.52 2.31 -14.58
C LEU G 96 -17.53 3.11 -15.87
N PRO G 97 -16.40 3.19 -16.57
CA PRO G 97 -16.46 3.66 -17.96
C PRO G 97 -17.71 3.11 -18.65
N MET G 98 -18.40 3.97 -19.39
CA MET G 98 -19.61 3.56 -20.08
C MET G 98 -19.24 2.95 -21.43
N THR G 99 -20.22 2.29 -22.06
CA THR G 99 -19.97 1.65 -23.34
C THR G 99 -21.32 1.42 -24.03
N PHE G 100 -21.35 1.63 -25.35
CA PHE G 100 -22.52 1.36 -26.17
C PHE G 100 -22.40 0.01 -26.86
N GLY G 101 -23.56 -0.61 -27.12
CA GLY G 101 -23.63 -1.72 -28.03
C GLY G 101 -23.29 -1.24 -29.43
N GLN G 102 -23.24 -2.19 -30.36
CA GLN G 102 -22.82 -1.85 -31.71
C GLN G 102 -23.98 -1.44 -32.61
N GLY G 103 -25.23 -1.57 -32.16
CA GLY G 103 -26.38 -1.12 -32.93
C GLY G 103 -27.12 -2.21 -33.71
N THR G 104 -28.45 -2.09 -33.79
CA THR G 104 -29.32 -2.94 -34.60
C THR G 104 -30.15 -2.07 -35.52
N LYS G 105 -30.11 -2.34 -36.83
CA LYS G 105 -30.88 -1.56 -37.80
C LYS G 105 -32.24 -2.23 -38.02
N VAL G 106 -33.31 -1.46 -37.89
CA VAL G 106 -34.68 -1.96 -38.11
C VAL G 106 -35.20 -1.29 -39.38
N GLU G 107 -35.28 -2.08 -40.45
CA GLU G 107 -35.64 -1.60 -41.77
C GLU G 107 -37.05 -2.05 -42.13
N ILE G 108 -37.63 -1.42 -43.13
CA ILE G 108 -39.02 -1.67 -43.49
C ILE G 108 -39.08 -2.79 -44.52
N LYS G 109 -39.77 -3.88 -44.17
CA LYS G 109 -40.07 -4.92 -45.15
C LYS G 109 -41.30 -4.50 -45.93
N ARG G 110 -41.12 -4.24 -47.21
CA ARG G 110 -42.21 -3.94 -48.13
C ARG G 110 -42.11 -4.91 -49.30
N THR G 111 -43.05 -4.81 -50.23
CA THR G 111 -43.12 -5.75 -51.35
C THR G 111 -41.99 -5.47 -52.34
N VAL G 112 -41.70 -6.46 -53.18
CA VAL G 112 -40.61 -6.32 -54.14
C VAL G 112 -40.93 -5.20 -55.14
N ALA G 113 -39.90 -4.51 -55.60
CA ALA G 113 -40.08 -3.42 -56.58
C ALA G 113 -38.84 -3.28 -57.43
N ALA G 114 -38.99 -3.43 -58.74
CA ALA G 114 -37.83 -3.46 -59.62
C ALA G 114 -37.26 -2.04 -59.86
N PRO G 115 -35.95 -1.93 -60.08
CA PRO G 115 -35.36 -0.62 -60.34
C PRO G 115 -35.74 -0.07 -61.71
N SER G 116 -36.00 1.23 -61.73
CA SER G 116 -36.02 2.01 -62.97
C SER G 116 -34.61 2.55 -63.21
N VAL G 117 -34.04 2.21 -64.37
CA VAL G 117 -32.64 2.49 -64.65
C VAL G 117 -32.51 3.64 -65.64
N PHE G 118 -31.52 4.49 -65.41
CA PHE G 118 -31.05 5.50 -66.34
C PHE G 118 -29.55 5.32 -66.51
N ILE G 119 -28.95 6.10 -67.42
CA ILE G 119 -27.50 6.09 -67.59
C ILE G 119 -27.10 7.47 -68.13
N PHE G 120 -25.97 7.96 -67.66
CA PHE G 120 -25.57 9.32 -68.00
C PHE G 120 -24.13 9.34 -68.51
N PRO G 121 -23.88 9.98 -69.63
CA PRO G 121 -22.50 10.14 -70.10
C PRO G 121 -21.84 11.35 -69.43
N PRO G 122 -20.53 11.45 -69.50
CA PRO G 122 -19.86 12.61 -68.91
C PRO G 122 -20.31 13.89 -69.60
N SER G 123 -20.47 14.96 -68.82
CA SER G 123 -20.80 16.23 -69.42
C SER G 123 -19.63 16.75 -70.26
N ASP G 124 -19.95 17.64 -71.22
CA ASP G 124 -18.90 18.23 -72.03
C ASP G 124 -17.89 18.97 -71.17
N GLU G 125 -18.38 19.67 -70.14
CA GLU G 125 -17.50 20.44 -69.27
C GLU G 125 -16.51 19.54 -68.54
N GLN G 126 -16.91 18.30 -68.23
CA GLN G 126 -16.01 17.39 -67.54
C GLN G 126 -14.91 16.85 -68.43
N LEU G 127 -15.19 16.64 -69.72
CA LEU G 127 -14.13 16.10 -70.57
C LEU G 127 -13.14 17.17 -71.02
N LYS G 128 -13.58 18.42 -71.13
CA LYS G 128 -12.62 19.52 -71.23
C LYS G 128 -11.56 19.41 -70.12
N SER G 129 -11.98 19.03 -68.92
CA SER G 129 -11.10 18.97 -67.76
C SER G 129 -10.35 17.64 -67.62
N GLY G 130 -10.58 16.68 -68.51
CA GLY G 130 -9.70 15.54 -68.62
C GLY G 130 -10.20 14.23 -68.02
N THR G 131 -11.27 14.25 -67.24
CA THR G 131 -11.81 13.01 -66.68
C THR G 131 -13.23 12.77 -67.18
N ALA G 132 -13.64 11.50 -67.14
CA ALA G 132 -14.95 11.08 -67.63
C ALA G 132 -15.63 10.20 -66.60
N SER G 133 -16.74 10.68 -66.05
CA SER G 133 -17.55 9.94 -65.09
C SER G 133 -18.84 9.52 -65.79
N VAL G 134 -19.07 8.22 -65.89
CA VAL G 134 -20.30 7.68 -66.46
C VAL G 134 -21.13 7.16 -65.30
N VAL G 135 -22.34 7.71 -65.16
CA VAL G 135 -23.21 7.43 -64.02
C VAL G 135 -24.35 6.53 -64.46
N CYS G 136 -24.61 5.48 -63.66
CA CYS G 136 -25.79 4.63 -63.81
C CYS G 136 -26.64 4.72 -62.55
N LEU G 137 -27.95 4.92 -62.73
CA LEU G 137 -28.87 5.12 -61.62
C LEU G 137 -29.90 3.99 -61.60
N LEU G 138 -29.95 3.27 -60.49
CA LEU G 138 -31.03 2.32 -60.20
C LEU G 138 -31.95 2.99 -59.19
N ASN G 139 -33.19 3.27 -59.58
CA ASN G 139 -34.07 4.13 -58.81
C ASN G 139 -35.22 3.35 -58.19
N ASN G 140 -35.50 3.65 -56.93
CA ASN G 140 -36.66 3.14 -56.22
C ASN G 140 -36.87 1.65 -56.44
N PHE G 141 -36.08 0.82 -55.77
CA PHE G 141 -36.26 -0.63 -55.84
C PHE G 141 -36.27 -1.20 -54.44
N TYR G 142 -36.55 -2.50 -54.37
CA TYR G 142 -36.56 -3.24 -53.12
C TYR G 142 -36.73 -4.73 -53.39
N PRO G 143 -35.98 -5.60 -52.68
CA PRO G 143 -35.02 -5.30 -51.61
C PRO G 143 -33.78 -4.52 -52.06
N ARG G 144 -32.81 -4.41 -51.14
CA ARG G 144 -31.60 -3.61 -51.32
C ARG G 144 -30.50 -4.37 -52.08
N GLU G 145 -30.60 -5.69 -52.16
CA GLU G 145 -29.62 -6.51 -52.87
C GLU G 145 -29.69 -6.24 -54.36
N ALA G 146 -28.53 -6.02 -54.99
CA ALA G 146 -28.51 -5.65 -56.39
C ALA G 146 -27.10 -5.85 -56.95
N LYS G 147 -27.03 -6.06 -58.26
CA LYS G 147 -25.76 -6.21 -58.96
C LYS G 147 -25.78 -5.32 -60.19
N VAL G 148 -24.75 -4.48 -60.32
CA VAL G 148 -24.61 -3.62 -61.48
C VAL G 148 -23.36 -4.05 -62.24
N GLN G 149 -23.52 -4.37 -63.52
CA GLN G 149 -22.44 -4.84 -64.37
C GLN G 149 -22.10 -3.76 -65.39
N TRP G 150 -20.83 -3.33 -65.38
CA TRP G 150 -20.34 -2.34 -66.33
C TRP G 150 -19.71 -3.03 -67.54
N LYS G 151 -20.01 -2.51 -68.74
CA LYS G 151 -19.32 -2.94 -69.95
C LYS G 151 -19.27 -1.78 -70.95
N VAL G 152 -18.11 -1.59 -71.56
CA VAL G 152 -17.90 -0.55 -72.57
C VAL G 152 -17.36 -1.22 -73.81
N ASP G 153 -18.10 -1.14 -74.92
CA ASP G 153 -17.79 -1.95 -76.09
C ASP G 153 -17.76 -3.42 -75.70
N ASN G 154 -18.65 -3.81 -74.78
CA ASN G 154 -18.80 -5.19 -74.32
C ASN G 154 -17.53 -5.71 -73.64
N ALA G 155 -16.85 -4.84 -72.91
CA ALA G 155 -15.68 -5.22 -72.11
C ALA G 155 -16.06 -5.06 -70.64
N LEU G 156 -16.10 -6.17 -69.90
CA LEU G 156 -16.39 -6.11 -68.47
C LEU G 156 -15.29 -5.36 -67.74
N GLN G 157 -15.69 -4.55 -66.75
CA GLN G 157 -14.76 -3.79 -65.92
C GLN G 157 -14.81 -4.29 -64.49
N SER G 158 -13.91 -3.73 -63.67
CA SER G 158 -13.91 -3.84 -62.21
C SER G 158 -12.82 -2.92 -61.69
N GLY G 159 -12.98 -2.45 -60.46
CA GLY G 159 -12.03 -1.54 -59.84
C GLY G 159 -12.03 -0.13 -60.37
N ASN G 160 -12.90 0.22 -61.32
CA ASN G 160 -13.01 1.59 -61.82
C ASN G 160 -14.42 2.14 -61.67
N SER G 161 -15.25 1.51 -60.83
CA SER G 161 -16.57 2.01 -60.47
C SER G 161 -16.76 1.88 -58.97
N GLN G 162 -17.43 2.89 -58.39
CA GLN G 162 -17.94 2.83 -57.03
C GLN G 162 -19.44 3.04 -57.06
N GLU G 163 -20.12 2.55 -56.03
CA GLU G 163 -21.53 2.79 -55.89
C GLU G 163 -21.82 3.37 -54.51
N SER G 164 -23.07 3.78 -54.35
CA SER G 164 -23.57 4.40 -53.14
C SER G 164 -25.08 4.17 -53.10
N VAL G 165 -25.61 4.02 -51.90
CA VAL G 165 -27.02 3.71 -51.71
C VAL G 165 -27.65 4.71 -50.74
N THR G 166 -28.90 5.12 -51.01
CA THR G 166 -29.64 5.94 -50.07
C THR G 166 -30.27 5.08 -48.97
N GLU G 167 -30.70 5.75 -47.90
CA GLU G 167 -31.57 5.14 -46.90
C GLU G 167 -32.96 4.89 -47.51
N GLN G 168 -33.78 4.11 -46.80
CA GLN G 168 -35.10 3.79 -47.32
C GLN G 168 -35.90 5.08 -47.50
N ASP G 169 -36.50 5.23 -48.67
CA ASP G 169 -37.30 6.41 -48.99
C ASP G 169 -38.35 6.66 -47.91
N SER G 170 -38.61 7.93 -47.63
CA SER G 170 -39.59 8.26 -46.59
C SER G 170 -41.01 7.92 -47.03
N LYS G 171 -41.34 8.15 -48.30
CA LYS G 171 -42.70 7.97 -48.79
C LYS G 171 -42.96 6.62 -49.47
N ASP G 172 -41.93 5.79 -49.74
CA ASP G 172 -42.21 4.48 -50.33
C ASP G 172 -41.27 3.37 -49.86
N SER G 173 -40.28 3.65 -49.02
CA SER G 173 -39.47 2.61 -48.40
C SER G 173 -38.58 1.88 -49.39
N THR G 174 -38.27 2.48 -50.52
CA THR G 174 -37.37 1.85 -51.46
C THR G 174 -35.97 2.43 -51.33
N TYR G 175 -35.02 1.76 -51.97
CA TYR G 175 -33.65 2.21 -52.09
C TYR G 175 -33.42 2.73 -53.50
N SER G 176 -32.42 3.60 -53.61
CA SER G 176 -31.85 3.97 -54.89
C SER G 176 -30.34 3.82 -54.81
N LEU G 177 -29.72 3.68 -55.98
CA LEU G 177 -28.32 3.33 -56.09
C LEU G 177 -27.68 4.09 -57.24
N SER G 178 -26.51 4.66 -56.98
CA SER G 178 -25.66 5.22 -58.02
C SER G 178 -24.42 4.34 -58.19
N SER G 179 -24.15 3.94 -59.43
CA SER G 179 -22.90 3.35 -59.84
C SER G 179 -22.17 4.36 -60.72
N THR G 180 -20.90 4.63 -60.42
CA THR G 180 -20.15 5.67 -61.11
C THR G 180 -18.85 5.10 -61.67
N LEU G 181 -18.82 4.90 -62.99
CA LEU G 181 -17.64 4.42 -63.68
C LEU G 181 -16.78 5.60 -64.11
N THR G 182 -15.48 5.51 -63.83
CA THR G 182 -14.55 6.60 -64.10
C THR G 182 -13.34 6.10 -64.89
N LEU G 183 -12.87 6.94 -65.80
CA LEU G 183 -11.63 6.72 -66.54
C LEU G 183 -11.30 8.04 -67.25
N SER G 184 -10.19 8.04 -67.99
CA SER G 184 -9.63 9.30 -68.49
C SER G 184 -10.31 9.73 -69.79
N LYS G 185 -10.05 10.98 -70.18
CA LYS G 185 -10.70 11.55 -71.37
C LYS G 185 -10.23 10.86 -72.64
N ALA G 186 -8.92 10.75 -72.84
CA ALA G 186 -8.42 10.00 -73.98
C ALA G 186 -8.83 8.53 -73.90
N ASP G 187 -8.85 7.97 -72.69
CA ASP G 187 -9.19 6.57 -72.52
C ASP G 187 -10.67 6.29 -72.75
N TYR G 188 -11.55 7.25 -72.40
CA TYR G 188 -12.98 7.07 -72.64
C TYR G 188 -13.33 7.35 -74.11
N GLU G 189 -12.60 8.26 -74.76
CA GLU G 189 -12.90 8.63 -76.14
C GLU G 189 -12.61 7.49 -77.11
N LYS G 190 -11.68 6.59 -76.75
CA LYS G 190 -11.37 5.47 -77.62
C LYS G 190 -12.61 4.68 -77.99
N HIS G 191 -13.50 4.44 -77.02
CA HIS G 191 -14.63 3.54 -77.17
C HIS G 191 -15.93 4.32 -77.38
N LYS G 192 -16.93 3.63 -77.91
CA LYS G 192 -18.08 4.29 -78.53
C LYS G 192 -19.33 4.23 -77.66
N VAL G 193 -19.88 3.05 -77.39
CA VAL G 193 -21.20 2.92 -76.76
C VAL G 193 -21.04 2.23 -75.42
N TYR G 194 -21.57 2.87 -74.37
CA TYR G 194 -21.33 2.50 -72.98
C TYR G 194 -22.59 1.91 -72.39
N ALA G 195 -22.43 0.86 -71.59
CA ALA G 195 -23.57 0.05 -71.19
C ALA G 195 -23.50 -0.28 -69.70
N CYS G 196 -24.60 -0.03 -69.01
CA CYS G 196 -24.82 -0.44 -67.63
C CYS G 196 -25.86 -1.54 -67.61
N GLU G 197 -25.54 -2.65 -66.92
CA GLU G 197 -26.41 -3.81 -66.85
C GLU G 197 -26.79 -4.09 -65.40
N VAL G 198 -28.10 -4.13 -65.13
CA VAL G 198 -28.65 -4.26 -63.78
C VAL G 198 -29.30 -5.62 -63.63
N THR G 199 -29.08 -6.23 -62.47
CA THR G 199 -29.67 -7.52 -62.09
C THR G 199 -30.34 -7.34 -60.75
N HIS G 200 -31.66 -7.54 -60.70
CA HIS G 200 -32.41 -7.38 -59.46
C HIS G 200 -33.52 -8.41 -59.38
N GLN G 201 -33.84 -8.79 -58.14
CA GLN G 201 -34.84 -9.80 -57.83
C GLN G 201 -36.22 -9.47 -58.38
N GLY G 202 -36.38 -8.31 -59.02
CA GLY G 202 -37.67 -7.88 -59.49
C GLY G 202 -37.67 -7.70 -61.00
N LEU G 203 -36.57 -8.04 -61.62
CA LEU G 203 -36.46 -8.12 -63.07
C LEU G 203 -36.28 -9.59 -63.42
N SER G 204 -37.26 -10.18 -64.12
CA SER G 204 -37.14 -11.57 -64.55
C SER G 204 -35.78 -11.84 -65.18
N SER G 205 -35.34 -10.93 -66.05
CA SER G 205 -34.02 -10.96 -66.65
C SER G 205 -33.33 -9.62 -66.46
N PRO G 206 -32.00 -9.61 -66.25
CA PRO G 206 -31.29 -8.34 -66.10
C PRO G 206 -31.72 -7.30 -67.14
N VAL G 207 -31.69 -6.03 -66.76
CA VAL G 207 -31.95 -4.93 -67.67
C VAL G 207 -30.61 -4.32 -68.09
N THR G 208 -30.63 -3.48 -69.13
CA THR G 208 -29.45 -2.73 -69.51
C THR G 208 -29.89 -1.40 -70.12
N LYS G 209 -29.08 -0.36 -69.89
CA LYS G 209 -29.19 0.92 -70.57
C LYS G 209 -27.83 1.24 -71.17
N SER G 210 -27.83 2.00 -72.26
CA SER G 210 -26.59 2.31 -72.97
C SER G 210 -26.76 3.63 -73.72
N PHE G 211 -25.65 4.11 -74.27
CA PHE G 211 -25.67 5.30 -75.12
C PHE G 211 -24.50 5.25 -76.10
N ASN G 212 -24.64 6.01 -77.18
CA ASN G 212 -23.67 6.06 -78.27
C ASN G 212 -22.66 7.20 -78.08
N ARG G 213 -22.22 7.82 -79.18
CA ARG G 213 -21.39 9.04 -79.20
C ARG G 213 -20.35 9.06 -78.08
N GLY G 214 -19.60 7.96 -77.96
CA GLY G 214 -18.51 7.90 -76.99
C GLY G 214 -17.13 8.17 -77.58
N GLU H 6 33.40 2.41 26.95
CA GLU H 6 33.76 1.00 27.06
C GLU H 6 32.77 0.10 26.33
N VAL H 7 31.49 0.49 26.31
CA VAL H 7 30.45 -0.31 25.67
C VAL H 7 30.04 -1.44 26.60
N GLN H 8 28.80 -1.41 27.06
CA GLN H 8 28.32 -2.50 27.88
C GLN H 8 26.83 -2.72 27.65
N LEU H 9 26.44 -3.99 27.74
CA LEU H 9 25.08 -4.44 27.56
C LEU H 9 24.67 -5.17 28.84
N VAL H 10 23.57 -4.76 29.44
CA VAL H 10 23.07 -5.42 30.65
C VAL H 10 21.64 -5.87 30.40
N GLU H 11 21.46 -7.17 30.19
CA GLU H 11 20.11 -7.72 30.15
C GLU H 11 19.51 -7.72 31.56
N SER H 12 18.19 -7.80 31.63
CA SER H 12 17.49 -7.89 32.91
C SER H 12 16.05 -8.27 32.63
N GLY H 13 15.28 -8.47 33.71
CA GLY H 13 13.89 -8.83 33.63
C GLY H 13 13.60 -10.31 33.51
N GLY H 14 14.62 -11.14 33.27
CA GLY H 14 14.41 -12.57 33.27
C GLY H 14 13.91 -13.06 34.62
N ASN H 15 13.09 -14.11 34.58
CA ASN H 15 12.43 -14.58 35.79
C ASN H 15 11.78 -15.92 35.48
N LEU H 16 11.22 -16.54 36.54
CA LEU H 16 10.41 -17.74 36.39
C LEU H 16 8.96 -17.34 36.12
N VAL H 17 8.41 -17.88 35.03
CA VAL H 17 7.01 -17.70 34.68
C VAL H 17 6.47 -19.05 34.23
N GLN H 18 5.13 -19.22 34.25
CA GLN H 18 4.54 -20.51 33.91
C GLN H 18 4.19 -20.58 32.44
N PRO H 19 4.14 -21.80 31.89
CA PRO H 19 3.95 -21.94 30.44
C PRO H 19 2.70 -21.21 29.97
N GLY H 20 2.79 -20.63 28.77
CA GLY H 20 1.72 -19.78 28.24
C GLY H 20 1.73 -18.34 28.74
N GLY H 21 2.46 -18.02 29.81
CA GLY H 21 2.49 -16.68 30.35
C GLY H 21 3.38 -15.76 29.53
N SER H 22 3.59 -14.55 30.07
CA SER H 22 4.32 -13.49 29.39
C SER H 22 5.41 -12.91 30.26
N LEU H 23 6.54 -12.56 29.63
CA LEU H 23 7.66 -11.92 30.29
C LEU H 23 8.33 -10.95 29.32
N ARG H 24 8.75 -9.80 29.85
CA ARG H 24 9.39 -8.77 29.04
C ARG H 24 10.85 -8.61 29.45
N LEU H 25 11.75 -8.72 28.47
CA LEU H 25 13.19 -8.59 28.69
C LEU H 25 13.69 -7.27 28.12
N SER H 26 14.56 -6.60 28.87
CA SER H 26 15.15 -5.35 28.42
C SER H 26 16.66 -5.45 28.49
N CYS H 27 17.31 -4.64 27.66
CA CYS H 27 18.75 -4.66 27.50
C CYS H 27 19.19 -3.20 27.43
N ALA H 28 19.81 -2.70 28.49
CA ALA H 28 20.24 -1.31 28.54
C ALA H 28 21.64 -1.21 27.95
N ALA H 29 21.81 -0.27 27.03
CA ALA H 29 23.06 -0.12 26.31
C ALA H 29 23.78 1.16 26.74
N SER H 30 25.12 1.09 26.76
CA SER H 30 25.94 2.26 27.02
C SER H 30 27.34 2.03 26.48
N GLY H 31 28.02 3.12 26.12
CA GLY H 31 29.37 3.06 25.60
C GLY H 31 29.48 3.19 24.09
N PHE H 32 28.37 3.41 23.40
CA PHE H 32 28.37 3.60 21.96
C PHE H 32 27.10 4.36 21.63
N THR H 33 26.96 4.71 20.35
CA THR H 33 25.73 5.35 19.87
C THR H 33 24.71 4.27 19.58
N PHE H 34 23.86 3.97 20.57
CA PHE H 34 22.86 2.92 20.46
C PHE H 34 22.06 3.04 19.17
N SER H 35 21.59 4.26 18.86
CA SER H 35 20.66 4.43 17.75
C SER H 35 21.31 4.14 16.41
N SER H 36 22.62 3.90 16.39
CA SER H 36 23.33 3.65 15.14
C SER H 36 23.52 2.17 14.82
N TYR H 37 23.16 1.26 15.72
CA TYR H 37 23.60 -0.13 15.61
C TYR H 37 22.42 -1.10 15.56
N SER H 38 22.55 -2.11 14.71
CA SER H 38 21.68 -3.27 14.79
C SER H 38 21.89 -3.99 16.13
N MET H 39 20.84 -4.64 16.60
CA MET H 39 20.86 -5.35 17.87
C MET H 39 20.30 -6.75 17.62
N ASN H 40 20.66 -7.69 18.49
CA ASN H 40 20.18 -9.05 18.42
C ASN H 40 19.83 -9.54 19.82
N TRP H 41 18.85 -10.44 19.87
CA TRP H 41 18.69 -11.34 21.01
C TRP H 41 19.19 -12.72 20.59
N VAL H 42 20.03 -13.32 21.44
CA VAL H 42 20.48 -14.69 21.33
C VAL H 42 20.22 -15.31 22.67
N ARG H 43 19.88 -16.60 22.69
CA ARG H 43 19.58 -17.27 23.95
C ARG H 43 20.25 -18.64 23.99
N GLN H 44 20.36 -19.18 25.20
CA GLN H 44 21.09 -20.44 25.37
C GLN H 44 20.40 -21.25 26.45
N ALA H 45 19.88 -22.46 26.07
CA ALA H 45 19.23 -23.37 27.03
C ALA H 45 20.29 -24.08 27.87
N PRO H 46 20.03 -24.34 29.17
CA PRO H 46 21.04 -25.01 30.01
C PRO H 46 21.77 -26.13 29.29
N GLY H 47 23.11 -26.13 29.35
CA GLY H 47 23.89 -27.17 28.70
C GLY H 47 23.69 -27.26 27.20
N LYS H 48 23.33 -26.18 26.55
CA LYS H 48 23.03 -26.33 25.13
C LYS H 48 23.80 -25.31 24.30
N GLY H 49 23.46 -25.22 23.02
CA GLY H 49 24.12 -24.31 22.11
C GLY H 49 23.60 -22.88 22.19
N LEU H 50 24.01 -22.09 21.20
CA LEU H 50 23.51 -20.74 21.05
C LEU H 50 22.36 -20.76 20.04
N GLU H 51 21.24 -20.16 20.42
CA GLU H 51 20.14 -19.98 19.47
C GLU H 51 19.89 -18.49 19.26
N TRP H 52 19.95 -18.08 18.01
CA TRP H 52 19.57 -16.72 17.63
C TRP H 52 18.04 -16.60 17.69
N VAL H 53 17.56 -15.56 18.37
CA VAL H 53 16.13 -15.35 18.58
C VAL H 53 15.59 -14.31 17.61
N SER H 54 16.19 -13.11 17.56
CA SER H 54 15.54 -11.97 16.92
C SER H 54 16.54 -10.88 16.58
N TYR H 55 16.28 -10.18 15.47
CA TYR H 55 17.11 -9.09 14.96
C TYR H 55 16.32 -7.79 14.84
N ILE H 56 17.03 -6.66 14.97
CA ILE H 56 16.41 -5.35 14.76
C ILE H 56 17.43 -4.33 14.28
N SER H 57 17.21 -3.77 13.08
CA SER H 57 18.12 -2.77 12.54
C SER H 57 18.05 -1.48 13.37
N SER H 58 19.03 -0.60 13.16
CA SER H 58 19.19 0.55 14.05
C SER H 58 17.93 1.42 14.12
N SER H 59 17.22 1.56 12.99
CA SER H 59 16.01 2.38 12.96
C SER H 59 14.73 1.56 13.00
N SER H 60 14.80 0.30 13.41
CA SER H 60 13.69 -0.65 13.44
C SER H 60 13.14 -0.99 12.06
N SER H 61 13.81 -0.54 10.99
CA SER H 61 13.37 -0.83 9.63
C SER H 61 13.24 -2.33 9.40
N THR H 62 14.37 -3.05 9.41
CA THR H 62 14.39 -4.49 9.18
C THR H 62 14.32 -5.26 10.50
N ILE H 63 13.57 -6.36 10.49
CA ILE H 63 13.30 -7.17 11.69
C ILE H 63 13.21 -8.63 11.26
N TYR H 64 13.84 -9.53 12.04
CA TYR H 64 13.75 -10.94 11.73
C TYR H 64 13.50 -11.74 12.99
N TYR H 65 12.92 -12.92 12.80
CA TYR H 65 12.61 -13.82 13.90
C TYR H 65 13.04 -15.23 13.53
N ALA H 66 13.43 -15.98 14.55
CA ALA H 66 13.70 -17.40 14.37
C ALA H 66 12.37 -18.15 14.39
N ASP H 67 12.27 -19.20 13.57
CA ASP H 67 10.98 -19.90 13.45
C ASP H 67 10.47 -20.41 14.79
N SER H 68 11.29 -20.50 15.80
CA SER H 68 10.75 -20.98 17.06
C SER H 68 10.14 -19.86 17.89
N VAL H 69 10.41 -18.60 17.57
CA VAL H 69 9.72 -17.50 18.25
C VAL H 69 8.71 -16.80 17.35
N LYS H 70 8.80 -16.94 16.02
CA LYS H 70 7.93 -16.25 15.09
C LYS H 70 6.49 -16.31 15.59
N GLY H 71 5.93 -15.16 15.95
CA GLY H 71 4.56 -15.15 16.42
C GLY H 71 4.42 -14.92 17.90
N ARG H 72 5.28 -15.54 18.71
CA ARG H 72 5.17 -15.40 20.16
C ARG H 72 6.01 -14.27 20.73
N PHE H 73 7.09 -13.89 20.07
CA PHE H 73 8.07 -12.94 20.60
C PHE H 73 8.04 -11.64 19.78
N THR H 74 8.14 -10.51 20.46
CA THR H 74 8.19 -9.21 19.80
C THR H 74 9.47 -8.49 20.20
N ILE H 75 10.25 -8.06 19.20
CA ILE H 75 11.48 -7.29 19.43
C ILE H 75 11.22 -5.85 19.06
N SER H 76 11.54 -4.94 19.97
CA SER H 76 11.43 -3.52 19.70
C SER H 76 12.50 -2.76 20.48
N ARG H 77 12.77 -1.54 20.06
CA ARG H 77 13.74 -0.70 20.75
C ARG H 77 13.13 0.66 21.09
N ASP H 78 13.81 1.36 21.98
CA ASP H 78 13.46 2.73 22.33
C ASP H 78 14.79 3.51 22.28
N ASN H 79 15.13 3.97 21.08
CA ASN H 79 16.39 4.66 20.86
C ASN H 79 16.55 5.85 21.79
N ALA H 80 15.43 6.52 22.09
CA ALA H 80 15.46 7.60 23.07
C ALA H 80 15.99 7.09 24.41
N LYS H 81 15.34 6.06 24.95
CA LYS H 81 15.71 5.49 26.24
C LYS H 81 16.91 4.55 26.16
N ASN H 82 17.55 4.39 25.00
CA ASN H 82 18.76 3.57 24.88
C ASN H 82 18.53 2.12 25.34
N SER H 83 17.42 1.53 24.88
CA SER H 83 16.99 0.24 25.39
C SER H 83 16.57 -0.68 24.25
N LEU H 84 16.65 -1.98 24.52
CA LEU H 84 16.20 -3.03 23.60
C LEU H 84 15.30 -3.97 24.37
N TYR H 85 14.35 -4.59 23.67
CA TYR H 85 13.26 -5.28 24.35
C TYR H 85 12.96 -6.60 23.68
N LEU H 86 12.44 -7.53 24.48
CA LEU H 86 11.87 -8.77 23.97
C LEU H 86 10.58 -9.00 24.75
N GLN H 87 9.45 -8.82 24.07
CA GLN H 87 8.17 -9.22 24.63
C GLN H 87 7.98 -10.71 24.36
N MET H 88 7.78 -11.47 25.42
CA MET H 88 7.68 -12.92 25.34
C MET H 88 6.27 -13.33 25.76
N ASN H 89 5.54 -13.97 24.85
CA ASN H 89 4.21 -14.49 25.14
C ASN H 89 4.12 -15.96 24.74
N SER H 90 3.15 -16.64 25.33
CA SER H 90 2.94 -18.06 25.04
C SER H 90 4.21 -18.84 25.36
N LEU H 91 4.77 -18.59 26.53
CA LEU H 91 6.05 -19.18 26.88
C LEU H 91 5.91 -20.67 27.15
N ARG H 92 6.84 -21.44 26.59
CA ARG H 92 6.95 -22.88 26.71
C ARG H 92 8.19 -23.22 27.52
N ALA H 93 8.21 -24.44 28.06
CA ALA H 93 9.34 -24.89 28.87
C ALA H 93 10.66 -24.83 28.10
N GLU H 94 10.65 -25.14 26.80
CA GLU H 94 11.83 -25.09 25.94
C GLU H 94 12.40 -23.69 25.77
N ASP H 95 11.71 -22.66 26.26
CA ASP H 95 12.22 -21.29 26.18
C ASP H 95 13.08 -20.92 27.37
N THR H 96 13.07 -21.73 28.44
CA THR H 96 14.00 -21.53 29.54
C THR H 96 15.42 -21.44 28.99
N ALA H 97 16.09 -20.34 29.30
CA ALA H 97 17.41 -20.09 28.75
C ALA H 97 17.99 -18.87 29.43
N VAL H 98 19.27 -18.65 29.17
CA VAL H 98 19.88 -17.32 29.28
C VAL H 98 19.60 -16.59 27.97
N TYR H 99 19.19 -15.34 28.08
CA TYR H 99 18.93 -14.51 26.90
C TYR H 99 19.94 -13.37 26.88
N TYR H 100 20.72 -13.30 25.80
CA TYR H 100 21.72 -12.26 25.60
C TYR H 100 21.23 -11.28 24.52
N CYS H 101 21.40 -9.99 24.78
CA CYS H 101 21.42 -9.05 23.67
C CYS H 101 22.86 -8.88 23.18
N ALA H 102 23.01 -8.63 21.89
CA ALA H 102 24.30 -8.51 21.25
C ALA H 102 24.24 -7.38 20.22
N ARG H 103 25.38 -6.73 19.99
CA ARG H 103 25.47 -5.58 19.09
C ARG H 103 26.12 -5.98 17.78
N VAL H 104 25.51 -5.62 16.66
CA VAL H 104 26.09 -5.90 15.36
C VAL H 104 27.14 -4.84 15.02
N ALA H 105 28.38 -5.28 14.84
CA ALA H 105 29.48 -4.39 14.48
C ALA H 105 30.60 -5.21 13.82
N ALA H 106 30.39 -5.59 12.56
CA ALA H 106 31.23 -6.58 11.88
C ALA H 106 31.24 -7.91 12.64
N GLY H 107 30.03 -8.45 12.84
CA GLY H 107 29.76 -9.61 13.68
C GLY H 107 29.12 -9.19 14.99
N LEU H 108 28.79 -10.18 15.82
CA LEU H 108 28.23 -9.86 17.14
C LEU H 108 29.40 -9.60 18.10
N LYS H 109 29.92 -8.37 18.02
CA LYS H 109 31.16 -8.04 18.71
C LYS H 109 30.97 -7.75 20.19
N ASP H 110 29.75 -7.44 20.62
CA ASP H 110 29.54 -7.11 22.02
C ASP H 110 28.34 -7.86 22.56
N TRP H 111 28.50 -8.40 23.78
CA TRP H 111 27.51 -9.23 24.43
C TRP H 111 27.36 -8.81 25.88
N GLY H 112 26.16 -9.00 26.41
CA GLY H 112 25.89 -8.72 27.80
C GLY H 112 26.05 -9.97 28.64
N GLN H 113 25.88 -9.78 29.96
CA GLN H 113 26.09 -10.88 30.89
C GLN H 113 25.03 -11.97 30.69
N GLY H 114 23.78 -11.57 30.44
CA GLY H 114 22.66 -12.45 30.21
C GLY H 114 21.64 -12.36 31.35
N THR H 115 20.41 -12.78 31.03
CA THR H 115 19.37 -13.00 32.05
C THR H 115 18.77 -14.38 31.85
N LEU H 116 18.47 -15.02 32.98
CA LEU H 116 17.88 -16.35 32.98
C LEU H 116 16.36 -16.21 33.08
N VAL H 117 15.64 -16.68 32.07
CA VAL H 117 14.20 -16.84 32.19
C VAL H 117 13.90 -18.33 32.37
N THR H 118 13.12 -18.63 33.40
CA THR H 118 12.70 -19.99 33.72
C THR H 118 11.19 -20.06 33.58
N VAL H 119 10.72 -21.07 32.87
CA VAL H 119 9.30 -21.20 32.53
C VAL H 119 8.89 -22.67 32.77
N SER H 120 8.36 -22.93 33.96
CA SER H 120 7.81 -24.23 34.31
C SER H 120 6.61 -24.05 35.22
N SER H 121 5.94 -25.16 35.49
CA SER H 121 4.78 -25.15 36.39
C SER H 121 5.21 -25.15 37.84
N ALA H 122 6.28 -25.87 38.17
CA ALA H 122 6.73 -26.04 39.56
C ALA H 122 6.94 -24.69 40.24
N SER H 123 7.05 -24.70 41.57
CA SER H 123 7.16 -23.44 42.31
C SER H 123 8.55 -23.27 42.91
N THR H 124 8.87 -22.01 43.23
CA THR H 124 10.12 -21.70 43.92
C THR H 124 10.19 -22.51 45.21
N LYS H 125 11.35 -23.13 45.45
CA LYS H 125 11.56 -24.02 46.59
C LYS H 125 12.98 -23.85 47.10
N GLY H 126 13.12 -23.37 48.33
CA GLY H 126 14.39 -23.39 49.01
C GLY H 126 14.98 -24.78 48.93
N PRO H 127 16.29 -24.86 48.76
CA PRO H 127 16.95 -26.16 48.59
C PRO H 127 17.06 -26.95 49.88
N SER H 128 17.12 -28.27 49.75
CA SER H 128 17.41 -29.16 50.87
C SER H 128 18.90 -29.54 50.82
N VAL H 129 19.62 -29.25 51.91
CA VAL H 129 21.06 -29.45 52.00
C VAL H 129 21.35 -30.47 53.11
N PHE H 130 21.98 -31.59 52.73
CA PHE H 130 22.43 -32.66 53.60
C PHE H 130 23.94 -32.83 53.49
N PRO H 131 24.61 -33.28 54.56
CA PRO H 131 26.05 -33.55 54.45
C PRO H 131 26.34 -34.88 53.78
N LEU H 132 27.51 -34.94 53.14
CA LEU H 132 28.15 -36.17 52.67
C LEU H 132 29.36 -36.39 53.56
N ALA H 133 29.22 -37.27 54.57
CA ALA H 133 30.25 -37.39 55.60
C ALA H 133 31.55 -37.94 55.02
N PRO H 134 32.70 -37.58 55.62
CA PRO H 134 33.98 -38.13 55.14
C PRO H 134 34.19 -39.59 55.57
N GLY H 141 45.42 -43.45 49.09
CA GLY H 141 46.50 -42.64 49.60
C GLY H 141 46.20 -41.92 50.90
N GLY H 142 46.62 -40.64 50.99
CA GLY H 142 46.47 -39.85 52.20
C GLY H 142 45.46 -38.71 52.17
N THR H 143 44.41 -38.82 51.35
CA THR H 143 43.37 -37.81 51.27
C THR H 143 42.00 -38.42 51.61
N ALA H 144 40.97 -37.57 51.59
CA ALA H 144 39.59 -37.99 51.87
C ALA H 144 38.63 -37.02 51.18
N ALA H 145 37.43 -37.51 50.86
CA ALA H 145 36.45 -36.76 50.05
C ALA H 145 35.21 -36.40 50.88
N LEU H 146 34.89 -35.10 50.90
CA LEU H 146 33.74 -34.51 51.59
C LEU H 146 32.75 -33.95 50.56
N GLY H 147 31.75 -33.23 51.06
CA GLY H 147 30.81 -32.57 50.17
C GLY H 147 29.45 -32.37 50.84
N CYS H 148 28.56 -31.74 50.07
CA CYS H 148 27.17 -31.49 50.46
C CYS H 148 26.25 -31.89 49.31
N LEU H 149 25.05 -32.35 49.64
CA LEU H 149 24.02 -32.63 48.65
C LEU H 149 22.92 -31.57 48.76
N VAL H 150 22.46 -31.08 47.62
CA VAL H 150 21.43 -30.04 47.57
C VAL H 150 20.29 -30.58 46.71
N LYS H 151 19.24 -31.08 47.36
CA LYS H 151 18.19 -31.84 46.68
C LYS H 151 16.86 -31.09 46.71
N ASP H 152 16.09 -31.28 45.64
CA ASP H 152 14.75 -30.72 45.46
C ASP H 152 14.68 -29.25 45.81
N TYR H 153 15.16 -28.41 44.91
CA TYR H 153 15.04 -26.97 44.99
C TYR H 153 14.55 -26.47 43.64
N PHE H 154 14.19 -25.20 43.60
CA PHE H 154 13.74 -24.60 42.35
C PHE H 154 13.59 -23.08 42.50
N PRO H 155 14.06 -22.28 41.53
CA PRO H 155 14.73 -22.65 40.27
C PRO H 155 16.27 -22.69 40.35
N GLU H 156 16.96 -22.53 39.20
CA GLU H 156 18.33 -23.02 39.10
C GLU H 156 19.35 -22.23 39.92
N PRO H 157 19.44 -20.90 39.80
CA PRO H 157 20.54 -20.19 40.48
C PRO H 157 20.76 -20.61 41.94
N VAL H 158 21.47 -21.72 42.15
CA VAL H 158 21.97 -22.14 43.46
C VAL H 158 23.49 -22.21 43.38
N THR H 159 24.16 -21.54 44.33
CA THR H 159 25.61 -21.49 44.40
C THR H 159 26.11 -22.19 45.66
N VAL H 160 27.36 -22.68 45.60
CA VAL H 160 27.97 -23.42 46.70
C VAL H 160 29.42 -22.97 46.82
N SER H 161 29.84 -22.68 48.05
CA SER H 161 31.22 -22.38 48.36
C SER H 161 31.54 -22.98 49.73
N TRP H 162 32.82 -23.12 50.04
CA TRP H 162 33.24 -23.83 51.24
C TRP H 162 34.01 -22.90 52.16
N ASN H 163 33.72 -23.01 53.46
CA ASN H 163 34.38 -22.20 54.49
C ASN H 163 34.43 -20.72 54.10
N SER H 164 33.42 -20.27 53.35
CA SER H 164 33.26 -18.86 52.96
C SER H 164 34.20 -18.48 51.81
N GLY H 165 34.23 -19.31 50.78
CA GLY H 165 35.13 -19.10 49.66
C GLY H 165 36.61 -19.27 49.95
N ALA H 166 36.97 -19.78 51.13
CA ALA H 166 38.37 -20.00 51.54
C ALA H 166 38.84 -21.43 51.27
N LEU H 167 38.14 -22.18 50.38
CA LEU H 167 38.47 -23.57 50.03
C LEU H 167 38.14 -23.75 48.54
N THR H 168 39.08 -23.35 47.68
CA THR H 168 38.86 -23.45 46.24
C THR H 168 39.52 -24.66 45.60
N SER H 169 40.70 -25.08 46.08
CA SER H 169 41.36 -26.25 45.52
C SER H 169 40.71 -27.53 46.02
N GLY H 170 40.44 -28.45 45.12
CA GLY H 170 39.81 -29.70 45.46
C GLY H 170 38.29 -29.68 45.49
N VAL H 171 37.65 -28.54 45.18
CA VAL H 171 36.20 -28.40 45.25
C VAL H 171 35.61 -28.63 43.86
N HIS H 172 34.59 -29.51 43.78
CA HIS H 172 33.95 -29.95 42.53
C HIS H 172 32.43 -29.76 42.65
N THR H 173 31.89 -28.67 42.11
CA THR H 173 30.46 -28.37 42.18
C THR H 173 29.78 -28.81 40.89
N PHE H 174 29.02 -29.91 40.94
CA PHE H 174 28.43 -30.52 39.77
C PHE H 174 27.30 -29.67 39.17
N PRO H 175 26.99 -29.84 37.89
CA PRO H 175 25.81 -29.19 37.34
C PRO H 175 24.55 -29.80 37.92
N ALA H 176 23.60 -28.93 38.27
CA ALA H 176 22.30 -29.42 38.73
C ALA H 176 21.68 -30.32 37.66
N VAL H 177 21.02 -31.38 38.10
CA VAL H 177 20.16 -32.19 37.26
C VAL H 177 18.71 -31.83 37.56
N LEU H 178 17.95 -31.50 36.51
CA LEU H 178 16.52 -31.32 36.65
C LEU H 178 15.86 -32.69 36.80
N GLN H 179 15.43 -33.01 38.01
CA GLN H 179 14.88 -34.34 38.29
C GLN H 179 13.44 -34.44 37.77
N SER H 180 12.99 -35.69 37.56
CA SER H 180 11.67 -35.92 36.96
C SER H 180 10.56 -35.21 37.72
N SER H 181 10.76 -34.99 39.03
CA SER H 181 9.79 -34.21 39.79
C SER H 181 9.58 -32.83 39.17
N GLY H 182 10.66 -32.19 38.73
CA GLY H 182 10.64 -30.80 38.31
C GLY H 182 11.48 -29.89 39.15
N LEU H 183 12.14 -30.43 40.18
CA LEU H 183 13.11 -29.69 40.98
C LEU H 183 14.51 -30.14 40.62
N TYR H 184 15.47 -29.24 40.82
CA TYR H 184 16.86 -29.60 40.57
C TYR H 184 17.45 -30.23 41.82
N SER H 185 18.54 -30.98 41.60
CA SER H 185 19.39 -31.44 42.70
C SER H 185 20.83 -31.42 42.21
N LEU H 186 21.72 -30.78 42.97
CA LEU H 186 23.14 -30.77 42.65
C LEU H 186 23.95 -31.18 43.86
N SER H 187 25.10 -31.80 43.62
CA SER H 187 26.03 -32.23 44.65
C SER H 187 27.39 -31.59 44.44
N SER H 188 27.99 -31.08 45.52
CA SER H 188 29.29 -30.43 45.49
C SER H 188 30.26 -31.19 46.40
N VAL H 189 31.45 -31.50 45.87
CA VAL H 189 32.44 -32.28 46.61
C VAL H 189 33.76 -31.52 46.68
N VAL H 190 34.57 -31.88 47.68
CA VAL H 190 35.92 -31.34 47.88
C VAL H 190 36.79 -32.48 48.42
N THR H 191 38.05 -32.54 47.95
CA THR H 191 39.02 -33.48 48.48
C THR H 191 40.02 -32.72 49.35
N VAL H 192 40.34 -33.30 50.51
CA VAL H 192 41.12 -32.62 51.54
C VAL H 192 41.99 -33.64 52.27
N PRO H 193 43.07 -33.22 52.96
CA PRO H 193 43.91 -34.20 53.68
C PRO H 193 43.10 -34.90 54.76
N SER H 194 43.16 -36.24 54.76
CA SER H 194 42.49 -37.02 55.80
C SER H 194 43.27 -37.07 57.12
N SER H 195 44.26 -36.19 57.29
CA SER H 195 44.97 -36.01 58.56
C SER H 195 44.47 -34.78 59.34
N SER H 196 43.73 -33.88 58.70
CA SER H 196 43.14 -32.71 59.34
C SER H 196 41.60 -32.76 59.29
N LEU H 197 41.02 -33.96 59.39
CA LEU H 197 39.57 -34.10 59.33
C LEU H 197 38.90 -33.80 60.66
N GLY H 198 39.62 -34.01 61.76
CA GLY H 198 39.07 -33.73 63.07
C GLY H 198 39.12 -32.25 63.42
N THR H 199 40.26 -31.61 63.14
CA THR H 199 40.50 -30.24 63.59
C THR H 199 39.85 -29.20 62.67
N GLN H 200 40.11 -29.26 61.37
CA GLN H 200 39.51 -28.29 60.47
C GLN H 200 38.02 -28.56 60.31
N THR H 201 37.24 -27.48 60.32
CA THR H 201 35.79 -27.55 60.17
C THR H 201 35.42 -27.09 58.77
N TYR H 202 34.56 -27.85 58.10
CA TYR H 202 34.15 -27.58 56.73
C TYR H 202 32.68 -27.19 56.69
N ILE H 203 32.33 -26.26 55.81
CA ILE H 203 30.94 -25.84 55.63
C ILE H 203 30.72 -25.54 54.15
N CYS H 204 29.55 -25.92 53.64
CA CYS H 204 29.14 -25.63 52.28
C CYS H 204 28.17 -24.46 52.31
N ASN H 205 28.55 -23.36 51.68
CA ASN H 205 27.70 -22.17 51.58
C ASN H 205 26.78 -22.32 50.37
N VAL H 206 25.54 -22.72 50.63
CA VAL H 206 24.51 -22.87 49.59
C VAL H 206 23.61 -21.65 49.68
N ASN H 207 23.62 -20.81 48.64
CA ASN H 207 22.80 -19.61 48.55
C ASN H 207 21.88 -19.73 47.34
N HIS H 208 20.58 -19.82 47.59
CA HIS H 208 19.56 -19.93 46.54
C HIS H 208 18.72 -18.66 46.57
N LYS H 209 19.03 -17.72 45.65
CA LYS H 209 18.42 -16.39 45.71
C LYS H 209 16.96 -16.40 45.29
N PRO H 210 16.56 -17.04 44.18
CA PRO H 210 15.12 -17.09 43.84
C PRO H 210 14.22 -17.42 45.03
N SER H 211 14.58 -18.42 45.82
CA SER H 211 13.84 -18.80 47.03
C SER H 211 14.27 -17.99 48.25
N ASN H 212 15.22 -17.05 48.10
CA ASN H 212 15.68 -16.20 49.20
C ASN H 212 15.99 -17.01 50.46
N THR H 213 16.68 -18.13 50.26
CA THR H 213 17.09 -19.01 51.35
C THR H 213 18.60 -19.26 51.26
N LYS H 214 19.26 -19.32 52.42
CA LYS H 214 20.70 -19.57 52.50
C LYS H 214 20.98 -20.57 53.61
N VAL H 215 21.50 -21.74 53.25
CA VAL H 215 21.82 -22.79 54.20
C VAL H 215 23.34 -22.93 54.30
N ASP H 216 23.79 -23.56 55.39
CA ASP H 216 25.22 -23.75 55.63
C ASP H 216 25.61 -25.23 55.77
N LYS H 217 24.91 -26.02 56.60
CA LYS H 217 25.19 -27.45 56.71
C LYS H 217 26.66 -27.73 57.05
N ARG H 218 26.90 -28.24 58.26
CA ARG H 218 28.26 -28.34 58.77
C ARG H 218 29.05 -29.50 58.13
N VAL H 219 28.39 -30.59 57.76
CA VAL H 219 29.05 -31.74 57.12
C VAL H 219 30.37 -32.09 57.81
N GLU H 220 30.30 -32.84 58.88
CA GLU H 220 31.44 -33.24 59.68
C GLU H 220 31.67 -34.74 59.60
N PRO H 221 32.86 -35.22 59.99
CA PRO H 221 33.10 -36.67 60.07
C PRO H 221 32.28 -37.33 61.19
N GLU I 1 15.70 -22.12 4.77
CA GLU I 1 16.54 -21.79 5.92
C GLU I 1 17.95 -22.32 5.72
N ILE I 2 18.94 -21.45 5.90
CA ILE I 2 20.33 -21.86 5.93
C ILE I 2 20.60 -22.60 7.25
N VAL I 3 21.23 -23.77 7.16
CA VAL I 3 21.63 -24.54 8.33
C VAL I 3 23.16 -24.64 8.36
N LEU I 4 23.73 -24.34 9.51
CA LEU I 4 25.18 -24.45 9.69
C LEU I 4 25.47 -25.73 10.46
N THR I 5 26.25 -26.63 9.84
CA THR I 5 26.66 -27.86 10.51
C THR I 5 28.16 -27.81 10.81
N GLN I 6 28.50 -27.87 12.08
CA GLN I 6 29.89 -27.89 12.51
C GLN I 6 30.36 -29.31 12.84
N SER I 7 31.61 -29.60 12.48
CA SER I 7 32.19 -30.92 12.69
C SER I 7 33.69 -30.79 12.88
N PRO I 8 34.32 -31.70 13.64
CA PRO I 8 33.70 -32.68 14.53
C PRO I 8 32.85 -32.06 15.62
N GLY I 9 32.02 -32.86 16.30
CA GLY I 9 31.30 -32.36 17.45
C GLY I 9 32.22 -32.07 18.62
N THR I 10 33.20 -32.96 18.88
CA THR I 10 34.24 -32.73 19.86
C THR I 10 35.59 -32.96 19.20
N LEU I 11 36.60 -32.24 19.72
CA LEU I 11 37.95 -32.26 19.16
C LEU I 11 38.90 -32.32 20.35
N SER I 12 39.48 -33.51 20.59
CA SER I 12 40.44 -33.72 21.67
C SER I 12 41.85 -33.52 21.15
N LEU I 13 42.54 -32.51 21.69
CA LEU I 13 43.88 -32.17 21.23
C LEU I 13 44.74 -31.78 22.42
N SER I 14 46.04 -31.98 22.25
CA SER I 14 46.89 -31.63 23.38
C SER I 14 47.33 -30.18 23.28
N PRO I 15 47.60 -29.52 24.42
CA PRO I 15 48.14 -28.16 24.37
C PRO I 15 49.29 -28.09 23.37
N GLY I 16 49.37 -26.96 22.67
CA GLY I 16 50.33 -26.81 21.61
C GLY I 16 49.98 -27.44 20.27
N GLU I 17 48.97 -28.32 20.18
CA GLU I 17 48.65 -28.90 18.88
C GLU I 17 47.93 -27.88 17.98
N ARG I 18 47.88 -28.18 16.70
CA ARG I 18 47.12 -27.39 15.75
C ARG I 18 45.67 -27.87 15.69
N ALA I 19 44.74 -26.93 15.71
CA ALA I 19 43.31 -27.22 15.63
C ALA I 19 42.75 -26.60 14.36
N THR I 20 41.91 -27.37 13.66
CA THR I 20 41.21 -26.88 12.48
C THR I 20 39.74 -27.26 12.66
N LEU I 21 38.90 -26.24 12.81
CA LEU I 21 37.46 -26.42 12.97
C LEU I 21 36.77 -26.15 11.64
N SER I 22 35.64 -26.83 11.43
CA SER I 22 34.96 -26.77 10.14
C SER I 22 33.49 -26.42 10.35
N CYS I 23 32.96 -25.65 9.39
CA CYS I 23 31.58 -25.16 9.43
C CYS I 23 31.02 -25.29 8.03
N ARG I 24 30.06 -26.22 7.86
CA ARG I 24 29.45 -26.52 6.56
C ARG I 24 28.10 -25.83 6.45
N ALA I 25 27.89 -25.09 5.36
CA ALA I 25 26.66 -24.34 5.16
C ALA I 25 25.74 -25.08 4.18
N SER I 26 24.47 -25.23 4.56
CA SER I 26 23.50 -25.89 3.68
C SER I 26 23.51 -25.28 2.27
N GLN I 27 23.40 -23.96 2.17
CA GLN I 27 23.47 -23.26 0.90
C GLN I 27 24.66 -22.32 0.86
N SER I 28 25.07 -21.93 -0.35
CA SER I 28 26.18 -21.00 -0.51
C SER I 28 25.87 -19.65 0.13
N ILE I 29 26.75 -19.21 1.04
CA ILE I 29 26.66 -17.90 1.67
C ILE I 29 27.84 -17.04 1.22
N SER I 30 27.72 -15.73 1.47
CA SER I 30 28.77 -14.78 1.17
C SER I 30 29.91 -14.87 2.20
N SER I 31 31.16 -14.88 1.71
CA SER I 31 32.30 -14.85 2.62
C SER I 31 32.23 -13.68 3.60
N SER I 32 31.52 -12.60 3.24
CA SER I 32 31.42 -11.44 4.10
C SER I 32 30.59 -11.68 5.35
N TYR I 33 29.77 -12.73 5.38
CA TYR I 33 28.76 -12.87 6.44
C TYR I 33 28.91 -14.18 7.24
N LEU I 34 30.14 -14.72 7.30
CA LEU I 34 30.49 -15.91 8.09
C LEU I 34 31.43 -15.53 9.24
N ALA I 35 30.91 -15.62 10.47
CA ALA I 35 31.60 -15.25 11.69
C ALA I 35 31.94 -16.49 12.50
N TRP I 36 32.95 -16.36 13.39
CA TRP I 36 33.35 -17.41 14.32
C TRP I 36 33.37 -16.86 15.73
N TYR I 37 32.86 -17.64 16.67
CA TYR I 37 32.81 -17.23 18.07
C TYR I 37 33.44 -18.32 18.94
N GLN I 38 33.77 -17.93 20.16
CA GLN I 38 34.32 -18.81 21.18
C GLN I 38 33.55 -18.61 22.47
N GLN I 39 33.34 -19.67 23.22
CA GLN I 39 32.65 -19.54 24.50
C GLN I 39 33.15 -20.58 25.46
N LYS I 40 33.35 -20.15 26.71
CA LYS I 40 33.77 -20.82 27.92
C LYS I 40 32.64 -20.80 28.96
N PRO I 41 32.58 -21.82 29.82
CA PRO I 41 31.48 -21.90 30.80
C PRO I 41 31.40 -20.66 31.67
N GLY I 42 30.16 -20.27 31.97
CA GLY I 42 29.91 -19.09 32.79
C GLY I 42 30.23 -17.78 32.11
N GLN I 43 30.13 -17.72 30.77
CA GLN I 43 30.65 -16.59 30.02
C GLN I 43 29.93 -16.46 28.67
N ALA I 44 29.65 -15.21 28.30
CA ALA I 44 29.04 -14.91 27.02
C ALA I 44 30.02 -15.22 25.88
N PRO I 45 29.51 -15.56 24.70
CA PRO I 45 30.39 -15.79 23.55
C PRO I 45 31.27 -14.57 23.26
N ARG I 46 32.29 -14.79 22.44
CA ARG I 46 33.31 -13.79 22.18
C ARG I 46 33.66 -13.85 20.70
N LEU I 47 33.52 -12.72 20.01
CA LEU I 47 33.75 -12.71 18.57
C LEU I 47 35.23 -12.87 18.25
N LEU I 48 35.54 -13.84 17.39
CA LEU I 48 36.91 -14.06 16.94
C LEU I 48 37.14 -13.66 15.49
N ILE I 49 36.29 -14.13 14.59
CA ILE I 49 36.45 -13.85 13.18
C ILE I 49 35.15 -13.33 12.60
N PHE I 50 35.28 -12.47 11.62
CA PHE I 50 34.19 -11.92 10.84
C PHE I 50 34.69 -11.81 9.41
N GLY I 51 33.75 -11.75 8.47
CA GLY I 51 34.17 -11.73 7.08
C GLY I 51 34.91 -12.97 6.67
N ALA I 52 34.70 -14.08 7.39
CA ALA I 52 35.32 -15.38 7.11
C ALA I 52 36.78 -15.43 7.56
N SER I 53 37.54 -14.32 7.38
CA SER I 53 38.99 -14.38 7.63
C SER I 53 39.57 -13.06 8.09
N SER I 54 38.82 -12.26 8.84
CA SER I 54 39.34 -11.04 9.41
C SER I 54 39.22 -11.13 10.92
N ARG I 55 40.31 -10.86 11.62
CA ARG I 55 40.33 -10.99 13.06
C ARG I 55 39.62 -9.82 13.71
N ALA I 56 38.74 -10.12 14.67
CA ALA I 56 38.12 -9.10 15.48
C ALA I 56 39.19 -8.41 16.32
N THR I 57 39.04 -7.10 16.54
CA THR I 57 40.07 -6.33 17.21
C THR I 57 40.51 -7.04 18.49
N GLY I 58 41.83 -7.21 18.64
CA GLY I 58 42.41 -7.74 19.87
C GLY I 58 42.48 -9.24 19.94
N ILE I 59 42.39 -9.94 18.83
CA ILE I 59 42.32 -11.40 18.81
C ILE I 59 43.69 -11.94 18.37
N PRO I 60 44.28 -12.87 19.12
CA PRO I 60 45.63 -13.39 18.77
C PRO I 60 45.70 -13.96 17.36
N ASP I 61 46.90 -13.84 16.76
CA ASP I 61 47.09 -14.23 15.37
C ASP I 61 47.32 -15.71 15.19
N ARG I 62 47.32 -16.50 16.26
CA ARG I 62 47.17 -17.93 16.07
C ARG I 62 45.78 -18.28 15.55
N PHE I 63 44.81 -17.37 15.68
CA PHE I 63 43.44 -17.58 15.19
C PHE I 63 43.36 -17.07 13.75
N SER I 64 42.97 -17.96 12.86
CA SER I 64 42.93 -17.72 11.43
C SER I 64 41.61 -18.23 10.84
N GLY I 65 41.09 -17.52 9.87
CA GLY I 65 39.85 -17.90 9.19
C GLY I 65 40.09 -18.06 7.70
N SER I 66 39.39 -19.02 7.10
CA SER I 66 39.47 -19.20 5.68
C SER I 66 38.15 -19.80 5.20
N GLY I 67 38.12 -20.13 3.91
CA GLY I 67 36.92 -20.72 3.33
C GLY I 67 36.20 -19.78 2.39
N SER I 68 35.12 -20.33 1.84
CA SER I 68 34.32 -19.69 0.81
C SER I 68 33.15 -20.59 0.47
N GLY I 69 32.30 -20.15 -0.45
CA GLY I 69 31.15 -20.93 -0.86
C GLY I 69 30.36 -21.53 0.28
N THR I 70 30.48 -22.84 0.47
CA THR I 70 29.76 -23.53 1.52
C THR I 70 30.63 -24.21 2.57
N GLY I 71 31.96 -24.05 2.51
CA GLY I 71 32.85 -24.60 3.54
C GLY I 71 33.82 -23.61 4.14
N PHE I 72 33.80 -23.48 5.46
CA PHE I 72 34.61 -22.47 6.15
C PHE I 72 35.38 -23.12 7.31
N THR I 73 36.58 -22.60 7.53
CA THR I 73 37.53 -23.19 8.46
C THR I 73 38.08 -22.13 9.40
N LEU I 74 37.98 -22.41 10.70
CA LEU I 74 38.64 -21.64 11.75
C LEU I 74 39.88 -22.41 12.20
N THR I 75 41.06 -21.82 12.03
CA THR I 75 42.29 -22.51 12.40
C THR I 75 42.92 -21.85 13.62
N ILE I 76 43.35 -22.68 14.57
CA ILE I 76 44.19 -22.24 15.67
C ILE I 76 45.56 -22.89 15.46
N SER I 77 46.55 -22.08 15.05
CA SER I 77 47.83 -22.66 14.64
C SER I 77 48.52 -23.43 15.77
N ARG I 78 48.39 -22.96 17.01
CA ARG I 78 49.03 -23.64 18.14
C ARG I 78 48.19 -23.40 19.39
N LEU I 79 47.58 -24.47 19.91
CA LEU I 79 46.65 -24.36 21.02
C LEU I 79 47.35 -23.93 22.30
N GLU I 80 46.88 -22.84 22.89
CA GLU I 80 47.28 -22.52 24.25
C GLU I 80 46.17 -22.90 25.20
N PRO I 81 46.44 -23.00 26.51
CA PRO I 81 45.40 -23.47 27.43
C PRO I 81 44.13 -22.65 27.33
N GLU I 82 44.24 -21.32 27.29
CA GLU I 82 43.06 -20.46 27.25
C GLU I 82 42.18 -20.72 26.01
N ASP I 83 42.68 -21.42 24.98
CA ASP I 83 41.95 -21.66 23.74
C ASP I 83 41.07 -22.91 23.77
N PHE I 84 40.88 -23.53 24.92
CA PHE I 84 40.04 -24.71 25.00
C PHE I 84 38.65 -24.27 25.45
N ALA I 85 37.69 -24.43 24.58
CA ALA I 85 36.35 -23.89 24.79
C ALA I 85 35.46 -24.50 23.73
N VAL I 86 34.24 -23.95 23.60
CA VAL I 86 33.33 -24.28 22.51
C VAL I 86 33.41 -23.18 21.45
N TYR I 87 33.42 -23.59 20.19
CA TYR I 87 33.46 -22.68 19.05
C TYR I 87 32.17 -22.78 18.22
N TYR I 88 31.61 -21.63 17.87
CA TYR I 88 30.40 -21.58 17.06
C TYR I 88 30.65 -20.74 15.82
N CYS I 89 30.23 -21.23 14.66
CA CYS I 89 30.15 -20.36 13.49
C CYS I 89 28.76 -19.71 13.42
N GLN I 90 28.54 -18.85 12.43
CA GLN I 90 27.29 -18.09 12.39
C GLN I 90 27.13 -17.30 11.11
N HIS I 91 25.97 -17.47 10.47
CA HIS I 91 25.58 -16.70 9.29
C HIS I 91 24.98 -15.37 9.76
N TYR I 92 25.56 -14.24 9.36
CA TYR I 92 24.95 -12.99 9.79
C TYR I 92 24.70 -12.02 8.63
N ASP I 93 24.45 -12.53 7.42
CA ASP I 93 23.91 -11.69 6.34
C ASP I 93 22.77 -10.80 6.84
N SER I 94 22.89 -9.50 6.53
CA SER I 94 21.90 -8.49 6.93
C SER I 94 20.53 -8.74 6.29
N SER I 95 20.48 -9.46 5.18
CA SER I 95 19.22 -9.62 4.45
C SER I 95 18.48 -10.90 4.82
N LEU I 96 19.08 -11.79 5.60
CA LEU I 96 18.48 -13.06 5.97
C LEU I 96 18.49 -13.25 7.48
N PRO I 97 17.55 -14.01 8.01
CA PRO I 97 17.67 -14.45 9.41
C PRO I 97 19.02 -15.08 9.68
N MET I 98 19.61 -14.68 10.79
CA MET I 98 20.92 -15.16 11.18
C MET I 98 20.77 -16.55 11.81
N THR I 99 21.87 -17.29 11.87
CA THR I 99 21.83 -18.55 12.61
C THR I 99 23.24 -19.02 12.98
N PHE I 100 23.32 -19.76 14.08
CA PHE I 100 24.55 -20.38 14.57
C PHE I 100 24.61 -21.86 14.23
N GLY I 101 25.83 -22.34 13.94
CA GLY I 101 26.11 -23.77 14.00
C GLY I 101 25.94 -24.31 15.40
N GLN I 102 25.98 -25.65 15.51
CA GLN I 102 25.66 -26.29 16.79
C GLN I 102 26.81 -26.28 17.79
N GLY I 103 28.00 -25.84 17.39
CA GLY I 103 29.14 -25.73 18.29
C GLY I 103 30.06 -26.94 18.41
N THR I 104 31.33 -26.76 18.01
CA THR I 104 32.41 -27.72 18.25
C THR I 104 33.09 -27.44 19.59
N LYS I 105 33.29 -28.48 20.40
CA LYS I 105 34.00 -28.35 21.66
C LYS I 105 35.42 -28.86 21.51
N VAL I 106 36.38 -28.05 21.96
CA VAL I 106 37.81 -28.37 21.87
C VAL I 106 38.28 -28.70 23.29
N GLU I 107 38.63 -29.97 23.47
CA GLU I 107 38.96 -30.60 24.76
C GLU I 107 40.46 -30.90 24.80
N ILE I 108 41.05 -30.77 25.98
CA ILE I 108 42.49 -31.01 26.16
C ILE I 108 42.76 -32.51 26.22
N LYS I 109 43.54 -33.04 25.27
CA LYS I 109 44.04 -34.40 25.38
C LYS I 109 45.26 -34.39 26.31
N ARG I 110 45.12 -35.02 27.48
CA ARG I 110 46.19 -35.36 28.40
C ARG I 110 46.32 -36.89 28.45
N THR I 111 47.25 -37.37 29.27
CA THR I 111 47.45 -38.81 29.43
C THR I 111 46.26 -39.45 30.13
N VAL I 112 46.18 -40.79 30.04
CA VAL I 112 45.08 -41.51 30.66
C VAL I 112 45.20 -41.46 32.17
N ALA I 113 44.07 -41.30 32.85
CA ALA I 113 44.03 -41.31 34.31
C ALA I 113 42.80 -42.06 34.77
N ALA I 114 42.93 -42.76 35.89
CA ALA I 114 41.97 -43.62 36.56
C ALA I 114 41.21 -42.85 37.63
N PRO I 115 39.93 -43.17 37.84
CA PRO I 115 39.15 -42.49 38.88
C PRO I 115 39.53 -42.92 40.30
N SER I 116 39.37 -41.98 41.24
CA SER I 116 39.34 -42.26 42.67
C SER I 116 37.86 -42.35 43.09
N VAL I 117 37.39 -43.56 43.41
CA VAL I 117 35.96 -43.75 43.68
C VAL I 117 35.67 -43.57 45.17
N PHE I 118 34.48 -43.06 45.46
CA PHE I 118 33.96 -42.89 46.82
C PHE I 118 32.48 -43.23 46.79
N ILE I 119 31.89 -43.43 47.97
CA ILE I 119 30.45 -43.67 48.07
C ILE I 119 29.95 -43.09 49.39
N PHE I 120 28.91 -42.26 49.31
CA PHE I 120 28.33 -41.60 50.48
C PHE I 120 26.95 -42.16 50.75
N PRO I 121 26.63 -42.55 51.98
CA PRO I 121 25.31 -43.13 52.26
C PRO I 121 24.26 -42.06 52.46
N PRO I 122 22.98 -42.43 52.48
CA PRO I 122 21.93 -41.44 52.75
C PRO I 122 22.09 -40.81 54.12
N SER I 123 22.38 -39.50 54.13
CA SER I 123 22.41 -38.76 55.38
C SER I 123 21.15 -39.06 56.19
N ASP I 124 21.34 -39.23 57.51
CA ASP I 124 20.19 -39.50 58.37
C ASP I 124 19.21 -38.33 58.40
N GLU I 125 19.71 -37.11 58.12
CA GLU I 125 18.83 -35.94 58.03
C GLU I 125 17.88 -36.05 56.85
N GLN I 126 18.31 -36.66 55.74
CA GLN I 126 17.44 -36.88 54.59
C GLN I 126 16.59 -38.14 54.73
N LEU I 127 17.18 -39.23 55.28
CA LEU I 127 16.42 -40.46 55.47
C LEU I 127 15.25 -40.28 56.42
N LYS I 128 15.21 -39.16 57.17
CA LYS I 128 14.03 -38.84 57.97
C LYS I 128 12.83 -38.54 57.08
N SER I 129 13.06 -38.24 55.81
CA SER I 129 12.01 -38.07 54.81
C SER I 129 11.93 -39.32 53.93
N GLY I 130 10.84 -39.42 53.18
CA GLY I 130 10.59 -40.62 52.40
C GLY I 130 11.52 -40.83 51.22
N THR I 131 12.77 -40.35 51.32
CA THR I 131 13.73 -40.45 50.25
C THR I 131 15.11 -40.76 50.82
N ALA I 132 15.84 -41.66 50.16
CA ALA I 132 17.24 -41.91 50.45
C ALA I 132 18.05 -41.60 49.20
N SER I 133 19.28 -41.11 49.40
CA SER I 133 20.13 -40.63 48.31
C SER I 133 21.54 -41.18 48.49
N VAL I 134 21.84 -42.25 47.78
CA VAL I 134 23.19 -42.81 47.75
C VAL I 134 23.93 -42.20 46.56
N VAL I 135 25.10 -41.64 46.82
CA VAL I 135 25.87 -40.89 45.82
C VAL I 135 27.22 -41.58 45.60
N CYS I 136 27.58 -41.77 44.33
CA CYS I 136 28.84 -42.41 43.94
C CYS I 136 29.68 -41.39 43.19
N LEU I 137 30.92 -41.18 43.64
CA LEU I 137 31.80 -40.11 43.17
C LEU I 137 33.01 -40.70 42.47
N LEU I 138 33.10 -40.50 41.16
CA LEU I 138 34.30 -40.82 40.40
C LEU I 138 35.09 -39.52 40.26
N ASN I 139 36.34 -39.52 40.69
CA ASN I 139 37.10 -38.28 40.77
C ASN I 139 38.34 -38.32 39.88
N ASN I 140 38.63 -37.16 39.28
CA ASN I 140 39.83 -36.89 38.49
C ASN I 140 40.29 -38.01 37.57
N PHE I 141 39.58 -38.20 36.45
CA PHE I 141 39.94 -39.22 35.48
C PHE I 141 39.93 -38.61 34.09
N TYR I 142 40.59 -39.30 33.15
CA TYR I 142 40.63 -38.96 31.75
C TYR I 142 40.89 -40.24 30.99
N PRO I 143 40.19 -40.47 29.86
CA PRO I 143 39.23 -39.58 29.20
C PRO I 143 37.83 -39.59 29.82
N ARG I 144 36.85 -38.99 29.13
CA ARG I 144 35.54 -38.73 29.72
C ARG I 144 34.60 -39.92 29.68
N GLU I 145 34.91 -40.96 28.89
CA GLU I 145 34.04 -42.11 28.73
C GLU I 145 34.16 -43.03 29.94
N ALA I 146 33.05 -43.32 30.58
CA ALA I 146 33.07 -44.19 31.76
C ALA I 146 31.82 -45.07 31.76
N LYS I 147 31.45 -45.55 32.95
CA LYS I 147 30.32 -46.46 33.14
C LYS I 147 30.18 -46.71 34.64
N VAL I 148 29.05 -46.34 35.22
CA VAL I 148 28.79 -46.48 36.65
C VAL I 148 27.64 -47.46 36.85
N GLN I 149 27.92 -48.56 37.56
CA GLN I 149 26.94 -49.64 37.79
C GLN I 149 26.60 -49.69 39.27
N TRP I 150 25.33 -49.49 39.59
CA TRP I 150 24.84 -49.69 40.94
C TRP I 150 24.40 -51.14 41.14
N LYS I 151 24.47 -51.62 42.39
CA LYS I 151 24.05 -52.97 42.76
C LYS I 151 23.57 -52.92 44.21
N VAL I 152 22.26 -52.86 44.40
CA VAL I 152 21.66 -52.89 45.73
C VAL I 152 21.59 -54.36 46.17
N ASP I 153 22.50 -54.75 47.06
CA ASP I 153 22.68 -56.15 47.46
C ASP I 153 22.65 -57.07 46.23
N ASN I 154 23.46 -56.70 45.24
CA ASN I 154 23.70 -57.46 44.01
C ASN I 154 22.51 -57.44 43.04
N ALA I 155 21.62 -56.46 43.17
CA ALA I 155 20.56 -56.21 42.19
C ALA I 155 21.03 -55.06 41.31
N LEU I 156 21.70 -55.40 40.21
CA LEU I 156 22.21 -54.41 39.26
C LEU I 156 21.17 -53.34 38.95
N SER I 158 18.43 -50.65 37.10
CA SER I 158 18.45 -49.65 36.02
C SER I 158 17.34 -48.60 36.19
N GLY I 159 17.64 -47.35 35.80
CA GLY I 159 16.64 -46.30 35.69
C GLY I 159 16.33 -45.49 36.94
N ASN I 160 17.04 -45.72 38.07
CA ASN I 160 16.85 -44.91 39.27
C ASN I 160 18.13 -44.18 39.68
N SER I 161 18.95 -43.79 38.70
CA SER I 161 20.15 -43.02 38.94
C SER I 161 20.35 -41.98 37.86
N GLN I 162 20.86 -40.82 38.25
CA GLN I 162 21.19 -39.72 37.35
C GLN I 162 22.66 -39.38 37.49
N GLU I 163 23.36 -39.28 36.36
CA GLU I 163 24.76 -38.83 36.39
C GLU I 163 24.91 -37.46 35.73
N SER I 164 26.01 -36.80 36.10
CA SER I 164 26.39 -35.50 35.55
C SER I 164 27.89 -35.28 35.76
N VAL I 165 28.51 -34.61 34.78
CA VAL I 165 29.96 -34.42 34.72
C VAL I 165 30.30 -32.99 35.07
N THR I 166 31.52 -32.79 35.59
CA THR I 166 32.12 -31.47 35.65
C THR I 166 32.82 -31.16 34.32
N GLU I 167 33.20 -29.90 34.15
CA GLU I 167 34.10 -29.55 33.06
C GLU I 167 35.53 -29.92 33.43
N GLN I 168 36.35 -30.18 32.41
CA GLN I 168 37.78 -30.41 32.60
C GLN I 168 38.35 -29.46 33.64
N ASP I 169 39.11 -30.01 34.59
CA ASP I 169 39.73 -29.22 35.64
C ASP I 169 40.70 -28.21 35.06
N SER I 170 40.74 -27.01 35.65
CA SER I 170 41.71 -26.03 35.18
C SER I 170 43.15 -26.43 35.50
N LYS I 171 43.35 -27.30 36.50
CA LYS I 171 44.69 -27.67 36.92
C LYS I 171 45.21 -28.95 36.26
N ASP I 172 44.39 -30.01 36.20
CA ASP I 172 44.87 -31.30 35.70
C ASP I 172 44.10 -31.85 34.50
N SER I 173 43.11 -31.11 33.97
CA SER I 173 42.40 -31.50 32.75
C SER I 173 41.64 -32.81 32.90
N THR I 174 41.15 -33.15 34.09
CA THR I 174 40.41 -34.38 34.28
C THR I 174 38.93 -34.07 34.48
N TYR I 175 38.14 -35.15 34.51
CA TYR I 175 36.71 -35.06 34.73
C TYR I 175 36.38 -35.65 36.08
N SER I 176 35.19 -35.34 36.58
CA SER I 176 34.71 -35.88 37.85
C SER I 176 33.21 -36.11 37.72
N LEU I 177 32.80 -37.37 37.59
CA LEU I 177 31.40 -37.73 37.39
C LEU I 177 30.72 -38.03 38.72
N SER I 178 29.39 -37.98 38.71
CA SER I 178 28.61 -38.30 39.90
C SER I 178 27.33 -39.00 39.46
N SER I 179 27.08 -40.19 40.02
CA SER I 179 25.84 -40.93 39.79
C SER I 179 25.07 -41.00 41.10
N THR I 180 23.83 -40.50 41.10
CA THR I 180 23.02 -40.42 42.31
C THR I 180 21.92 -41.46 42.25
N LEU I 181 21.89 -42.35 43.26
CA LEU I 181 20.92 -43.43 43.39
C LEU I 181 19.88 -43.03 44.43
N THR I 182 18.69 -42.66 43.96
CA THR I 182 17.64 -42.07 44.79
C THR I 182 16.48 -43.08 44.92
N LEU I 183 16.17 -43.46 46.17
CA LEU I 183 15.14 -44.46 46.48
C LEU I 183 14.15 -43.89 47.48
N SER I 184 13.00 -44.56 47.60
CA SER I 184 12.10 -44.29 48.71
C SER I 184 12.79 -44.63 50.04
N LYS I 185 12.44 -43.88 51.10
CA LYS I 185 13.04 -44.13 52.40
C LYS I 185 12.73 -45.54 52.90
N ALA I 186 11.47 -45.98 52.74
CA ALA I 186 11.11 -47.33 53.16
C ALA I 186 11.57 -48.36 52.14
N ASP I 187 11.45 -48.07 50.85
CA ASP I 187 11.96 -48.96 49.81
C ASP I 187 13.49 -48.93 49.82
N TYR I 194 24.72 -52.25 49.05
CA TYR I 194 24.78 -50.91 48.46
C TYR I 194 26.16 -50.61 47.87
N ALA I 195 26.34 -50.99 46.59
CA ALA I 195 27.63 -50.98 45.91
C ALA I 195 27.63 -50.02 44.71
N CYS I 196 28.75 -50.03 43.99
CA CYS I 196 28.98 -49.14 42.84
C CYS I 196 30.12 -49.72 42.01
N GLU I 197 29.82 -50.12 40.76
CA GLU I 197 30.78 -50.77 39.87
C GLU I 197 31.20 -49.80 38.77
N VAL I 198 32.47 -49.35 38.82
CA VAL I 198 33.01 -48.32 37.93
C VAL I 198 33.87 -48.98 36.84
N THR I 199 33.79 -48.43 35.62
CA THR I 199 34.53 -48.94 34.46
C THR I 199 35.21 -47.78 33.75
N HIS I 200 36.51 -47.90 33.50
CA HIS I 200 37.28 -46.84 32.85
C HIS I 200 38.50 -47.44 32.14
N GLN I 201 38.73 -47.00 30.89
CA GLN I 201 39.91 -47.39 30.13
C GLN I 201 41.19 -47.40 30.96
N GLY I 202 41.23 -46.66 32.05
CA GLY I 202 42.41 -46.58 32.91
C GLY I 202 42.35 -47.43 34.16
N LEU I 203 41.45 -48.42 34.18
CA LEU I 203 41.42 -49.43 35.21
C LEU I 203 41.45 -50.80 34.57
N SER I 204 42.06 -51.77 35.28
CA SER I 204 42.14 -53.13 34.76
C SER I 204 40.77 -53.78 34.68
N SER I 205 40.08 -53.88 35.80
CA SER I 205 38.71 -54.36 35.83
C SER I 205 37.91 -53.52 36.80
N PRO I 206 36.57 -53.44 36.59
CA PRO I 206 35.72 -52.54 37.40
C PRO I 206 36.05 -52.50 38.89
N VAL I 207 36.44 -51.33 39.39
CA VAL I 207 36.59 -51.11 40.84
C VAL I 207 35.20 -50.92 41.44
N THR I 208 34.93 -51.62 42.55
CA THR I 208 33.68 -51.50 43.28
C THR I 208 33.95 -50.85 44.63
N LYS I 209 32.92 -50.17 45.14
CA LYS I 209 32.94 -49.56 46.47
C LYS I 209 31.54 -49.65 47.04
N SER I 210 31.43 -49.95 48.34
CA SER I 210 30.14 -50.23 48.96
C SER I 210 30.18 -49.92 50.45
N PHE I 211 29.00 -49.80 51.05
CA PHE I 211 28.85 -49.61 52.47
C PHE I 211 27.78 -50.57 53.01
N ASN I 212 27.79 -50.74 54.34
CA ASN I 212 26.82 -51.56 55.07
C ASN I 212 25.93 -50.66 55.92
N ARG I 213 24.71 -51.12 56.18
CA ARG I 213 23.75 -50.41 57.02
C ARG I 213 23.10 -49.27 56.25
#